data_7PTH
#
_entry.id   7PTH
#
_cell.length_a   93.773
_cell.length_b   103.973
_cell.length_c   108.966
_cell.angle_alpha   90.000
_cell.angle_beta   104.037
_cell.angle_gamma   90.000
#
_symmetry.space_group_name_H-M   'P 1 21 1'
#
loop_
_entity.id
_entity.type
_entity.pdbx_description
1 polymer 'Choline sulfatase'
2 non-polymer 'CHOLINE ION'
3 non-polymer 'CALCIUM ION'
4 non-polymer 'ACETATE ION'
5 non-polymer 1,2-ETHANEDIOL
6 non-polymer DI(HYDROXYETHYL)ETHER
7 water water
#
_entity_poly.entity_id   1
_entity_poly.type   'polypeptide(L)'
_entity_poly.pdbx_seq_one_letter_code
;MTTGKPNILIIMVDQLNGKLFPDGPADFLHAPNLKALAKRSARFHNNYTSSPLSAPARASFMAGQLPSRTRVYDNAAEYQ
SSIPTYAHHLRRAGYYTALSGKMHLVGPDQLHGFEERLTTDIYPADFGWTPDYRKPGERIDWWYHNLGSVTGAGVAEITN
QMEYDDEVAFLANQKLYQLSRENDDESRRPWCLTVSFTHPHDPYVARRKFWDLYEDCEHLTPEVGAIPLDEQDPHSQRIM
LSCDYQNFDVTEENVRRSRRAYFANISYLDEKVGELIDTLTRTRMLDDTLILFCSDHGDMLGERGLWFKMNFFEGSARVP
LMIAGPGIAPGLHLTPTSNLDVTPTLADLAGISLEEVRPWTDGVSLVPMVNGVERTEPVLMEYAAEASYAPLVAIREGKW
KYVYCALDPEQLFDLEADPLELTNLAENPRGPVDQATLTAFRDMRAAHWDMEAFDAAVRESQARRWVVYEALRNGAYYPW
DHQPLQKASERYMRNHMNLDTLEESKRYPRGEGSHHHHHH
;
_entity_poly.pdbx_strand_id   A,B,C,D
#
loop_
_chem_comp.id
_chem_comp.type
_chem_comp.name
_chem_comp.formula
ACT non-polymer 'ACETATE ION' 'C2 H3 O2 -1'
CA non-polymer 'CALCIUM ION' 'Ca 2'
CHT non-polymer 'CHOLINE ION' 'C5 H14 N O 1'
EDO non-polymer 1,2-ETHANEDIOL 'C2 H6 O2'
PEG non-polymer DI(HYDROXYETHYL)ETHER 'C4 H10 O3'
#
# COMPACT_ATOMS: atom_id res chain seq x y z
N GLY A 4 -7.72 14.69 -13.40
CA GLY A 4 -8.25 14.49 -12.06
C GLY A 4 -9.67 13.95 -12.06
N LYS A 5 -10.48 14.41 -11.12
CA LYS A 5 -11.86 13.97 -11.04
C LYS A 5 -12.66 14.53 -12.22
N PRO A 6 -13.69 13.82 -12.67
CA PRO A 6 -14.41 14.26 -13.87
C PRO A 6 -15.42 15.36 -13.58
N ASN A 7 -15.66 16.18 -14.60
CA ASN A 7 -16.80 17.10 -14.57
C ASN A 7 -18.08 16.30 -14.66
N ILE A 8 -19.18 16.88 -14.18
CA ILE A 8 -20.47 16.21 -14.18
C ILE A 8 -21.53 17.19 -14.62
N LEU A 9 -22.19 16.91 -15.76
CA LEU A 9 -23.34 17.65 -16.23
C LEU A 9 -24.59 16.81 -15.99
N ILE A 10 -25.51 17.33 -15.20
CA ILE A 10 -26.78 16.66 -14.88
C ILE A 10 -27.85 17.40 -15.67
N ILE A 11 -28.40 16.74 -16.68
CA ILE A 11 -29.51 17.30 -17.46
C ILE A 11 -30.79 16.72 -16.90
N MET A 12 -31.61 17.57 -16.30
CA MET A 12 -32.88 17.16 -15.72
C MET A 12 -34.03 17.77 -16.49
N VAL A 13 -35.09 17.00 -16.69
CA VAL A 13 -36.33 17.50 -17.26
C VAL A 13 -37.47 17.11 -16.33
N ASP A 14 -38.61 17.79 -16.49
CA ASP A 14 -39.73 17.68 -15.56
C ASP A 14 -40.92 17.00 -16.21
N GLN A 15 -41.46 15.99 -15.53
CA GLN A 15 -42.70 15.32 -15.99
C GLN A 15 -42.47 14.53 -17.29
N LEU A 16 -41.38 13.79 -17.36
CA LEU A 16 -41.06 12.98 -18.55
C LEU A 16 -41.38 11.52 -18.27
N ASN A 17 -42.46 11.03 -18.87
CA ASN A 17 -42.87 9.63 -18.80
C ASN A 17 -41.76 8.69 -19.24
N GLY A 18 -41.30 7.87 -18.29
CA GLY A 18 -40.16 6.99 -18.54
C GLY A 18 -40.41 5.91 -19.58
N LYS A 19 -41.66 5.54 -19.81
CA LYS A 19 -41.96 4.57 -20.85
C LYS A 19 -41.59 5.11 -22.22
N LEU A 20 -41.42 6.43 -22.37
CA LEU A 20 -41.02 7.00 -23.65
C LEU A 20 -39.53 6.84 -23.93
N PHE A 21 -38.76 6.31 -22.97
CA PHE A 21 -37.35 5.97 -23.16
C PHE A 21 -37.16 4.47 -22.96
N PRO A 22 -37.64 3.65 -23.90
CA PRO A 22 -37.47 2.20 -23.75
C PRO A 22 -36.03 1.74 -23.88
N ASP A 23 -35.19 2.50 -24.58
CA ASP A 23 -33.81 2.14 -24.88
C ASP A 23 -33.18 3.43 -25.41
N GLY A 24 -33.05 4.42 -24.54
CA GLY A 24 -33.00 5.78 -25.00
C GLY A 24 -34.35 6.16 -25.55
N PRO A 25 -34.47 7.36 -26.12
CA PRO A 25 -35.77 7.83 -26.61
C PRO A 25 -36.42 6.84 -27.56
N ALA A 26 -37.75 6.76 -27.49
CA ALA A 26 -38.49 5.93 -28.40
C ALA A 26 -38.24 6.39 -29.83
N ASP A 27 -38.36 5.43 -30.75
CA ASP A 27 -38.03 5.69 -32.15
C ASP A 27 -38.87 6.81 -32.72
N PHE A 28 -40.16 6.88 -32.35
CA PHE A 28 -41.06 7.86 -32.95
C PHE A 28 -40.76 9.29 -32.53
N LEU A 29 -39.97 9.49 -31.50
CA LEU A 29 -39.64 10.84 -31.05
C LEU A 29 -38.55 11.45 -31.92
N HIS A 30 -38.72 12.73 -32.24
N HIS A 30 -38.65 12.75 -32.16
CA HIS A 30 -37.66 13.47 -32.91
CA HIS A 30 -37.65 13.45 -32.96
C HIS A 30 -36.72 13.96 -31.82
C HIS A 30 -36.63 14.06 -32.00
N ALA A 31 -35.65 13.22 -31.59
CA ALA A 31 -34.72 13.55 -30.52
C ALA A 31 -33.33 13.07 -30.89
N PRO A 32 -32.75 13.61 -31.96
CA PRO A 32 -31.45 13.10 -32.41
C PRO A 32 -30.35 13.26 -31.36
N ASN A 33 -30.35 14.36 -30.62
CA ASN A 33 -29.27 14.57 -29.65
C ASN A 33 -29.37 13.63 -28.47
N LEU A 34 -30.58 13.40 -27.96
CA LEU A 34 -30.74 12.46 -26.86
C LEU A 34 -30.55 11.02 -27.32
N LYS A 35 -30.83 10.73 -28.59
CA LYS A 35 -30.56 9.37 -29.08
C LYS A 35 -29.06 9.14 -29.21
N ALA A 36 -28.34 10.13 -29.75
CA ALA A 36 -26.88 10.06 -29.77
C ALA A 36 -26.32 9.89 -28.36
N LEU A 37 -26.79 10.71 -27.43
CA LEU A 37 -26.34 10.58 -26.04
C LEU A 37 -26.63 9.19 -25.49
N ALA A 38 -27.84 8.68 -25.76
CA ALA A 38 -28.21 7.38 -25.22
C ALA A 38 -27.33 6.27 -25.74
N LYS A 39 -26.93 6.34 -27.02
N LYS A 39 -26.94 6.34 -27.02
CA LYS A 39 -26.11 5.29 -27.59
CA LYS A 39 -26.09 5.32 -27.61
C LYS A 39 -24.78 5.14 -26.84
C LYS A 39 -24.80 5.15 -26.82
N ARG A 40 -24.27 6.23 -26.25
CA ARG A 40 -23.03 6.17 -25.49
C ARG A 40 -23.26 6.12 -23.98
N SER A 41 -24.50 5.87 -23.54
CA SER A 41 -24.81 5.86 -22.11
C SER A 41 -25.18 4.45 -21.62
N ALA A 42 -24.99 4.27 -20.32
CA ALA A 42 -25.69 3.23 -19.57
C ALA A 42 -27.12 3.72 -19.35
N ARG A 43 -28.08 2.88 -19.71
CA ARG A 43 -29.48 3.29 -19.79
C ARG A 43 -30.29 2.38 -18.87
N PHE A 44 -30.99 2.99 -17.92
CA PHE A 44 -31.74 2.24 -16.90
C PHE A 44 -33.20 2.29 -17.29
N HIS A 45 -33.64 1.19 -17.92
CA HIS A 45 -34.94 1.13 -18.57
C HIS A 45 -36.07 1.20 -17.55
N ASN A 46 -35.94 0.49 -16.42
CA ASN A 46 -36.98 0.41 -15.42
C ASN A 46 -36.68 1.30 -14.23
N ASN A 47 -36.42 2.56 -14.50
CA ASN A 47 -36.05 3.51 -13.45
C ASN A 47 -37.28 4.27 -12.95
N TYR A 48 -37.35 4.46 -11.63
CA TYR A 48 -38.53 5.01 -10.98
C TYR A 48 -38.21 6.27 -10.18
N THR A 49 -39.17 7.17 -10.12
CA THR A 49 -39.09 8.24 -9.14
C THR A 49 -39.34 7.66 -7.74
N SER A 50 -38.88 8.40 -6.71
CA SER A 50 -39.20 8.01 -5.34
C SER A 50 -40.57 8.48 -4.90
N SER A 51 -41.13 9.47 -5.57
CA SER A 51 -42.42 10.07 -5.21
C SER A 51 -42.95 10.80 -6.43
N PRO A 52 -44.17 10.49 -6.88
CA PRO A 52 -44.68 11.11 -8.13
C PRO A 52 -45.24 12.50 -7.92
N LEU A 53 -44.34 13.43 -7.57
CA LEU A 53 -44.68 14.84 -7.38
C LEU A 53 -43.38 15.61 -7.34
N SER A 54 -43.43 16.86 -7.75
CA SER A 54 -42.23 17.65 -8.01
C SER A 54 -41.36 17.87 -6.78
N ALA A 55 -41.84 18.61 -5.79
CA ALA A 55 -40.97 18.88 -4.64
C ALA A 55 -40.55 17.62 -3.88
N PRO A 56 -41.45 16.69 -3.58
CA PRO A 56 -40.98 15.46 -2.90
C PRO A 56 -39.97 14.69 -3.73
N ALA A 57 -40.22 14.53 -5.03
CA ALA A 57 -39.26 13.81 -5.87
C ALA A 57 -37.90 14.51 -5.88
N ARG A 58 -37.91 15.84 -5.97
CA ARG A 58 -36.65 16.57 -6.10
C ARG A 58 -35.89 16.65 -4.80
N ALA A 59 -36.58 16.81 -3.67
CA ALA A 59 -35.88 16.78 -2.39
C ALA A 59 -35.25 15.41 -2.17
N SER A 60 -35.99 14.34 -2.50
CA SER A 60 -35.47 12.98 -2.38
C SER A 60 -34.32 12.74 -3.34
N PHE A 61 -34.47 13.21 -4.58
CA PHE A 61 -33.40 13.13 -5.57
C PHE A 61 -32.11 13.77 -5.05
N MET A 62 -32.19 15.01 -4.57
N MET A 62 -32.21 15.03 -4.60
CA MET A 62 -30.99 15.70 -4.13
CA MET A 62 -31.02 15.73 -4.11
C MET A 62 -30.34 14.99 -2.94
C MET A 62 -30.35 14.98 -2.97
N ALA A 63 -31.15 14.46 -2.04
CA ALA A 63 -30.62 13.87 -0.81
C ALA A 63 -30.34 12.38 -0.93
N GLY A 64 -30.88 11.71 -1.95
CA GLY A 64 -30.85 10.25 -1.95
C GLY A 64 -31.63 9.64 -0.79
N GLN A 65 -32.68 10.33 -0.34
CA GLN A 65 -33.48 9.93 0.80
C GLN A 65 -34.95 9.96 0.41
N LEU A 66 -35.71 9.01 0.96
CA LEU A 66 -37.15 8.98 0.68
C LEU A 66 -37.87 10.15 1.36
N PRO A 67 -39.05 10.52 0.86
CA PRO A 67 -39.83 11.59 1.52
C PRO A 67 -40.05 11.40 3.00
N SER A 68 -40.29 10.17 3.44
CA SER A 68 -40.49 9.92 4.87
C SER A 68 -39.27 10.28 5.69
N ARG A 69 -38.09 10.32 5.08
CA ARG A 69 -36.86 10.73 5.74
C ARG A 69 -36.55 12.21 5.55
N THR A 70 -36.72 12.74 4.33
CA THR A 70 -36.49 14.18 4.14
C THR A 70 -37.59 15.01 4.78
N ARG A 71 -38.77 14.43 4.99
N ARG A 71 -38.76 14.43 5.00
CA ARG A 71 -39.97 15.09 5.49
CA ARG A 71 -39.97 15.10 5.49
C ARG A 71 -40.61 16.01 4.45
C ARG A 71 -40.61 16.00 4.45
N VAL A 72 -40.12 16.01 3.21
CA VAL A 72 -40.71 16.80 2.14
C VAL A 72 -41.79 15.92 1.51
N TYR A 73 -42.98 16.00 2.08
CA TYR A 73 -44.10 15.14 1.74
C TYR A 73 -44.89 15.61 0.55
N ASP A 74 -44.83 16.91 0.24
CA ASP A 74 -45.72 17.52 -0.75
C ASP A 74 -45.03 18.75 -1.33
N ASN A 75 -45.74 19.49 -2.17
CA ASN A 75 -45.11 20.59 -2.89
C ASN A 75 -44.95 21.86 -2.05
N ALA A 76 -45.24 21.80 -0.74
CA ALA A 76 -45.12 22.99 0.11
C ALA A 76 -44.41 22.67 1.42
N ALA A 77 -43.73 21.53 1.50
CA ALA A 77 -43.13 21.07 2.74
C ALA A 77 -41.68 21.53 2.86
N GLU A 78 -41.34 22.06 4.03
CA GLU A 78 -40.00 22.62 4.21
C GLU A 78 -38.93 21.55 4.06
N TYR A 79 -37.89 21.90 3.29
CA TYR A 79 -36.69 21.07 3.11
C TYR A 79 -35.61 21.69 3.97
N GLN A 80 -35.20 20.96 5.02
CA GLN A 80 -34.25 21.49 5.98
C GLN A 80 -32.88 21.70 5.34
N SER A 81 -32.26 22.84 5.67
CA SER A 81 -30.95 23.15 5.13
C SER A 81 -29.89 22.16 5.60
N SER A 82 -30.09 21.56 6.77
CA SER A 82 -29.09 20.65 7.31
C SER A 82 -29.06 19.31 6.60
N ILE A 83 -29.93 19.02 5.65
CA ILE A 83 -29.97 17.70 5.01
C ILE A 83 -28.95 17.64 3.87
N PRO A 84 -28.00 16.71 3.91
CA PRO A 84 -26.97 16.69 2.87
C PRO A 84 -27.53 16.24 1.51
N THR A 85 -27.04 16.89 0.47
CA THR A 85 -27.45 16.62 -0.90
C THR A 85 -26.22 16.23 -1.70
N TYR A 86 -26.43 15.79 -2.95
CA TYR A 86 -25.27 15.51 -3.80
C TYR A 86 -24.42 16.75 -3.99
N ALA A 87 -25.03 17.94 -3.93
CA ALA A 87 -24.24 19.17 -4.00
C ALA A 87 -23.28 19.27 -2.83
N HIS A 88 -23.74 19.01 -1.60
CA HIS A 88 -22.84 19.01 -0.46
C HIS A 88 -21.73 17.98 -0.65
N HIS A 89 -22.10 16.73 -0.95
CA HIS A 89 -21.11 15.66 -1.06
C HIS A 89 -20.03 16.03 -2.06
N LEU A 90 -20.43 16.50 -3.24
CA LEU A 90 -19.45 16.86 -4.26
C LEU A 90 -18.65 18.07 -3.83
N ARG A 91 -19.33 19.10 -3.30
CA ARG A 91 -18.64 20.32 -2.91
C ARG A 91 -17.62 20.05 -1.83
N ARG A 92 -17.99 19.22 -0.83
CA ARG A 92 -17.04 18.79 0.18
CA ARG A 92 -17.03 18.80 0.19
C ARG A 92 -15.84 18.09 -0.44
N ALA A 93 -16.06 17.37 -1.54
CA ALA A 93 -15.00 16.64 -2.21
C ALA A 93 -14.19 17.49 -3.18
N GLY A 94 -14.48 18.79 -3.28
CA GLY A 94 -13.67 19.70 -4.08
C GLY A 94 -14.31 20.21 -5.35
N TYR A 95 -15.59 19.95 -5.59
CA TYR A 95 -16.29 20.40 -6.78
C TYR A 95 -16.86 21.81 -6.64
N TYR A 96 -16.74 22.58 -7.71
CA TYR A 96 -17.67 23.70 -7.91
C TYR A 96 -19.02 23.12 -8.33
N THR A 97 -20.09 23.57 -7.70
CA THR A 97 -21.42 23.03 -7.97
C THR A 97 -22.36 24.17 -8.31
N ALA A 98 -23.19 23.95 -9.33
CA ALA A 98 -24.12 24.99 -9.75
C ALA A 98 -25.41 24.37 -10.22
N LEU A 99 -26.48 25.17 -10.16
CA LEU A 99 -27.78 24.83 -10.67
C LEU A 99 -28.30 25.95 -11.57
N SER A 100 -28.72 25.58 -12.76
CA SER A 100 -29.54 26.41 -13.62
C SER A 100 -30.91 25.74 -13.72
N GLY A 101 -31.96 26.48 -13.35
CA GLY A 101 -33.30 25.93 -13.53
C GLY A 101 -34.00 25.50 -12.25
N LYS A 102 -34.91 24.55 -12.39
CA LYS A 102 -35.89 24.25 -11.37
C LYS A 102 -35.41 23.18 -10.40
N MET A 103 -35.72 23.39 -9.11
CA MET A 103 -35.62 22.27 -8.18
C MET A 103 -36.75 22.25 -7.16
N HIS A 104 -37.64 23.24 -7.16
CA HIS A 104 -38.86 23.23 -6.37
C HIS A 104 -38.52 22.97 -4.91
N LEU A 105 -37.48 23.64 -4.44
CA LEU A 105 -37.08 23.64 -3.03
C LEU A 105 -38.00 24.58 -2.28
N VAL A 106 -38.51 24.14 -1.12
CA VAL A 106 -39.47 24.91 -0.33
C VAL A 106 -38.81 25.28 1.00
N GLY A 107 -38.87 26.55 1.33
CA GLY A 107 -38.16 27.07 2.48
C GLY A 107 -37.18 28.13 2.08
N PRO A 108 -36.62 28.82 3.08
CA PRO A 108 -35.73 29.95 2.79
C PRO A 108 -34.38 29.55 2.24
N ASP A 109 -33.96 28.29 2.37
CA ASP A 109 -32.77 27.81 1.68
C ASP A 109 -33.17 27.45 0.25
N GLN A 110 -32.64 28.19 -0.72
CA GLN A 110 -32.87 27.89 -2.13
C GLN A 110 -31.63 27.36 -2.83
N LEU A 111 -30.60 26.96 -2.08
CA LEU A 111 -29.38 26.41 -2.66
C LEU A 111 -29.12 24.98 -2.25
N HIS A 112 -29.39 24.63 -0.98
CA HIS A 112 -29.21 23.29 -0.44
C HIS A 112 -27.90 22.65 -0.91
N GLY A 113 -26.82 23.42 -0.73
CA GLY A 113 -25.50 22.94 -1.04
C GLY A 113 -24.93 23.46 -2.34
N PHE A 114 -25.78 23.85 -3.30
CA PHE A 114 -25.26 24.41 -4.54
C PHE A 114 -24.47 25.67 -4.23
N GLU A 115 -23.28 25.80 -4.84
CA GLU A 115 -22.48 27.00 -4.58
C GLU A 115 -23.05 28.21 -5.31
N GLU A 116 -23.65 28.00 -6.47
CA GLU A 116 -24.23 29.07 -7.26
C GLU A 116 -25.52 28.55 -7.89
N ARG A 117 -26.54 29.39 -7.92
CA ARG A 117 -27.78 29.08 -8.65
C ARG A 117 -28.05 30.20 -9.65
N LEU A 118 -28.16 29.85 -10.93
CA LEU A 118 -28.15 30.86 -11.97
C LEU A 118 -29.52 31.43 -12.30
N THR A 119 -30.58 30.76 -11.91
CA THR A 119 -31.95 31.21 -12.13
C THR A 119 -32.74 31.08 -10.84
N THR A 120 -33.83 31.86 -10.74
CA THR A 120 -34.83 31.62 -9.73
C THR A 120 -35.60 30.35 -10.10
N ASP A 121 -36.50 29.94 -9.22
CA ASP A 121 -37.36 28.81 -9.50
C ASP A 121 -38.61 29.26 -10.22
N ILE A 122 -39.14 28.38 -11.09
CA ILE A 122 -40.39 28.67 -11.78
C ILE A 122 -41.55 28.62 -10.80
N TYR A 123 -41.41 27.87 -9.70
CA TYR A 123 -42.53 27.60 -8.81
C TYR A 123 -42.28 28.19 -7.44
N PRO A 124 -43.31 28.26 -6.58
CA PRO A 124 -43.16 28.93 -5.29
C PRO A 124 -42.23 28.20 -4.34
N ALA A 125 -41.66 28.99 -3.42
CA ALA A 125 -40.78 28.49 -2.38
C ALA A 125 -41.40 28.53 -0.98
N ASP A 126 -42.68 28.89 -0.88
CA ASP A 126 -43.36 29.04 0.42
C ASP A 126 -44.39 27.93 0.61
N PHE A 127 -45.11 27.98 1.74
CA PHE A 127 -45.98 26.88 2.15
C PHE A 127 -47.39 26.96 1.56
N GLY A 128 -47.59 27.73 0.48
CA GLY A 128 -48.93 27.91 -0.05
C GLY A 128 -49.61 26.61 -0.45
N TRP A 129 -48.87 25.68 -1.06
CA TRP A 129 -49.49 24.48 -1.62
C TRP A 129 -49.55 23.32 -0.63
N THR A 130 -49.77 23.61 0.66
CA THR A 130 -49.81 22.56 1.69
C THR A 130 -51.15 21.85 1.67
N PRO A 131 -51.19 20.54 1.39
CA PRO A 131 -52.44 19.81 1.47
C PRO A 131 -52.94 19.72 2.90
N ASP A 132 -54.19 19.29 3.05
CA ASP A 132 -54.79 19.19 4.39
C ASP A 132 -55.67 17.95 4.47
N TYR A 133 -55.12 16.91 5.12
CA TYR A 133 -55.83 15.66 5.34
C TYR A 133 -57.05 15.82 6.23
N ARG A 134 -57.23 16.97 6.89
CA ARG A 134 -58.46 17.21 7.65
C ARG A 134 -59.63 17.54 6.75
N LYS A 135 -59.41 17.74 5.46
CA LYS A 135 -60.47 18.08 4.51
C LYS A 135 -60.38 17.20 3.26
N PRO A 136 -60.59 15.89 3.42
CA PRO A 136 -60.52 14.99 2.27
C PRO A 136 -61.64 15.28 1.28
N GLY A 137 -61.29 15.35 0.00
CA GLY A 137 -62.24 15.66 -1.05
C GLY A 137 -62.19 17.10 -1.53
N GLU A 138 -61.50 17.97 -0.80
CA GLU A 138 -61.37 19.35 -1.26
C GLU A 138 -60.35 19.42 -2.39
N ARG A 139 -60.39 20.54 -3.12
CA ARG A 139 -59.40 20.85 -4.14
C ARG A 139 -59.22 22.35 -4.13
N ILE A 140 -58.01 22.79 -4.51
CA ILE A 140 -57.65 24.21 -4.52
C ILE A 140 -57.49 24.62 -5.98
N ASP A 141 -58.47 25.37 -6.48
CA ASP A 141 -58.55 25.57 -7.93
C ASP A 141 -57.43 26.46 -8.45
N TRP A 142 -56.91 27.38 -7.63
CA TRP A 142 -55.93 28.32 -8.16
C TRP A 142 -54.55 27.71 -8.31
N TRP A 143 -54.32 26.46 -7.88
CA TRP A 143 -53.05 25.81 -8.18
C TRP A 143 -53.14 24.33 -8.51
N TYR A 144 -54.21 23.62 -8.17
CA TYR A 144 -54.30 22.21 -8.55
C TYR A 144 -54.22 22.05 -10.07
N HIS A 145 -53.66 20.93 -10.52
CA HIS A 145 -53.86 20.48 -11.89
C HIS A 145 -55.34 20.46 -12.22
N ASN A 146 -55.66 20.73 -13.48
CA ASN A 146 -57.01 20.49 -13.98
C ASN A 146 -56.91 20.16 -15.46
N LEU A 147 -57.96 19.53 -15.98
CA LEU A 147 -57.95 19.05 -17.36
C LEU A 147 -58.03 20.19 -18.37
N GLY A 148 -58.01 21.44 -17.92
CA GLY A 148 -57.81 22.55 -18.83
C GLY A 148 -56.47 22.50 -19.55
N SER A 149 -55.48 21.83 -18.97
CA SER A 149 -54.24 21.62 -19.71
C SER A 149 -54.49 20.76 -20.94
N VAL A 150 -55.38 19.79 -20.83
CA VAL A 150 -55.68 18.90 -21.94
C VAL A 150 -56.54 19.63 -22.98
N THR A 151 -57.59 20.31 -22.52
CA THR A 151 -58.46 21.01 -23.48
C THR A 151 -57.79 22.26 -24.07
N GLY A 152 -56.84 22.86 -23.36
CA GLY A 152 -56.17 24.06 -23.82
C GLY A 152 -54.87 23.87 -24.56
N ALA A 153 -54.51 22.61 -24.86
CA ALA A 153 -53.23 22.32 -25.48
C ALA A 153 -53.13 22.96 -26.86
N GLY A 154 -51.92 23.32 -27.26
CA GLY A 154 -51.76 23.92 -28.58
C GLY A 154 -50.40 24.49 -28.89
N VAL A 155 -50.38 25.60 -29.63
CA VAL A 155 -49.18 26.16 -30.22
C VAL A 155 -49.03 27.62 -29.80
N ALA A 156 -47.85 27.98 -29.35
CA ALA A 156 -47.50 29.37 -29.02
C ALA A 156 -45.99 29.50 -29.10
N GLU A 157 -45.52 30.73 -29.30
CA GLU A 157 -44.10 30.98 -29.49
C GLU A 157 -43.41 31.36 -28.19
N ILE A 158 -44.16 31.85 -27.21
CA ILE A 158 -43.64 32.02 -25.87
C ILE A 158 -44.71 31.54 -24.90
N THR A 159 -44.26 31.00 -23.77
CA THR A 159 -45.11 30.63 -22.65
C THR A 159 -44.33 30.92 -21.37
N ASN A 160 -44.98 30.74 -20.24
CA ASN A 160 -44.26 30.85 -18.98
C ASN A 160 -43.09 29.88 -18.96
N GLN A 161 -43.33 28.63 -19.35
CA GLN A 161 -42.29 27.62 -19.31
C GLN A 161 -41.22 27.81 -20.39
N MET A 162 -41.56 28.29 -21.60
CA MET A 162 -40.45 28.46 -22.52
C MET A 162 -39.61 29.68 -22.18
N GLU A 163 -40.20 30.75 -21.67
CA GLU A 163 -39.37 31.82 -21.11
C GLU A 163 -38.39 31.23 -20.10
N TYR A 164 -38.91 30.44 -19.16
CA TYR A 164 -38.03 29.87 -18.13
C TYR A 164 -36.92 29.01 -18.75
N ASP A 165 -37.30 28.04 -19.59
CA ASP A 165 -36.31 27.08 -20.07
C ASP A 165 -35.35 27.71 -21.07
N ASP A 166 -35.81 28.66 -21.88
CA ASP A 166 -34.88 29.42 -22.72
C ASP A 166 -33.78 30.04 -21.87
N GLU A 167 -34.15 30.62 -20.71
N GLU A 167 -34.17 30.63 -20.73
CA GLU A 167 -33.15 31.25 -19.87
CA GLU A 167 -33.22 31.26 -19.81
C GLU A 167 -32.31 30.22 -19.13
C GLU A 167 -32.34 30.23 -19.13
N VAL A 168 -32.94 29.14 -18.66
CA VAL A 168 -32.18 28.04 -18.06
C VAL A 168 -31.08 27.60 -19.01
N ALA A 169 -31.44 27.37 -20.27
CA ALA A 169 -30.46 26.91 -21.25
C ALA A 169 -29.38 27.96 -21.50
N PHE A 170 -29.78 29.22 -21.69
CA PHE A 170 -28.76 30.19 -22.05
C PHE A 170 -27.73 30.31 -20.95
N LEU A 171 -28.18 30.39 -19.69
CA LEU A 171 -27.25 30.59 -18.58
C LEU A 171 -26.42 29.34 -18.32
N ALA A 172 -26.99 28.16 -18.57
CA ALA A 172 -26.21 26.93 -18.43
C ALA A 172 -25.07 26.92 -19.43
N ASN A 173 -25.36 27.26 -20.69
CA ASN A 173 -24.30 27.28 -21.69
C ASN A 173 -23.29 28.38 -21.41
N GLN A 174 -23.77 29.54 -20.95
CA GLN A 174 -22.85 30.60 -20.56
C GLN A 174 -21.92 30.14 -19.46
N LYS A 175 -22.47 29.45 -18.45
CA LYS A 175 -21.64 28.97 -17.35
C LYS A 175 -20.60 27.98 -17.84
N LEU A 176 -20.97 27.12 -18.80
CA LEU A 176 -19.99 26.21 -19.39
C LEU A 176 -18.87 26.99 -20.07
N TYR A 177 -19.24 27.97 -20.90
CA TYR A 177 -18.23 28.84 -21.51
C TYR A 177 -17.34 29.47 -20.44
N GLN A 178 -17.95 29.99 -19.37
CA GLN A 178 -17.12 30.62 -18.33
C GLN A 178 -16.16 29.60 -17.72
N LEU A 179 -16.66 28.40 -17.43
CA LEU A 179 -15.82 27.36 -16.83
C LEU A 179 -14.70 26.92 -17.76
N SER A 180 -14.95 26.91 -19.08
CA SER A 180 -13.89 26.47 -19.99
C SER A 180 -12.63 27.32 -19.85
N ARG A 181 -12.79 28.58 -19.44
CA ARG A 181 -11.65 29.47 -19.30
C ARG A 181 -10.65 29.00 -18.24
N GLU A 182 -11.09 28.11 -17.35
CA GLU A 182 -10.22 27.51 -16.35
C GLU A 182 -9.62 26.18 -16.79
N ASN A 183 -10.00 25.71 -17.98
CA ASN A 183 -9.75 24.33 -18.39
C ASN A 183 -8.28 23.99 -18.54
N ASP A 184 -7.42 24.99 -18.71
CA ASP A 184 -5.98 24.76 -18.85
C ASP A 184 -5.24 24.90 -17.52
N ASP A 185 -5.96 25.16 -16.44
CA ASP A 185 -5.37 25.40 -15.13
C ASP A 185 -5.44 24.10 -14.34
N GLU A 186 -4.28 23.54 -13.99
N GLU A 186 -4.27 23.55 -13.98
CA GLU A 186 -4.25 22.27 -13.28
CA GLU A 186 -4.21 22.28 -13.27
C GLU A 186 -4.65 22.38 -11.81
C GLU A 186 -4.69 22.40 -11.83
N SER A 187 -4.81 23.60 -11.30
CA SER A 187 -5.34 23.82 -9.95
C SER A 187 -6.85 24.09 -9.95
N ARG A 188 -7.51 23.95 -11.10
CA ARG A 188 -8.93 24.23 -11.13
C ARG A 188 -9.71 23.20 -10.31
N ARG A 189 -10.91 23.58 -9.93
CA ARG A 189 -11.81 22.59 -9.36
C ARG A 189 -12.58 21.89 -10.46
N PRO A 190 -12.84 20.59 -10.35
CA PRO A 190 -13.86 19.99 -11.22
C PRO A 190 -15.20 20.65 -10.94
N TRP A 191 -16.07 20.63 -11.93
CA TRP A 191 -17.37 21.29 -11.81
C TRP A 191 -18.49 20.28 -12.00
N CYS A 192 -19.60 20.55 -11.31
CA CYS A 192 -20.85 19.83 -11.46
C CYS A 192 -21.96 20.85 -11.68
N LEU A 193 -22.56 20.81 -12.86
CA LEU A 193 -23.63 21.71 -13.26
C LEU A 193 -24.91 20.91 -13.49
N THR A 194 -25.96 21.29 -12.79
CA THR A 194 -27.29 20.71 -12.97
C THR A 194 -28.11 21.71 -13.78
N VAL A 195 -28.61 21.26 -14.93
CA VAL A 195 -29.43 22.04 -15.82
C VAL A 195 -30.82 21.41 -15.77
N SER A 196 -31.78 22.11 -15.21
CA SER A 196 -33.05 21.51 -14.81
C SER A 196 -34.17 22.30 -15.44
N PHE A 197 -34.73 21.71 -16.50
CA PHE A 197 -35.79 22.30 -17.30
C PHE A 197 -37.17 21.93 -16.75
N THR A 198 -38.14 22.82 -16.99
CA THR A 198 -39.52 22.58 -16.63
C THR A 198 -40.31 21.81 -17.68
N HIS A 199 -39.95 21.86 -18.97
CA HIS A 199 -40.63 21.00 -19.92
C HIS A 199 -40.24 19.54 -19.70
N PRO A 200 -41.09 18.59 -20.14
CA PRO A 200 -42.34 18.74 -20.90
C PRO A 200 -43.60 18.81 -20.05
N HIS A 201 -43.44 19.16 -18.77
CA HIS A 201 -44.56 19.54 -17.89
C HIS A 201 -45.55 20.39 -18.67
N ASP A 202 -46.82 20.29 -18.32
CA ASP A 202 -47.86 21.11 -18.93
C ASP A 202 -47.78 22.53 -18.41
N PRO A 203 -48.47 23.49 -19.06
CA PRO A 203 -49.32 23.41 -20.26
C PRO A 203 -48.66 22.74 -21.44
N TYR A 204 -49.45 21.91 -22.13
CA TYR A 204 -49.02 21.19 -23.31
C TYR A 204 -49.10 22.15 -24.50
N VAL A 205 -48.13 23.06 -24.56
CA VAL A 205 -48.12 24.14 -25.53
C VAL A 205 -46.71 24.25 -26.08
N ALA A 206 -46.58 24.22 -27.42
CA ALA A 206 -45.28 24.07 -28.05
C ALA A 206 -45.10 25.10 -29.16
N ARG A 207 -43.84 25.42 -29.42
CA ARG A 207 -43.51 26.30 -30.53
C ARG A 207 -43.86 25.58 -31.84
N ARG A 208 -44.31 26.38 -32.82
CA ARG A 208 -44.78 25.84 -34.10
C ARG A 208 -43.74 24.93 -34.76
N LYS A 209 -42.47 25.34 -34.72
CA LYS A 209 -41.38 24.53 -35.29
C LYS A 209 -41.42 23.09 -34.80
N PHE A 210 -41.57 22.89 -33.49
CA PHE A 210 -41.54 21.54 -32.91
C PHE A 210 -42.89 20.83 -33.06
N TRP A 211 -43.99 21.57 -32.91
CA TRP A 211 -45.32 21.02 -33.19
C TRP A 211 -45.39 20.42 -34.59
N ASP A 212 -44.84 21.12 -35.57
CA ASP A 212 -44.91 20.65 -36.94
C ASP A 212 -44.22 19.31 -37.13
N LEU A 213 -43.26 18.96 -36.27
CA LEU A 213 -42.53 17.72 -36.41
C LEU A 213 -43.41 16.49 -36.21
N TYR A 214 -44.58 16.64 -35.60
CA TYR A 214 -45.41 15.52 -35.17
C TYR A 214 -46.72 15.46 -35.93
N GLU A 215 -46.77 16.10 -37.10
CA GLU A 215 -47.95 16.05 -37.96
C GLU A 215 -48.45 14.62 -38.15
N ASP A 216 -47.57 13.70 -38.54
N ASP A 216 -47.56 13.70 -38.54
CA ASP A 216 -47.93 12.33 -38.86
CA ASP A 216 -47.94 12.34 -38.87
C ASP A 216 -47.62 11.35 -37.73
C ASP A 216 -47.62 11.35 -37.75
N CYS A 217 -47.59 11.83 -36.50
CA CYS A 217 -47.25 10.97 -35.36
C CYS A 217 -48.32 9.91 -35.13
N GLU A 218 -47.88 8.67 -34.89
CA GLU A 218 -48.78 7.54 -34.72
C GLU A 218 -49.04 7.22 -33.26
N HIS A 219 -48.56 8.05 -32.33
CA HIS A 219 -48.67 7.77 -30.90
C HIS A 219 -49.44 8.85 -30.16
N LEU A 220 -50.35 9.54 -30.86
CA LEU A 220 -51.10 10.63 -30.25
C LEU A 220 -52.30 10.15 -29.45
N THR A 221 -52.62 8.85 -29.47
N THR A 221 -52.61 8.85 -29.45
CA THR A 221 -53.65 8.26 -28.62
CA THR A 221 -53.65 8.28 -28.62
C THR A 221 -53.01 7.28 -27.66
C THR A 221 -53.04 7.27 -27.65
N PRO A 222 -53.42 7.27 -26.38
CA PRO A 222 -52.83 6.32 -25.44
C PRO A 222 -53.26 4.90 -25.76
N GLU A 223 -52.40 3.95 -25.39
N GLU A 223 -52.40 3.95 -25.41
CA GLU A 223 -52.71 2.54 -25.61
CA GLU A 223 -52.74 2.55 -25.62
C GLU A 223 -53.92 2.12 -24.78
C GLU A 223 -53.94 2.14 -24.79
N VAL A 224 -53.93 2.50 -23.51
CA VAL A 224 -55.04 2.21 -22.59
C VAL A 224 -55.88 3.48 -22.50
N GLY A 225 -57.14 3.36 -22.88
CA GLY A 225 -58.03 4.49 -22.93
C GLY A 225 -58.64 4.80 -21.58
N ALA A 226 -59.58 5.75 -21.60
CA ALA A 226 -60.11 6.31 -20.37
C ALA A 226 -61.02 5.31 -19.66
N ILE A 227 -60.72 5.05 -18.40
CA ILE A 227 -61.53 4.19 -17.53
C ILE A 227 -62.55 5.07 -16.83
N PRO A 228 -63.85 4.74 -16.87
CA PRO A 228 -64.84 5.62 -16.25
C PRO A 228 -64.66 5.64 -14.74
N LEU A 229 -65.14 6.73 -14.13
CA LEU A 229 -64.99 6.92 -12.69
C LEU A 229 -65.41 5.67 -11.90
N ASP A 230 -66.62 5.16 -12.19
N ASP A 230 -66.62 5.17 -12.18
CA ASP A 230 -67.19 4.08 -11.39
CA ASP A 230 -67.18 4.09 -11.38
C ASP A 230 -66.41 2.78 -11.51
C ASP A 230 -66.40 2.79 -11.51
N GLU A 231 -65.49 2.68 -12.47
CA GLU A 231 -64.68 1.48 -12.65
C GLU A 231 -63.22 1.73 -12.29
N GLN A 232 -62.87 2.93 -11.88
CA GLN A 232 -61.53 3.26 -11.48
C GLN A 232 -61.25 2.75 -10.06
N ASP A 233 -59.98 2.50 -9.77
CA ASP A 233 -59.56 2.26 -8.41
C ASP A 233 -59.73 3.55 -7.60
N PRO A 234 -59.82 3.45 -6.27
CA PRO A 234 -60.12 4.65 -5.49
C PRO A 234 -59.10 5.77 -5.66
N HIS A 235 -57.81 5.46 -5.72
CA HIS A 235 -56.83 6.54 -5.83
C HIS A 235 -56.97 7.25 -7.17
N SER A 236 -57.17 6.49 -8.25
CA SER A 236 -57.45 7.14 -9.52
C SER A 236 -58.67 8.03 -9.43
N GLN A 237 -59.73 7.57 -8.77
CA GLN A 237 -60.91 8.42 -8.59
C GLN A 237 -60.54 9.73 -7.90
N ARG A 238 -59.75 9.64 -6.82
CA ARG A 238 -59.30 10.86 -6.14
C ARG A 238 -58.57 11.78 -7.09
N ILE A 239 -57.72 11.22 -7.96
CA ILE A 239 -56.98 12.06 -8.91
C ILE A 239 -57.95 12.74 -9.87
N MET A 240 -58.90 11.99 -10.45
CA MET A 240 -59.82 12.62 -11.39
C MET A 240 -60.62 13.73 -10.73
N LEU A 241 -61.04 13.51 -9.49
CA LEU A 241 -61.75 14.59 -8.78
C LEU A 241 -60.82 15.79 -8.56
N SER A 242 -59.55 15.54 -8.22
CA SER A 242 -58.62 16.64 -8.02
C SER A 242 -58.42 17.45 -9.30
N CYS A 243 -58.57 16.82 -10.46
CA CYS A 243 -58.41 17.47 -11.74
C CYS A 243 -59.69 18.12 -12.24
N ASP A 244 -60.74 18.15 -11.41
CA ASP A 244 -61.99 18.81 -11.79
C ASP A 244 -62.55 18.20 -13.07
N TYR A 245 -62.40 16.88 -13.21
CA TYR A 245 -62.68 16.22 -14.47
C TYR A 245 -64.12 16.41 -14.93
N GLN A 246 -65.05 16.62 -14.00
CA GLN A 246 -66.45 16.75 -14.36
C GLN A 246 -66.74 18.02 -15.15
N ASN A 247 -65.88 19.03 -15.09
CA ASN A 247 -66.14 20.28 -15.79
C ASN A 247 -65.36 20.43 -17.09
N PHE A 248 -64.80 19.34 -17.60
CA PHE A 248 -64.09 19.36 -18.88
C PHE A 248 -64.56 18.23 -19.76
N ASP A 249 -64.83 18.54 -21.03
CA ASP A 249 -65.17 17.54 -22.04
C ASP A 249 -63.90 17.26 -22.83
N VAL A 250 -63.19 16.21 -22.46
CA VAL A 250 -61.93 15.85 -23.10
C VAL A 250 -62.24 14.99 -24.32
N THR A 251 -62.08 15.56 -25.51
CA THR A 251 -62.28 14.85 -26.76
C THR A 251 -61.00 14.12 -27.20
N GLU A 252 -61.16 13.22 -28.17
N GLU A 252 -61.17 13.22 -28.17
CA GLU A 252 -59.99 12.57 -28.75
CA GLU A 252 -60.01 12.57 -28.77
C GLU A 252 -59.04 13.59 -29.34
C GLU A 252 -59.05 13.59 -29.35
N GLU A 253 -59.58 14.64 -29.99
CA GLU A 253 -58.71 15.69 -30.52
C GLU A 253 -57.93 16.38 -29.41
N ASN A 254 -58.58 16.62 -28.27
CA ASN A 254 -57.87 17.20 -27.13
C ASN A 254 -56.72 16.30 -26.69
N VAL A 255 -56.97 14.99 -26.61
CA VAL A 255 -55.93 14.04 -26.23
C VAL A 255 -54.79 14.07 -27.24
N ARG A 256 -55.13 14.11 -28.53
N ARG A 256 -55.11 14.07 -28.53
CA ARG A 256 -54.09 14.10 -29.57
CA ARG A 256 -54.07 14.10 -29.53
C ARG A 256 -53.32 15.41 -29.59
C ARG A 256 -53.29 15.40 -29.45
N ARG A 257 -53.98 16.54 -29.34
CA ARG A 257 -53.29 17.82 -29.27
C ARG A 257 -52.34 17.87 -28.11
N SER A 258 -52.77 17.32 -26.96
CA SER A 258 -51.93 17.36 -25.75
C SER A 258 -50.69 16.52 -25.92
N ARG A 259 -50.87 15.29 -26.42
CA ARG A 259 -49.71 14.43 -26.65
C ARG A 259 -48.81 14.98 -27.73
N ARG A 260 -49.39 15.60 -28.77
CA ARG A 260 -48.58 16.17 -29.84
C ARG A 260 -47.69 17.30 -29.32
N ALA A 261 -48.27 18.22 -28.52
CA ALA A 261 -47.48 19.29 -27.93
C ALA A 261 -46.43 18.78 -26.96
N TYR A 262 -46.78 17.77 -26.17
CA TYR A 262 -45.86 17.15 -25.23
C TYR A 262 -44.65 16.58 -25.95
N PHE A 263 -44.88 15.78 -27.00
CA PHE A 263 -43.78 15.29 -27.81
C PHE A 263 -43.00 16.43 -28.45
N ALA A 264 -43.72 17.46 -28.92
CA ALA A 264 -43.03 18.61 -29.51
C ALA A 264 -42.09 19.25 -28.48
N ASN A 265 -42.51 19.29 -27.22
CA ASN A 265 -41.66 19.89 -26.21
C ASN A 265 -40.50 18.98 -25.81
N ILE A 266 -40.62 17.66 -26.02
CA ILE A 266 -39.44 16.82 -25.93
C ILE A 266 -38.44 17.20 -27.01
N SER A 267 -38.92 17.47 -28.23
CA SER A 267 -38.03 17.92 -29.29
C SER A 267 -37.45 19.30 -28.99
N TYR A 268 -38.26 20.19 -28.39
CA TYR A 268 -37.75 21.46 -27.89
C TYR A 268 -36.58 21.26 -26.95
N LEU A 269 -36.70 20.31 -26.03
CA LEU A 269 -35.63 19.98 -25.11
C LEU A 269 -34.46 19.32 -25.81
N ASP A 270 -34.73 18.51 -26.85
CA ASP A 270 -33.65 17.84 -27.55
C ASP A 270 -32.69 18.83 -28.19
N GLU A 271 -33.24 19.94 -28.70
CA GLU A 271 -32.41 20.99 -29.28
C GLU A 271 -31.53 21.63 -28.22
N LYS A 272 -32.07 21.83 -27.02
CA LYS A 272 -31.25 22.35 -25.93
C LYS A 272 -30.19 21.37 -25.46
N VAL A 273 -30.47 20.06 -25.49
CA VAL A 273 -29.42 19.08 -25.20
C VAL A 273 -28.28 19.19 -26.22
N GLY A 274 -28.62 19.24 -27.51
CA GLY A 274 -27.60 19.40 -28.52
C GLY A 274 -26.76 20.64 -28.33
N GLU A 275 -27.39 21.73 -27.88
CA GLU A 275 -26.68 22.96 -27.55
C GLU A 275 -25.64 22.71 -26.47
N LEU A 276 -26.03 22.04 -25.37
CA LEU A 276 -25.08 21.79 -24.29
C LEU A 276 -23.94 20.91 -24.76
N ILE A 277 -24.26 19.85 -25.51
CA ILE A 277 -23.22 18.96 -26.01
C ILE A 277 -22.27 19.71 -26.93
N ASP A 278 -22.82 20.59 -27.79
CA ASP A 278 -21.98 21.37 -28.70
C ASP A 278 -21.05 22.29 -27.92
N THR A 279 -21.57 22.99 -26.92
CA THR A 279 -20.69 23.82 -26.08
C THR A 279 -19.60 22.97 -25.44
N LEU A 280 -19.97 21.83 -24.86
CA LEU A 280 -18.96 20.95 -24.28
C LEU A 280 -17.93 20.52 -25.31
N THR A 281 -18.39 20.25 -26.54
CA THR A 281 -17.46 19.78 -27.56
C THR A 281 -16.47 20.88 -27.95
N ARG A 282 -16.98 22.08 -28.25
CA ARG A 282 -16.12 23.14 -28.74
C ARG A 282 -15.24 23.73 -27.65
N THR A 283 -15.63 23.62 -26.37
CA THR A 283 -14.78 24.04 -25.27
C THR A 283 -13.77 22.98 -24.85
N ARG A 284 -13.80 21.79 -25.46
CA ARG A 284 -12.86 20.70 -25.18
C ARG A 284 -13.06 20.14 -23.77
N MET A 285 -14.29 20.13 -23.33
CA MET A 285 -14.66 19.71 -21.98
C MET A 285 -15.50 18.45 -22.05
N LEU A 286 -15.88 18.00 -23.25
CA LEU A 286 -16.82 16.89 -23.40
C LEU A 286 -16.22 15.57 -22.92
N ASP A 287 -14.96 15.32 -23.25
CA ASP A 287 -14.39 13.99 -23.02
C ASP A 287 -14.16 13.73 -21.53
N ASP A 288 -13.97 14.78 -20.73
CA ASP A 288 -13.80 14.63 -19.30
C ASP A 288 -15.09 14.82 -18.52
N THR A 289 -16.25 14.81 -19.18
CA THR A 289 -17.51 15.18 -18.54
C THR A 289 -18.46 13.99 -18.54
N LEU A 290 -18.89 13.60 -17.33
CA LEU A 290 -19.99 12.67 -17.16
C LEU A 290 -21.28 13.43 -17.42
N ILE A 291 -22.19 12.81 -18.16
CA ILE A 291 -23.47 13.43 -18.47
C ILE A 291 -24.58 12.51 -17.99
N LEU A 292 -25.49 13.04 -17.18
N LEU A 292 -25.43 13.02 -17.10
CA LEU A 292 -26.59 12.29 -16.59
CA LEU A 292 -26.60 12.31 -16.62
C LEU A 292 -27.90 12.92 -17.02
C LEU A 292 -27.84 12.93 -17.24
N PHE A 293 -28.83 12.09 -17.50
CA PHE A 293 -30.13 12.53 -17.98
C PHE A 293 -31.18 11.88 -17.12
N CYS A 294 -32.14 12.68 -16.64
CA CYS A 294 -33.01 12.28 -15.53
C CYS A 294 -34.24 13.18 -15.49
N SER A 295 -35.23 12.75 -14.71
CA SER A 295 -36.49 13.46 -14.56
C SER A 295 -37.05 13.20 -13.16
N ASP A 296 -37.94 14.09 -12.71
CA ASP A 296 -38.45 13.97 -11.35
C ASP A 296 -39.63 12.99 -11.24
N HIS A 297 -40.54 13.00 -12.20
CA HIS A 297 -41.66 12.07 -12.24
C HIS A 297 -42.17 12.07 -13.67
N GLY A 298 -43.10 11.15 -13.96
CA GLY A 298 -43.64 11.01 -15.31
C GLY A 298 -44.91 11.78 -15.55
N ASP A 299 -45.64 11.37 -16.59
CA ASP A 299 -46.92 11.95 -17.00
C ASP A 299 -47.75 10.84 -17.63
N MET A 300 -48.95 10.59 -17.08
CA MET A 300 -49.79 9.51 -17.59
C MET A 300 -50.21 9.76 -19.03
N LEU A 301 -50.30 11.03 -19.44
CA LEU A 301 -50.54 11.41 -20.84
C LEU A 301 -51.81 10.79 -21.40
N GLY A 302 -52.86 10.76 -20.59
CA GLY A 302 -54.11 10.23 -21.01
C GLY A 302 -54.28 8.75 -20.80
N GLU A 303 -53.20 8.01 -20.54
CA GLU A 303 -53.33 6.57 -20.35
C GLU A 303 -54.22 6.31 -19.15
N ARG A 304 -55.15 5.38 -19.32
CA ARG A 304 -56.17 5.02 -18.34
C ARG A 304 -57.19 6.12 -18.15
N GLY A 305 -57.12 7.18 -18.94
CA GLY A 305 -57.93 8.37 -18.72
C GLY A 305 -57.31 9.36 -17.76
N LEU A 306 -56.10 9.09 -17.29
CA LEU A 306 -55.45 9.93 -16.30
C LEU A 306 -54.44 10.84 -17.00
N TRP A 307 -54.16 11.98 -16.37
CA TRP A 307 -53.15 12.92 -16.82
C TRP A 307 -52.28 13.31 -15.63
N PHE A 308 -51.05 13.74 -15.95
CA PHE A 308 -50.10 14.20 -14.95
C PHE A 308 -49.59 13.04 -14.11
N LYS A 309 -49.45 13.23 -12.80
CA LYS A 309 -48.70 12.27 -11.97
C LYS A 309 -49.52 11.91 -10.74
N MET A 310 -48.90 11.90 -9.55
CA MET A 310 -49.61 11.66 -8.27
C MET A 310 -49.97 10.20 -8.06
N ASN A 311 -49.40 9.28 -8.83
CA ASN A 311 -49.72 7.87 -8.65
C ASN A 311 -48.52 7.02 -9.05
N PHE A 312 -48.65 5.71 -8.81
CA PHE A 312 -47.55 4.79 -9.01
C PHE A 312 -47.66 3.99 -10.31
N PHE A 313 -48.69 4.21 -11.12
CA PHE A 313 -48.75 3.54 -12.41
C PHE A 313 -47.49 3.89 -13.21
N GLU A 314 -47.19 3.04 -14.20
CA GLU A 314 -45.93 3.16 -14.93
C GLU A 314 -45.72 4.55 -15.52
N GLY A 315 -46.73 5.08 -16.22
CA GLY A 315 -46.56 6.36 -16.90
C GLY A 315 -46.22 7.52 -15.97
N SER A 316 -46.67 7.44 -14.72
CA SER A 316 -46.42 8.48 -13.72
C SER A 316 -45.18 8.20 -12.89
N ALA A 317 -44.86 6.95 -12.63
CA ALA A 317 -43.74 6.60 -11.75
C ALA A 317 -42.44 6.34 -12.49
N ARG A 318 -42.49 5.95 -13.77
CA ARG A 318 -41.27 5.70 -14.52
C ARG A 318 -40.68 7.02 -15.02
N VAL A 319 -39.38 7.18 -14.85
CA VAL A 319 -38.65 8.29 -15.45
C VAL A 319 -37.37 7.78 -16.07
N PRO A 320 -36.92 8.34 -17.20
CA PRO A 320 -35.65 7.87 -17.77
C PRO A 320 -34.49 8.11 -16.82
N LEU A 321 -33.45 7.32 -17.01
CA LEU A 321 -32.17 7.59 -16.39
C LEU A 321 -31.07 7.05 -17.29
N MET A 322 -30.16 7.93 -17.71
CA MET A 322 -28.99 7.53 -18.48
C MET A 322 -27.76 8.19 -17.88
N ILE A 323 -26.63 7.50 -18.00
CA ILE A 323 -25.34 8.03 -17.59
C ILE A 323 -24.34 7.78 -18.71
N ALA A 324 -23.60 8.80 -19.11
CA ALA A 324 -22.57 8.65 -20.12
C ALA A 324 -21.30 9.39 -19.72
N GLY A 325 -20.18 8.97 -20.30
CA GLY A 325 -18.93 9.69 -20.14
C GLY A 325 -17.78 8.78 -19.75
N PRO A 326 -16.71 9.37 -19.21
CA PRO A 326 -15.49 8.58 -18.97
C PRO A 326 -15.75 7.45 -17.98
N GLY A 327 -15.25 6.26 -18.34
CA GLY A 327 -15.38 5.09 -17.52
C GLY A 327 -16.75 4.44 -17.53
N ILE A 328 -17.68 4.92 -18.34
CA ILE A 328 -19.04 4.40 -18.35
C ILE A 328 -19.21 3.52 -19.57
N ALA A 329 -19.40 2.21 -19.35
CA ALA A 329 -19.70 1.30 -20.44
C ALA A 329 -21.15 1.47 -20.88
N PRO A 330 -21.41 1.74 -22.15
CA PRO A 330 -22.80 1.82 -22.61
C PRO A 330 -23.49 0.47 -22.46
N GLY A 331 -24.81 0.53 -22.25
CA GLY A 331 -25.59 -0.69 -22.15
C GLY A 331 -26.99 -0.41 -21.68
N LEU A 332 -27.89 -1.38 -21.85
CA LEU A 332 -29.27 -1.26 -21.39
C LEU A 332 -29.48 -2.16 -20.18
N HIS A 333 -30.01 -1.58 -19.10
CA HIS A 333 -30.21 -2.29 -17.85
C HIS A 333 -31.69 -2.40 -17.57
N LEU A 334 -32.14 -3.63 -17.23
CA LEU A 334 -33.55 -3.91 -17.02
C LEU A 334 -33.93 -4.10 -15.56
N THR A 335 -32.96 -4.32 -14.68
CA THR A 335 -33.27 -4.38 -13.26
C THR A 335 -33.85 -3.05 -12.79
N PRO A 336 -34.93 -3.04 -12.02
CA PRO A 336 -35.49 -1.76 -11.57
C PRO A 336 -34.47 -0.97 -10.76
N THR A 337 -34.43 0.33 -11.02
CA THR A 337 -33.63 1.29 -10.28
C THR A 337 -34.52 2.45 -9.88
N SER A 338 -33.95 3.43 -9.17
CA SER A 338 -34.72 4.52 -8.63
C SER A 338 -33.88 5.79 -8.62
N ASN A 339 -34.56 6.94 -8.72
CA ASN A 339 -33.90 8.22 -8.57
C ASN A 339 -33.16 8.30 -7.24
N LEU A 340 -33.56 7.48 -6.26
CA LEU A 340 -32.86 7.45 -4.98
C LEU A 340 -31.41 7.04 -5.15
N ASP A 341 -31.08 6.37 -6.27
CA ASP A 341 -29.73 5.87 -6.51
C ASP A 341 -28.82 6.93 -7.11
N VAL A 342 -29.35 8.08 -7.52
CA VAL A 342 -28.54 9.03 -8.27
C VAL A 342 -27.47 9.64 -7.38
N THR A 343 -27.85 10.10 -6.19
CA THR A 343 -26.85 10.74 -5.33
C THR A 343 -25.72 9.81 -4.95
N PRO A 344 -25.97 8.56 -4.53
CA PRO A 344 -24.84 7.65 -4.27
C PRO A 344 -24.06 7.32 -5.53
N THR A 345 -24.72 7.26 -6.68
CA THR A 345 -23.97 7.02 -7.93
C THR A 345 -23.03 8.18 -8.21
N LEU A 346 -23.54 9.42 -8.11
CA LEU A 346 -22.71 10.59 -8.31
C LEU A 346 -21.50 10.58 -7.38
N ALA A 347 -21.71 10.28 -6.09
CA ALA A 347 -20.61 10.28 -5.14
C ALA A 347 -19.58 9.22 -5.52
N ASP A 348 -20.07 8.02 -5.86
CA ASP A 348 -19.19 6.94 -6.30
C ASP A 348 -18.36 7.37 -7.51
N LEU A 349 -19.02 7.95 -8.52
CA LEU A 349 -18.30 8.37 -9.72
C LEU A 349 -17.31 9.51 -9.43
N ALA A 350 -17.60 10.35 -8.45
CA ALA A 350 -16.71 11.44 -8.06
C ALA A 350 -15.56 10.98 -7.17
N GLY A 351 -15.47 9.70 -6.85
CA GLY A 351 -14.38 9.21 -6.05
C GLY A 351 -14.61 9.26 -4.56
N ILE A 352 -15.84 9.48 -4.12
CA ILE A 352 -16.17 9.56 -2.70
C ILE A 352 -16.46 8.15 -2.21
N SER A 353 -15.92 7.79 -1.07
CA SER A 353 -16.06 6.44 -0.56
C SER A 353 -17.51 6.16 -0.16
N LEU A 354 -17.85 4.88 -0.14
CA LEU A 354 -19.21 4.49 0.25
C LEU A 354 -19.47 4.81 1.71
N GLU A 355 -18.44 4.78 2.56
CA GLU A 355 -18.67 5.03 3.98
C GLU A 355 -19.02 6.49 4.24
N GLU A 356 -18.57 7.41 3.37
CA GLU A 356 -18.87 8.82 3.58
C GLU A 356 -20.29 9.18 3.17
N VAL A 357 -20.96 8.36 2.36
N VAL A 357 -20.96 8.36 2.36
CA VAL A 357 -22.30 8.65 1.90
CA VAL A 357 -22.31 8.66 1.91
C VAL A 357 -23.33 7.70 2.49
C VAL A 357 -23.34 7.70 2.48
N ARG A 358 -22.94 6.51 2.91
CA ARG A 358 -23.91 5.52 3.42
C ARG A 358 -24.81 6.05 4.53
N PRO A 359 -24.33 6.79 5.52
CA PRO A 359 -25.24 7.25 6.59
C PRO A 359 -26.28 8.25 6.11
N TRP A 360 -26.15 8.76 4.89
CA TRP A 360 -26.96 9.85 4.40
C TRP A 360 -27.83 9.50 3.20
N THR A 361 -27.77 8.27 2.70
N THR A 361 -27.79 8.25 2.73
CA THR A 361 -28.57 7.89 1.55
CA THR A 361 -28.53 7.87 1.54
C THR A 361 -29.25 6.55 1.77
C THR A 361 -29.23 6.53 1.73
N ASP A 362 -30.49 6.47 1.30
CA ASP A 362 -31.32 5.26 1.29
C ASP A 362 -31.10 4.41 0.04
N GLY A 363 -30.48 4.94 -1.01
CA GLY A 363 -30.33 4.23 -2.27
C GLY A 363 -28.98 3.54 -2.37
N VAL A 364 -28.66 3.11 -3.59
CA VAL A 364 -27.42 2.40 -3.84
C VAL A 364 -26.78 2.92 -5.11
N SER A 365 -25.45 2.86 -5.17
CA SER A 365 -24.75 3.27 -6.37
C SER A 365 -25.05 2.31 -7.51
N LEU A 366 -25.25 2.86 -8.71
CA LEU A 366 -25.47 2.06 -9.91
C LEU A 366 -24.18 1.77 -10.66
N VAL A 367 -23.06 2.28 -10.18
CA VAL A 367 -21.78 1.99 -10.85
C VAL A 367 -21.51 0.50 -10.92
N PRO A 368 -21.70 -0.29 -9.85
CA PRO A 368 -21.53 -1.75 -9.99
C PRO A 368 -22.39 -2.35 -11.10
N MET A 369 -23.66 -1.97 -11.14
CA MET A 369 -24.54 -2.46 -12.20
C MET A 369 -23.98 -2.11 -13.57
N VAL A 370 -23.48 -0.88 -13.74
CA VAL A 370 -22.86 -0.50 -15.01
C VAL A 370 -21.71 -1.43 -15.36
N ASN A 371 -21.07 -2.00 -14.35
CA ASN A 371 -19.92 -2.88 -14.53
C ASN A 371 -20.29 -4.35 -14.33
N GLY A 372 -21.56 -4.70 -14.47
CA GLY A 372 -21.97 -6.08 -14.58
C GLY A 372 -22.32 -6.79 -13.30
N VAL A 373 -22.40 -6.09 -12.19
CA VAL A 373 -22.77 -6.70 -10.92
C VAL A 373 -24.29 -6.63 -10.77
N GLU A 374 -24.89 -7.73 -10.35
CA GLU A 374 -26.34 -7.74 -10.16
C GLU A 374 -26.74 -6.88 -8.98
N ARG A 375 -27.84 -6.16 -9.14
CA ARG A 375 -28.44 -5.37 -8.07
C ARG A 375 -29.74 -6.04 -7.65
N THR A 376 -29.91 -6.23 -6.34
CA THR A 376 -31.06 -6.92 -5.79
C THR A 376 -31.91 -6.04 -4.90
N GLU A 377 -31.46 -4.87 -4.52
CA GLU A 377 -32.24 -4.00 -3.66
C GLU A 377 -33.56 -3.64 -4.36
N PRO A 378 -34.69 -3.70 -3.68
CA PRO A 378 -35.94 -3.25 -4.28
C PRO A 378 -35.98 -1.74 -4.41
N VAL A 379 -36.98 -1.28 -5.15
CA VAL A 379 -37.26 0.13 -5.40
C VAL A 379 -38.49 0.49 -4.59
N LEU A 380 -38.36 1.49 -3.72
CA LEU A 380 -39.44 1.94 -2.87
C LEU A 380 -39.96 3.30 -3.36
N MET A 381 -41.26 3.52 -3.21
CA MET A 381 -41.85 4.81 -3.55
C MET A 381 -42.88 5.21 -2.51
N GLU A 382 -43.10 6.52 -2.38
CA GLU A 382 -44.05 7.06 -1.42
C GLU A 382 -44.84 8.21 -2.05
N TYR A 383 -46.07 8.40 -1.60
CA TYR A 383 -46.86 9.56 -2.00
C TYR A 383 -47.74 9.99 -0.83
N ALA A 384 -47.77 11.29 -0.55
CA ALA A 384 -48.60 11.82 0.54
C ALA A 384 -48.96 13.28 0.32
N ALA A 385 -49.42 13.62 -0.88
CA ALA A 385 -49.80 14.99 -1.20
C ALA A 385 -51.22 15.01 -1.79
N GLU A 386 -51.50 16.02 -2.63
N GLU A 386 -51.54 16.04 -2.56
CA GLU A 386 -52.83 16.21 -3.19
CA GLU A 386 -52.94 16.23 -2.95
C GLU A 386 -53.36 14.90 -3.75
C GLU A 386 -53.41 15.05 -3.80
N ALA A 387 -54.66 14.68 -3.59
CA ALA A 387 -55.38 13.51 -4.13
C ALA A 387 -55.09 12.27 -3.29
N SER A 388 -54.22 12.36 -2.28
CA SER A 388 -54.14 11.36 -1.24
C SER A 388 -54.87 11.89 -0.02
N TYR A 389 -55.62 11.01 0.64
CA TYR A 389 -56.23 11.33 1.94
C TYR A 389 -55.47 10.68 3.08
N ALA A 390 -54.47 9.87 2.75
CA ALA A 390 -53.57 9.16 3.66
C ALA A 390 -52.40 8.69 2.81
N PRO A 391 -51.23 8.45 3.42
CA PRO A 391 -50.05 8.14 2.59
C PRO A 391 -50.21 6.82 1.86
N LEU A 392 -49.61 6.77 0.66
CA LEU A 392 -49.47 5.52 -0.10
C LEU A 392 -47.99 5.19 -0.22
N VAL A 393 -47.69 3.89 -0.27
CA VAL A 393 -46.34 3.41 -0.47
C VAL A 393 -46.38 2.36 -1.58
N ALA A 394 -45.22 2.15 -2.20
CA ALA A 394 -45.11 1.15 -3.25
C ALA A 394 -43.77 0.45 -3.17
N ILE A 395 -43.79 -0.83 -3.51
CA ILE A 395 -42.57 -1.64 -3.63
C ILE A 395 -42.50 -2.17 -5.07
N ARG A 396 -41.34 -1.99 -5.69
CA ARG A 396 -41.05 -2.48 -7.04
C ARG A 396 -39.85 -3.40 -6.93
N GLU A 397 -40.06 -4.69 -7.18
N GLU A 397 -40.06 -4.69 -7.17
CA GLU A 397 -38.99 -5.67 -7.08
CA GLU A 397 -38.99 -5.68 -7.06
C GLU A 397 -39.22 -6.77 -8.10
C GLU A 397 -39.22 -6.77 -8.10
N GLY A 398 -38.15 -7.16 -8.79
CA GLY A 398 -38.26 -8.16 -9.83
C GLY A 398 -39.32 -7.79 -10.84
N LYS A 399 -40.29 -8.68 -11.04
CA LYS A 399 -41.36 -8.42 -11.99
C LYS A 399 -42.58 -7.77 -11.38
N TRP A 400 -42.51 -7.43 -10.08
CA TRP A 400 -43.68 -7.07 -9.30
C TRP A 400 -43.74 -5.59 -8.96
N LYS A 401 -44.95 -5.07 -8.88
CA LYS A 401 -45.23 -3.78 -8.27
C LYS A 401 -46.37 -3.96 -7.27
N TYR A 402 -46.15 -3.50 -6.05
CA TYR A 402 -47.10 -3.59 -4.96
C TYR A 402 -47.40 -2.19 -4.46
N VAL A 403 -48.67 -1.88 -4.26
CA VAL A 403 -49.10 -0.56 -3.83
C VAL A 403 -50.03 -0.72 -2.64
N TYR A 404 -49.73 -0.01 -1.55
CA TYR A 404 -50.52 -0.05 -0.33
C TYR A 404 -50.95 1.35 0.10
N CYS A 405 -52.23 1.48 0.48
CA CYS A 405 -52.75 2.64 1.18
C CYS A 405 -53.77 2.13 2.18
N ALA A 406 -53.68 2.61 3.42
CA ALA A 406 -54.58 2.11 4.45
C ALA A 406 -56.04 2.30 4.08
N LEU A 407 -56.33 3.22 3.16
CA LEU A 407 -57.72 3.49 2.81
C LEU A 407 -58.24 2.66 1.65
N ASP A 408 -57.36 2.05 0.86
CA ASP A 408 -57.71 1.47 -0.43
C ASP A 408 -57.38 -0.02 -0.46
N PRO A 409 -58.02 -0.78 -1.34
CA PRO A 409 -57.54 -2.14 -1.63
C PRO A 409 -56.11 -2.10 -2.16
N GLU A 410 -55.35 -3.12 -1.79
CA GLU A 410 -53.99 -3.28 -2.33
C GLU A 410 -54.04 -3.50 -3.84
N GLN A 411 -52.94 -3.14 -4.49
CA GLN A 411 -52.70 -3.43 -5.90
C GLN A 411 -51.43 -4.25 -5.99
N LEU A 412 -51.48 -5.32 -6.79
CA LEU A 412 -50.31 -6.12 -7.09
C LEU A 412 -50.29 -6.39 -8.59
N PHE A 413 -49.20 -6.01 -9.25
CA PHE A 413 -49.08 -6.14 -10.69
C PHE A 413 -47.87 -6.97 -11.06
N ASP A 414 -48.06 -7.88 -12.02
CA ASP A 414 -46.98 -8.63 -12.65
C ASP A 414 -46.65 -7.92 -13.96
N LEU A 415 -45.58 -7.12 -13.95
CA LEU A 415 -45.27 -6.26 -15.09
C LEU A 415 -44.74 -7.05 -16.28
N GLU A 416 -44.31 -8.29 -16.05
CA GLU A 416 -43.89 -9.17 -17.14
C GLU A 416 -45.09 -9.60 -17.96
N ALA A 417 -46.07 -10.21 -17.30
CA ALA A 417 -47.28 -10.69 -17.96
C ALA A 417 -48.27 -9.57 -18.25
N ASP A 418 -48.17 -8.43 -17.56
CA ASP A 418 -49.22 -7.41 -17.58
C ASP A 418 -48.55 -6.03 -17.55
N PRO A 419 -47.81 -5.69 -18.60
CA PRO A 419 -47.03 -4.44 -18.57
C PRO A 419 -47.88 -3.20 -18.43
N LEU A 420 -49.14 -3.26 -18.86
CA LEU A 420 -50.07 -2.14 -18.79
C LEU A 420 -50.87 -2.10 -17.50
N GLU A 421 -50.57 -3.00 -16.54
CA GLU A 421 -51.17 -3.03 -15.21
C GLU A 421 -52.71 -3.03 -15.29
N LEU A 422 -53.24 -3.93 -16.09
CA LEU A 422 -54.68 -4.06 -16.25
C LEU A 422 -55.30 -5.09 -15.31
N THR A 423 -54.50 -5.96 -14.69
CA THR A 423 -55.03 -6.99 -13.81
C THR A 423 -54.44 -6.87 -12.42
N ASN A 424 -55.26 -6.46 -11.46
CA ASN A 424 -54.83 -6.34 -10.07
C ASN A 424 -54.85 -7.73 -9.44
N LEU A 425 -53.66 -8.31 -9.27
CA LEU A 425 -53.51 -9.67 -8.77
C LEU A 425 -53.74 -9.80 -7.26
N ALA A 426 -53.81 -8.69 -6.53
CA ALA A 426 -54.26 -8.76 -5.13
C ALA A 426 -55.76 -9.04 -5.05
N GLU A 427 -56.53 -8.52 -6.01
CA GLU A 427 -57.96 -8.77 -6.07
C GLU A 427 -58.26 -10.10 -6.75
N ASN A 428 -57.57 -10.39 -7.86
CA ASN A 428 -57.80 -11.58 -8.67
C ASN A 428 -56.50 -12.37 -8.80
N PRO A 429 -56.09 -13.07 -7.75
CA PRO A 429 -54.89 -13.90 -7.84
C PRO A 429 -55.02 -14.98 -8.90
N ARG A 430 -53.90 -15.29 -9.56
CA ARG A 430 -53.87 -16.38 -10.51
C ARG A 430 -53.71 -17.73 -9.84
N GLY A 431 -53.28 -17.76 -8.59
CA GLY A 431 -53.01 -19.00 -7.89
C GLY A 431 -52.27 -18.77 -6.58
N PRO A 432 -51.81 -19.85 -5.95
CA PRO A 432 -51.16 -19.72 -4.63
C PRO A 432 -49.88 -18.90 -4.65
N VAL A 433 -49.16 -18.85 -5.79
CA VAL A 433 -47.94 -18.06 -5.82
C VAL A 433 -48.27 -16.57 -5.74
N ASP A 434 -49.31 -16.13 -6.46
CA ASP A 434 -49.75 -14.75 -6.34
C ASP A 434 -50.16 -14.44 -4.89
N GLN A 435 -50.86 -15.38 -4.25
CA GLN A 435 -51.32 -15.15 -2.88
C GLN A 435 -50.13 -15.01 -1.93
N ALA A 436 -49.15 -15.90 -2.05
CA ALA A 436 -47.97 -15.83 -1.20
C ALA A 436 -47.13 -14.60 -1.49
N THR A 437 -47.07 -14.17 -2.75
CA THR A 437 -46.34 -12.96 -3.07
C THR A 437 -46.97 -11.75 -2.40
N LEU A 438 -48.30 -11.68 -2.37
CA LEU A 438 -48.97 -10.57 -1.71
C LEU A 438 -48.64 -10.55 -0.22
N THR A 439 -48.64 -11.71 0.42
CA THR A 439 -48.27 -11.79 1.84
C THR A 439 -46.82 -11.35 2.05
N ALA A 440 -45.92 -11.78 1.15
CA ALA A 440 -44.52 -11.38 1.27
C ALA A 440 -44.35 -9.87 1.12
N PHE A 441 -45.10 -9.25 0.21
CA PHE A 441 -45.02 -7.79 0.09
C PHE A 441 -45.66 -7.09 1.27
N ARG A 442 -46.73 -7.67 1.81
CA ARG A 442 -47.31 -7.15 3.06
C ARG A 442 -46.28 -7.15 4.19
N ASP A 443 -45.50 -8.22 4.31
CA ASP A 443 -44.52 -8.31 5.40
C ASP A 443 -43.37 -7.35 5.16
N MET A 444 -42.93 -7.21 3.90
CA MET A 444 -41.95 -6.20 3.55
C MET A 444 -42.45 -4.80 3.89
N ARG A 445 -43.69 -4.50 3.50
CA ARG A 445 -44.28 -3.19 3.77
C ARG A 445 -44.29 -2.89 5.26
N ALA A 446 -44.75 -3.85 6.06
CA ALA A 446 -44.79 -3.65 7.51
C ALA A 446 -43.40 -3.53 8.10
N ALA A 447 -42.39 -4.13 7.44
CA ALA A 447 -41.03 -4.02 7.96
C ALA A 447 -40.41 -2.66 7.65
N HIS A 448 -40.87 -2.00 6.60
CA HIS A 448 -40.29 -0.75 6.13
C HIS A 448 -41.03 0.48 6.64
N TRP A 449 -42.36 0.41 6.72
CA TRP A 449 -43.18 1.57 7.01
C TRP A 449 -44.13 1.31 8.17
N ASP A 450 -44.24 2.27 9.07
CA ASP A 450 -45.31 2.32 10.05
C ASP A 450 -46.31 3.32 9.46
N MET A 451 -47.34 2.81 8.78
CA MET A 451 -48.23 3.68 8.03
C MET A 451 -49.05 4.58 8.96
N GLU A 452 -49.31 4.13 10.19
N GLU A 452 -49.32 4.13 10.20
CA GLU A 452 -49.96 4.99 11.17
CA GLU A 452 -49.97 5.00 11.15
C GLU A 452 -49.06 6.16 11.54
C GLU A 452 -49.06 6.17 11.53
N ALA A 453 -47.78 5.88 11.80
CA ALA A 453 -46.84 6.94 12.10
C ALA A 453 -46.67 7.90 10.93
N PHE A 454 -46.55 7.34 9.72
CA PHE A 454 -46.45 8.15 8.52
C PHE A 454 -47.60 9.13 8.43
N ASP A 455 -48.85 8.63 8.51
CA ASP A 455 -50.01 9.51 8.47
C ASP A 455 -49.94 10.59 9.55
N ALA A 456 -49.58 10.19 10.77
CA ALA A 456 -49.48 11.17 11.86
C ALA A 456 -48.44 12.24 11.55
N ALA A 457 -47.30 11.84 10.98
CA ALA A 457 -46.25 12.80 10.67
C ALA A 457 -46.69 13.79 9.59
N VAL A 458 -47.36 13.29 8.55
CA VAL A 458 -47.81 14.17 7.49
C VAL A 458 -48.87 15.13 8.01
N ARG A 459 -49.76 14.65 8.88
CA ARG A 459 -50.79 15.53 9.43
C ARG A 459 -50.19 16.64 10.30
N GLU A 460 -49.19 16.31 11.11
CA GLU A 460 -48.55 17.33 11.94
C GLU A 460 -47.85 18.35 11.07
N SER A 461 -47.18 17.88 10.01
CA SER A 461 -46.50 18.79 9.10
C SER A 461 -47.49 19.72 8.43
N GLN A 462 -48.62 19.21 7.98
CA GLN A 462 -49.62 20.03 7.30
C GLN A 462 -50.17 21.08 8.26
N ALA A 463 -50.59 20.64 9.45
CA ALA A 463 -51.21 21.55 10.40
C ALA A 463 -50.25 22.67 10.78
N ARG A 464 -49.03 22.30 11.11
CA ARG A 464 -47.98 23.27 11.45
C ARG A 464 -47.83 24.33 10.37
N ARG A 465 -47.71 23.92 9.10
CA ARG A 465 -47.51 24.89 8.04
C ARG A 465 -48.71 25.82 7.88
N TRP A 466 -49.92 25.30 8.01
CA TRP A 466 -51.08 26.18 7.85
C TRP A 466 -51.13 27.25 8.94
N VAL A 467 -50.78 26.91 10.19
CA VAL A 467 -50.67 27.95 11.20
C VAL A 467 -49.65 29.01 10.77
N VAL A 468 -48.44 28.57 10.43
CA VAL A 468 -47.37 29.49 10.08
C VAL A 468 -47.72 30.28 8.81
N TYR A 469 -48.18 29.58 7.76
CA TYR A 469 -48.42 30.27 6.49
C TYR A 469 -49.49 31.34 6.63
N GLU A 470 -50.51 31.07 7.44
CA GLU A 470 -51.58 32.04 7.65
C GLU A 470 -51.02 33.32 8.24
N ALA A 471 -50.06 33.19 9.16
CA ALA A 471 -49.39 34.36 9.73
C ALA A 471 -48.51 35.06 8.71
N LEU A 472 -47.68 34.29 7.99
CA LEU A 472 -46.75 34.87 7.04
C LEU A 472 -47.47 35.63 5.91
N ARG A 473 -48.73 35.31 5.62
CA ARG A 473 -49.49 36.01 4.61
C ARG A 473 -50.28 37.17 5.19
N ASN A 474 -50.02 37.54 6.44
CA ASN A 474 -50.54 38.75 7.03
C ASN A 474 -49.44 39.81 7.01
N GLY A 475 -49.82 41.05 6.76
CA GLY A 475 -48.84 42.11 6.75
C GLY A 475 -47.93 42.02 5.53
N ALA A 476 -46.77 42.65 5.65
CA ALA A 476 -45.78 42.66 4.59
C ALA A 476 -45.23 41.26 4.38
N TYR A 477 -45.28 40.79 3.13
CA TYR A 477 -44.79 39.45 2.81
C TYR A 477 -43.29 39.47 2.58
N TYR A 478 -42.59 38.48 3.14
CA TYR A 478 -41.16 38.34 2.93
C TYR A 478 -40.88 37.16 2.01
N PRO A 479 -40.56 37.40 0.74
CA PRO A 479 -40.39 36.28 -0.18
C PRO A 479 -39.09 35.52 0.05
N TRP A 480 -39.14 34.22 -0.25
CA TRP A 480 -37.99 33.33 -0.18
C TRP A 480 -37.43 32.99 -1.56
N ASP A 481 -37.99 33.57 -2.61
CA ASP A 481 -37.53 33.21 -3.95
C ASP A 481 -36.07 33.55 -4.14
N HIS A 482 -35.35 32.67 -4.84
CA HIS A 482 -33.93 32.89 -5.05
C HIS A 482 -33.71 34.01 -6.05
N GLN A 483 -32.88 34.97 -5.69
CA GLN A 483 -32.46 36.02 -6.60
C GLN A 483 -31.05 35.76 -7.09
N PRO A 484 -30.84 35.37 -8.34
CA PRO A 484 -29.47 35.26 -8.86
C PRO A 484 -28.80 36.62 -8.87
N LEU A 485 -27.49 36.62 -8.63
CA LEU A 485 -26.70 37.85 -8.73
C LEU A 485 -25.39 37.56 -9.42
N GLN A 486 -25.16 38.21 -10.56
CA GLN A 486 -23.85 38.31 -11.22
C GLN A 486 -23.43 39.77 -11.06
N LYS A 487 -22.54 40.04 -10.10
CA LYS A 487 -22.17 41.40 -9.76
C LYS A 487 -21.56 42.15 -10.94
N ALA A 488 -22.28 43.16 -11.44
CA ALA A 488 -21.83 43.89 -12.61
C ALA A 488 -20.52 44.61 -12.35
N SER A 489 -20.26 45.01 -11.10
CA SER A 489 -19.04 45.76 -10.83
C SER A 489 -17.77 44.92 -10.96
N GLU A 490 -17.90 43.60 -11.10
CA GLU A 490 -16.73 42.72 -11.26
C GLU A 490 -16.68 42.06 -12.64
N ARG A 491 -17.64 42.33 -13.49
CA ARG A 491 -17.75 41.67 -14.79
C ARG A 491 -17.13 42.52 -15.88
N TYR A 492 -16.66 41.85 -16.93
CA TYR A 492 -16.15 42.51 -18.14
C TYR A 492 -14.99 43.45 -17.76
N MET A 493 -14.86 44.58 -18.44
CA MET A 493 -13.73 45.48 -18.22
C MET A 493 -14.07 46.51 -17.14
N ARG A 494 -13.25 46.56 -16.10
CA ARG A 494 -13.38 47.53 -15.02
C ARG A 494 -11.99 48.08 -14.71
N ASN A 495 -11.93 49.31 -14.22
CA ASN A 495 -10.66 50.04 -14.24
C ASN A 495 -9.75 49.76 -13.05
N HIS A 496 -9.95 48.66 -12.34
CA HIS A 496 -8.90 48.05 -11.54
C HIS A 496 -8.16 46.96 -12.32
N MET A 497 -8.48 46.76 -13.60
CA MET A 497 -7.90 45.69 -14.39
C MET A 497 -7.06 46.25 -15.55
N ASN A 498 -6.23 45.38 -16.10
CA ASN A 498 -5.47 45.64 -17.32
C ASN A 498 -6.25 45.00 -18.47
N LEU A 499 -6.56 45.78 -19.49
CA LEU A 499 -7.47 45.30 -20.52
C LEU A 499 -6.89 44.09 -21.24
N ASP A 500 -5.59 44.10 -21.52
CA ASP A 500 -4.98 42.98 -22.25
C ASP A 500 -4.98 41.71 -21.40
N THR A 501 -4.61 41.83 -20.12
CA THR A 501 -4.69 40.69 -19.22
C THR A 501 -6.11 40.14 -19.19
N LEU A 502 -7.10 41.02 -19.06
CA LEU A 502 -8.49 40.60 -19.08
C LEU A 502 -8.82 39.79 -20.33
N GLU A 503 -8.61 40.39 -21.51
CA GLU A 503 -8.97 39.71 -22.76
C GLU A 503 -8.35 38.32 -22.84
N GLU A 504 -7.07 38.20 -22.48
CA GLU A 504 -6.42 36.90 -22.52
C GLU A 504 -7.11 35.91 -21.58
N SER A 505 -7.46 36.35 -20.37
CA SER A 505 -8.06 35.43 -19.41
C SER A 505 -9.43 34.95 -19.87
N LYS A 506 -10.17 35.79 -20.59
CA LYS A 506 -11.52 35.47 -21.00
C LYS A 506 -11.59 34.78 -22.35
N ARG A 507 -10.45 34.64 -23.03
CA ARG A 507 -10.38 33.94 -24.32
C ARG A 507 -10.11 32.46 -24.10
N TYR A 508 -10.94 31.61 -24.70
CA TYR A 508 -10.70 30.17 -24.62
C TYR A 508 -11.37 29.45 -25.77
N PRO A 509 -10.72 28.45 -26.42
CA PRO A 509 -9.32 28.04 -26.19
C PRO A 509 -8.33 29.14 -26.52
N ARG A 510 -7.10 28.98 -26.05
CA ARG A 510 -6.05 29.98 -26.15
C ARG A 510 -5.05 29.46 -27.19
N GLY A 511 -5.24 29.85 -28.45
CA GLY A 511 -4.45 29.40 -29.56
C GLY A 511 -3.55 30.49 -30.10
N GLU A 512 -3.19 30.33 -31.38
CA GLU A 512 -2.30 31.32 -32.03
C GLU A 512 -2.84 32.73 -31.85
N GLY A 513 -1.97 33.64 -31.42
CA GLY A 513 -2.34 34.99 -31.09
C GLY A 513 -2.54 35.23 -29.61
N SER A 514 -2.87 34.20 -28.84
CA SER A 514 -2.96 34.37 -27.39
C SER A 514 -1.56 34.54 -26.80
N HIS A 515 -1.49 35.10 -25.60
CA HIS A 515 -0.21 35.50 -25.01
C HIS A 515 0.74 34.31 -24.86
N HIS A 516 0.24 33.16 -24.44
CA HIS A 516 1.11 32.06 -24.03
C HIS A 516 0.93 30.81 -24.88
N HIS A 517 0.39 30.95 -26.09
CA HIS A 517 0.41 29.89 -27.07
C HIS A 517 1.62 30.09 -27.96
N HIS A 518 2.54 29.11 -27.94
CA HIS A 518 3.69 29.11 -28.83
C HIS A 518 3.63 27.98 -29.84
N HIS A 519 2.81 26.98 -29.59
CA HIS A 519 2.60 25.85 -30.48
C HIS A 519 1.26 25.23 -30.12
N HIS A 520 0.81 24.32 -30.97
CA HIS A 520 -0.45 23.61 -30.72
C HIS A 520 -0.34 22.67 -29.53
N GLY B 4 36.02 -7.70 23.27
CA GLY B 4 35.60 -9.05 23.56
C GLY B 4 34.09 -9.15 23.71
N LYS B 5 33.54 -8.28 24.54
CA LYS B 5 32.10 -8.26 24.74
C LYS B 5 31.41 -7.72 23.49
N PRO B 6 30.39 -8.39 22.98
CA PRO B 6 29.70 -7.90 21.78
C PRO B 6 28.77 -6.74 22.10
N ASN B 7 28.56 -5.91 21.08
CA ASN B 7 27.44 -4.97 21.14
C ASN B 7 26.13 -5.74 21.03
N ILE B 8 25.05 -5.11 21.48
CA ILE B 8 23.75 -5.76 21.54
C ILE B 8 22.69 -4.76 21.07
N LEU B 9 21.99 -5.10 20.00
CA LEU B 9 20.86 -4.32 19.51
C LEU B 9 19.60 -5.14 19.75
N ILE B 10 18.74 -4.66 20.64
CA ILE B 10 17.45 -5.28 20.89
C ILE B 10 16.42 -4.50 20.10
N ILE B 11 15.72 -5.19 19.22
CA ILE B 11 14.63 -4.61 18.46
C ILE B 11 13.35 -5.20 19.01
N MET B 12 12.48 -4.35 19.53
CA MET B 12 11.26 -4.81 20.18
C MET B 12 10.09 -4.15 19.48
N VAL B 13 9.02 -4.92 19.26
CA VAL B 13 7.78 -4.37 18.72
C VAL B 13 6.64 -4.76 19.65
N ASP B 14 5.51 -4.09 19.50
CA ASP B 14 4.43 -4.17 20.47
C ASP B 14 3.21 -4.84 19.83
N GLN B 15 2.70 -5.88 20.50
CA GLN B 15 1.44 -6.51 20.10
C GLN B 15 1.60 -7.29 18.80
N LEU B 16 2.74 -7.99 18.65
CA LEU B 16 3.01 -8.82 17.47
C LEU B 16 2.66 -10.27 17.78
N ASN B 17 1.53 -10.73 17.23
CA ASN B 17 1.13 -12.14 17.29
C ASN B 17 2.25 -13.07 16.82
N GLY B 18 2.74 -13.90 17.75
CA GLY B 18 3.87 -14.76 17.45
C GLY B 18 3.59 -15.84 16.42
N LYS B 19 2.32 -16.16 16.20
CA LYS B 19 1.97 -17.15 15.18
C LYS B 19 2.32 -16.66 13.79
N LEU B 20 2.55 -15.35 13.63
CA LEU B 20 2.99 -14.77 12.35
C LEU B 20 4.48 -14.94 12.09
N PHE B 21 5.22 -15.54 13.02
CA PHE B 21 6.63 -15.90 12.82
C PHE B 21 6.82 -17.42 12.98
N PRO B 22 6.32 -18.20 12.02
CA PRO B 22 6.53 -19.66 12.12
C PRO B 22 7.98 -20.07 11.99
N ASP B 23 8.77 -19.30 11.24
CA ASP B 23 10.17 -19.59 10.95
C ASP B 23 10.79 -18.29 10.45
N GLY B 24 10.89 -17.31 11.33
CA GLY B 24 10.95 -15.94 10.90
C GLY B 24 9.58 -15.54 10.37
N PRO B 25 9.48 -14.36 9.77
CA PRO B 25 8.16 -13.89 9.30
C PRO B 25 7.48 -14.88 8.38
N ALA B 26 6.15 -14.92 8.48
CA ALA B 26 5.38 -15.79 7.60
C ALA B 26 5.58 -15.36 6.14
N ASP B 27 5.42 -16.34 5.24
CA ASP B 27 5.71 -16.11 3.83
C ASP B 27 4.91 -14.93 3.28
N PHE B 28 3.62 -14.85 3.63
CA PHE B 28 2.74 -13.86 3.03
C PHE B 28 3.05 -12.44 3.49
N LEU B 29 3.82 -12.26 4.56
CA LEU B 29 4.18 -10.91 5.00
C LEU B 29 5.27 -10.33 4.09
N HIS B 30 5.13 -9.05 3.75
CA HIS B 30 6.20 -8.33 3.05
CA HIS B 30 6.19 -8.33 3.05
C HIS B 30 7.15 -7.83 4.13
N ALA B 31 8.17 -8.62 4.42
CA ALA B 31 9.10 -8.31 5.51
C ALA B 31 10.48 -8.81 5.10
N PRO B 32 11.04 -8.28 4.01
CA PRO B 32 12.32 -8.82 3.52
C PRO B 32 13.45 -8.61 4.51
N ASN B 33 13.45 -7.50 5.24
CA ASN B 33 14.54 -7.25 6.16
C ASN B 33 14.47 -8.19 7.36
N LEU B 34 13.27 -8.40 7.91
CA LEU B 34 13.13 -9.34 9.01
C LEU B 34 13.31 -10.78 8.55
N LYS B 35 12.99 -11.07 7.28
CA LYS B 35 13.22 -12.43 6.80
C LYS B 35 14.71 -12.71 6.65
N ALA B 36 15.48 -11.72 6.20
CA ALA B 36 16.92 -11.92 6.07
C ALA B 36 17.57 -12.01 7.45
N LEU B 37 17.09 -11.21 8.40
CA LEU B 37 17.57 -11.35 9.77
C LEU B 37 17.27 -12.76 10.30
N ALA B 38 16.09 -13.28 10.00
CA ALA B 38 15.70 -14.58 10.56
C ALA B 38 16.56 -15.70 10.01
N LYS B 39 16.87 -15.68 8.71
CA LYS B 39 17.75 -16.70 8.15
CA LYS B 39 17.75 -16.70 8.15
C LYS B 39 19.07 -16.80 8.93
N ARG B 40 19.48 -15.69 9.53
CA ARG B 40 20.73 -15.51 10.22
C ARG B 40 20.64 -15.81 11.72
N SER B 41 19.44 -16.10 12.22
CA SER B 41 19.21 -16.11 13.66
C SER B 41 18.88 -17.50 14.17
N ALA B 42 19.05 -17.66 15.48
CA ALA B 42 18.33 -18.69 16.23
C ALA B 42 16.91 -18.20 16.42
N ARG B 43 15.94 -18.98 15.98
CA ARG B 43 14.53 -18.56 15.96
C ARG B 43 13.77 -19.47 16.92
N PHE B 44 13.10 -18.86 17.88
CA PHE B 44 12.35 -19.61 18.91
C PHE B 44 10.88 -19.56 18.53
N HIS B 45 10.42 -20.66 17.93
CA HIS B 45 9.11 -20.72 17.30
C HIS B 45 8.00 -20.63 18.33
N ASN B 46 8.14 -21.36 19.44
CA ASN B 46 7.11 -21.43 20.47
C ASN B 46 7.50 -20.57 21.66
N ASN B 47 7.69 -19.28 21.41
CA ASN B 47 8.04 -18.32 22.46
C ASN B 47 6.79 -17.60 22.96
N TYR B 48 6.71 -17.43 24.28
CA TYR B 48 5.55 -16.84 24.92
C TYR B 48 5.95 -15.59 25.70
N THR B 49 5.00 -14.68 25.82
CA THR B 49 5.15 -13.61 26.81
C THR B 49 4.95 -14.18 28.21
N SER B 50 5.39 -13.41 29.21
CA SER B 50 5.15 -13.76 30.59
C SER B 50 3.79 -13.31 31.09
N SER B 51 3.18 -12.34 30.43
CA SER B 51 1.89 -11.77 30.80
C SER B 51 1.33 -11.03 29.59
N PRO B 52 0.10 -11.33 29.14
CA PRO B 52 -0.44 -10.73 27.91
C PRO B 52 -0.97 -9.31 28.11
N LEU B 53 -0.08 -8.40 28.51
CA LEU B 53 -0.41 -7.00 28.71
C LEU B 53 0.90 -6.23 28.76
N SER B 54 0.86 -4.98 28.31
CA SER B 54 2.05 -4.19 28.05
C SER B 54 2.94 -4.00 29.27
N ALA B 55 2.47 -3.28 30.28
CA ALA B 55 3.38 -3.00 31.41
C ALA B 55 3.80 -4.27 32.13
N PRO B 56 2.92 -5.22 32.46
CA PRO B 56 3.39 -6.44 33.11
C PRO B 56 4.38 -7.22 32.27
N ALA B 57 4.14 -7.33 30.97
CA ALA B 57 5.06 -8.07 30.12
C ALA B 57 6.42 -7.39 30.05
N ARG B 58 6.42 -6.07 30.01
CA ARG B 58 7.66 -5.32 29.87
C ARG B 58 8.45 -5.25 31.17
N ALA B 59 7.79 -5.05 32.30
CA ALA B 59 8.51 -5.10 33.56
C ALA B 59 9.12 -6.48 33.76
N SER B 60 8.35 -7.53 33.44
CA SER B 60 8.87 -8.89 33.55
C SER B 60 10.01 -9.13 32.58
N PHE B 61 9.87 -8.64 31.35
CA PHE B 61 10.91 -8.78 30.34
C PHE B 61 12.22 -8.16 30.81
N MET B 62 12.16 -6.93 31.32
N MET B 62 12.17 -6.93 31.33
CA MET B 62 13.37 -6.24 31.77
CA MET B 62 13.40 -6.26 31.76
C MET B 62 14.05 -7.01 32.90
C MET B 62 14.07 -6.98 32.92
N ALA B 63 13.27 -7.47 33.86
CA ALA B 63 13.81 -8.10 35.06
C ALA B 63 14.04 -9.60 34.92
N GLY B 64 13.50 -10.23 33.88
CA GLY B 64 13.45 -11.69 33.86
C GLY B 64 12.74 -12.26 35.05
N GLN B 65 11.68 -11.59 35.51
CA GLN B 65 10.90 -12.01 36.66
C GLN B 65 9.43 -11.97 36.29
N LEU B 66 8.66 -12.94 36.79
CA LEU B 66 7.21 -12.93 36.55
C LEU B 66 6.53 -11.76 37.26
N PRO B 67 5.33 -11.38 36.82
CA PRO B 67 4.58 -10.32 37.52
C PRO B 67 4.38 -10.56 39.01
N SER B 68 4.16 -11.80 39.42
CA SER B 68 3.99 -12.07 40.83
C SER B 68 5.23 -11.69 41.64
N ARG B 69 6.38 -11.61 40.99
CA ARG B 69 7.63 -11.22 41.63
C ARG B 69 7.97 -9.75 41.42
N THR B 70 7.73 -9.20 40.22
CA THR B 70 7.94 -7.77 40.03
C THR B 70 6.87 -6.94 40.73
N ARG B 71 5.70 -7.53 41.00
CA ARG B 71 4.51 -6.85 41.50
C ARG B 71 3.88 -5.92 40.45
N VAL B 72 4.35 -5.94 39.21
CA VAL B 72 3.74 -5.12 38.13
C VAL B 72 2.64 -5.99 37.53
N TYR B 73 1.48 -5.94 38.17
CA TYR B 73 0.34 -6.78 37.82
C TYR B 73 -0.45 -6.25 36.64
N ASP B 74 -0.38 -4.96 36.35
CA ASP B 74 -1.27 -4.33 35.38
C ASP B 74 -0.60 -3.09 34.81
N ASN B 75 -1.33 -2.35 33.99
CA ASN B 75 -0.75 -1.25 33.24
C ASN B 75 -0.57 0.02 34.05
N ALA B 76 -0.81 -0.02 35.37
CA ALA B 76 -0.62 1.17 36.19
C ALA B 76 0.08 0.84 37.51
N ALA B 77 0.71 -0.33 37.59
CA ALA B 77 1.33 -0.80 38.82
C ALA B 77 2.78 -0.32 38.88
N GLU B 78 3.17 0.20 40.04
CA GLU B 78 4.50 0.75 40.22
C GLU B 78 5.56 -0.31 40.03
N TYR B 79 6.60 0.01 39.24
CA TYR B 79 7.77 -0.83 39.05
C TYR B 79 8.88 -0.24 39.92
N GLN B 80 9.29 -0.98 40.94
CA GLN B 80 10.25 -0.50 41.90
C GLN B 80 11.61 -0.28 41.27
N SER B 81 12.22 0.87 41.56
CA SER B 81 13.53 1.17 41.00
C SER B 81 14.60 0.19 41.46
N SER B 82 14.39 -0.48 42.59
CA SER B 82 15.43 -1.36 43.13
C SER B 82 15.46 -2.73 42.47
N ILE B 83 14.59 -3.01 41.51
CA ILE B 83 14.57 -4.33 40.87
C ILE B 83 15.60 -4.36 39.74
N PRO B 84 16.60 -5.26 39.81
CA PRO B 84 17.60 -5.29 38.72
C PRO B 84 16.97 -5.75 37.40
N THR B 85 17.41 -5.10 36.32
CA THR B 85 17.00 -5.37 34.95
C THR B 85 18.23 -5.74 34.13
N TYR B 86 18.01 -6.19 32.90
CA TYR B 86 19.16 -6.46 32.02
C TYR B 86 19.98 -5.20 31.80
N ALA B 87 19.36 -4.02 31.87
CA ALA B 87 20.12 -2.78 31.79
C ALA B 87 21.14 -2.69 32.92
N HIS B 88 20.71 -2.96 34.16
CA HIS B 88 21.64 -3.00 35.28
C HIS B 88 22.71 -4.05 35.07
N HIS B 89 22.30 -5.29 34.75
CA HIS B 89 23.27 -6.38 34.63
C HIS B 89 24.35 -6.04 33.62
N LEU B 90 23.95 -5.58 32.43
CA LEU B 90 24.92 -5.21 31.40
C LEU B 90 25.73 -3.96 31.80
N ARG B 91 25.05 -2.99 32.43
CA ARG B 91 25.75 -1.77 32.85
C ARG B 91 26.79 -2.08 33.92
N ARG B 92 26.43 -2.95 34.87
CA ARG B 92 27.39 -3.37 35.89
C ARG B 92 28.61 -4.02 35.27
N ALA B 93 28.42 -4.73 34.17
CA ALA B 93 29.49 -5.45 33.48
C ALA B 93 30.22 -4.59 32.46
N GLY B 94 29.90 -3.31 32.37
CA GLY B 94 30.68 -2.38 31.56
C GLY B 94 30.05 -1.90 30.27
N TYR B 95 28.76 -2.10 30.09
CA TYR B 95 28.05 -1.66 28.89
C TYR B 95 27.48 -0.26 29.04
N TYR B 96 27.58 0.51 27.98
CA TYR B 96 26.67 1.65 27.80
C TYR B 96 25.30 1.07 27.41
N THR B 97 24.25 1.53 28.07
CA THR B 97 22.90 1.02 27.82
C THR B 97 21.96 2.18 27.52
N ALA B 98 21.11 1.98 26.51
CA ALA B 98 20.20 3.03 26.09
C ALA B 98 18.90 2.42 25.56
N LEU B 99 17.85 3.22 25.65
CA LEU B 99 16.52 2.85 25.17
C LEU B 99 16.00 3.97 24.28
N SER B 100 15.51 3.60 23.10
CA SER B 100 14.72 4.48 22.27
C SER B 100 13.34 3.84 22.12
N GLY B 101 12.31 4.54 22.55
CA GLY B 101 10.95 4.05 22.40
C GLY B 101 10.27 3.60 23.67
N LYS B 102 9.37 2.64 23.55
CA LYS B 102 8.39 2.35 24.57
C LYS B 102 8.87 1.29 25.55
N MET B 103 8.51 1.46 26.82
CA MET B 103 8.64 0.35 27.75
C MET B 103 7.57 0.35 28.83
N HIS B 104 6.68 1.34 28.85
CA HIS B 104 5.49 1.35 29.70
C HIS B 104 5.87 1.09 31.14
N LEU B 105 6.91 1.78 31.59
CA LEU B 105 7.31 1.77 32.98
C LEU B 105 6.41 2.71 33.73
N VAL B 106 5.87 2.25 34.86
CA VAL B 106 4.97 3.06 35.69
C VAL B 106 5.68 3.39 36.98
N GLY B 107 5.63 4.67 37.35
CA GLY B 107 6.30 5.16 38.51
C GLY B 107 7.30 6.24 38.14
N PRO B 108 7.88 6.88 39.14
CA PRO B 108 8.80 7.99 38.87
C PRO B 108 10.11 7.57 38.21
N ASP B 109 10.50 6.31 38.27
CA ASP B 109 11.70 5.86 37.58
C ASP B 109 11.32 5.48 36.15
N GLN B 110 11.86 6.21 35.17
CA GLN B 110 11.59 5.94 33.77
C GLN B 110 12.81 5.38 33.04
N LEU B 111 13.85 4.99 33.78
CA LEU B 111 15.07 4.43 33.21
C LEU B 111 15.27 2.98 33.61
N HIS B 112 15.07 2.64 34.89
CA HIS B 112 15.26 1.28 35.42
C HIS B 112 16.55 0.65 34.93
N GLY B 113 17.65 1.37 35.10
CA GLY B 113 18.97 0.90 34.77
C GLY B 113 19.53 1.44 33.46
N PHE B 114 18.67 1.83 32.52
CA PHE B 114 19.16 2.40 31.27
C PHE B 114 19.95 3.66 31.59
N GLU B 115 21.13 3.80 30.97
CA GLU B 115 21.94 4.98 31.22
C GLU B 115 21.38 6.19 30.51
N GLU B 116 20.75 5.99 29.36
CA GLU B 116 20.18 7.08 28.58
C GLU B 116 18.90 6.58 27.93
N ARG B 117 17.88 7.44 27.90
CA ARG B 117 16.62 7.14 27.22
C ARG B 117 16.30 8.27 26.26
N LEU B 118 16.16 7.94 24.97
CA LEU B 118 16.17 8.94 23.93
C LEU B 118 14.80 9.52 23.60
N THR B 119 13.73 8.86 24.02
CA THR B 119 12.36 9.32 23.81
C THR B 119 11.59 9.22 25.13
N THR B 120 10.48 9.96 25.22
CA THR B 120 9.51 9.72 26.28
C THR B 120 8.74 8.45 25.95
N ASP B 121 7.82 8.08 26.83
CA ASP B 121 6.96 6.94 26.55
C ASP B 121 5.70 7.41 25.83
N ILE B 122 5.14 6.53 25.00
CA ILE B 122 3.88 6.86 24.33
C ILE B 122 2.71 6.79 25.31
N TYR B 123 2.83 6.01 26.36
CA TYR B 123 1.74 5.75 27.29
C TYR B 123 2.07 6.35 28.65
N PRO B 124 1.09 6.42 29.55
CA PRO B 124 1.27 7.16 30.80
C PRO B 124 2.19 6.43 31.75
N ALA B 125 2.79 7.22 32.65
CA ALA B 125 3.70 6.72 33.66
C ALA B 125 3.09 6.69 35.07
N ASP B 126 1.80 6.98 35.21
CA ASP B 126 1.17 7.12 36.51
C ASP B 126 0.12 6.05 36.74
N PHE B 127 -0.62 6.15 37.86
CA PHE B 127 -1.47 5.05 38.31
C PHE B 127 -2.90 5.11 37.75
N GLY B 128 -3.13 5.84 36.66
CA GLY B 128 -4.50 6.06 36.22
C GLY B 128 -5.20 4.80 35.76
N TRP B 129 -4.49 3.90 35.11
CA TRP B 129 -5.11 2.69 34.54
C TRP B 129 -5.15 1.54 35.55
N THR B 130 -5.38 1.84 36.83
CA THR B 130 -5.39 0.80 37.86
C THR B 130 -6.73 0.08 37.88
N PRO B 131 -6.78 -1.22 37.60
CA PRO B 131 -8.04 -1.94 37.72
C PRO B 131 -8.50 -2.03 39.18
N ASP B 132 -9.76 -2.44 39.35
CA ASP B 132 -10.33 -2.57 40.70
C ASP B 132 -11.18 -3.83 40.79
N TYR B 133 -10.61 -4.86 41.42
CA TYR B 133 -11.29 -6.13 41.63
C TYR B 133 -12.53 -6.00 42.50
N ARG B 134 -12.71 -4.85 43.17
CA ARG B 134 -13.91 -4.63 43.95
C ARG B 134 -15.12 -4.32 43.07
N LYS B 135 -14.90 -3.95 41.82
CA LYS B 135 -15.96 -3.59 40.89
C LYS B 135 -15.90 -4.49 39.65
N PRO B 136 -16.07 -5.79 39.83
CA PRO B 136 -16.08 -6.70 38.67
C PRO B 136 -17.26 -6.39 37.75
N GLY B 137 -16.95 -6.24 36.46
CA GLY B 137 -17.94 -5.89 35.45
C GLY B 137 -17.79 -4.49 34.90
N GLU B 138 -17.21 -3.58 35.66
CA GLU B 138 -17.03 -2.22 35.15
C GLU B 138 -16.02 -2.21 33.99
N ARG B 139 -16.08 -1.14 33.21
CA ARG B 139 -15.01 -0.82 32.26
C ARG B 139 -14.85 0.69 32.25
N ILE B 140 -13.66 1.14 31.85
CA ILE B 140 -13.30 2.55 31.81
C ILE B 140 -13.18 2.94 30.34
N ASP B 141 -14.20 3.63 29.82
CA ASP B 141 -14.28 3.85 28.39
C ASP B 141 -13.13 4.71 27.87
N TRP B 142 -12.62 5.65 28.67
CA TRP B 142 -11.65 6.59 28.14
C TRP B 142 -10.26 5.99 27.98
N TRP B 143 -10.04 4.74 28.37
CA TRP B 143 -8.77 4.10 28.07
C TRP B 143 -8.86 2.61 27.77
N TYR B 144 -9.94 1.92 28.12
CA TYR B 144 -10.07 0.51 27.76
C TYR B 144 -10.02 0.34 26.24
N HIS B 145 -9.52 -0.82 25.82
CA HIS B 145 -9.69 -1.26 24.43
C HIS B 145 -11.17 -1.26 24.09
N ASN B 146 -11.47 -1.05 22.82
CA ASN B 146 -12.84 -1.24 22.34
C ASN B 146 -12.76 -1.56 20.85
N LEU B 147 -13.82 -2.21 20.35
CA LEU B 147 -13.82 -2.68 18.96
C LEU B 147 -13.89 -1.54 17.94
N GLY B 148 -13.86 -0.28 18.40
CA GLY B 148 -13.73 0.82 17.46
C GLY B 148 -12.40 0.81 16.73
N SER B 149 -11.38 0.20 17.34
CA SER B 149 -10.16 -0.07 16.58
C SER B 149 -10.47 -0.95 15.37
N VAL B 150 -11.39 -1.90 15.52
CA VAL B 150 -11.72 -2.79 14.42
C VAL B 150 -12.59 -2.07 13.39
N THR B 151 -13.60 -1.32 13.86
CA THR B 151 -14.47 -0.61 12.93
C THR B 151 -13.82 0.65 12.37
N GLY B 152 -12.74 1.11 12.99
CA GLY B 152 -12.07 2.34 12.61
C GLY B 152 -10.77 2.14 11.86
N ALA B 153 -10.46 0.91 11.43
CA ALA B 153 -9.22 0.64 10.74
C ALA B 153 -9.19 1.37 9.40
N GLY B 154 -7.98 1.68 8.95
CA GLY B 154 -7.88 2.35 7.65
C GLY B 154 -6.48 2.83 7.34
N VAL B 155 -6.43 3.95 6.62
CA VAL B 155 -5.21 4.46 6.02
C VAL B 155 -5.04 5.92 6.41
N ALA B 156 -3.84 6.27 6.87
CA ALA B 156 -3.48 7.64 7.18
C ALA B 156 -1.98 7.79 7.04
N GLU B 157 -1.54 9.02 6.79
CA GLU B 157 -0.13 9.28 6.61
C GLU B 157 0.58 9.64 7.92
N ILE B 158 -0.17 10.04 8.93
CA ILE B 158 0.40 10.19 10.27
C ILE B 158 -0.63 9.73 11.29
N THR B 159 -0.13 9.19 12.40
CA THR B 159 -0.96 8.83 13.54
C THR B 159 -0.15 9.14 14.80
N ASN B 160 -0.80 8.96 15.95
CA ASN B 160 -0.06 9.08 17.19
C ASN B 160 1.11 8.10 17.20
N GLN B 161 0.86 6.85 16.79
CA GLN B 161 1.88 5.83 16.85
C GLN B 161 2.94 6.02 15.77
N MET B 162 2.55 6.56 14.61
CA MET B 162 3.53 6.71 13.55
C MET B 162 4.46 7.88 13.85
N GLU B 163 3.93 8.96 14.43
CA GLU B 163 4.81 10.00 14.97
C GLU B 163 5.78 9.39 15.97
N TYR B 164 5.27 8.61 16.91
CA TYR B 164 6.15 8.01 17.92
C TYR B 164 7.23 7.16 17.28
N ASP B 165 6.83 6.20 16.44
CA ASP B 165 7.80 5.23 15.93
C ASP B 165 8.76 5.87 14.94
N ASP B 166 8.30 6.84 14.13
CA ASP B 166 9.22 7.56 13.25
C ASP B 166 10.35 8.16 14.07
N GLU B 167 10.02 8.67 15.27
CA GLU B 167 11.01 9.33 16.10
C GLU B 167 11.87 8.32 16.82
N VAL B 168 11.29 7.22 17.30
CA VAL B 168 12.07 6.15 17.90
C VAL B 168 13.15 5.70 16.93
N ALA B 169 12.76 5.44 15.68
CA ALA B 169 13.68 4.98 14.67
C ALA B 169 14.77 6.00 14.38
N PHE B 170 14.39 7.25 14.20
CA PHE B 170 15.41 8.23 13.85
C PHE B 170 16.49 8.32 14.93
N LEU B 171 16.05 8.39 16.20
CA LEU B 171 17.00 8.60 17.29
C LEU B 171 17.85 7.37 17.55
N ALA B 172 17.31 6.17 17.30
CA ALA B 172 18.11 4.96 17.42
C ALA B 172 19.20 4.92 16.37
N ASN B 173 18.87 5.23 15.11
CA ASN B 173 19.90 5.29 14.08
C ASN B 173 20.90 6.39 14.39
N GLN B 174 20.42 7.52 14.91
CA GLN B 174 21.33 8.59 15.28
C GLN B 174 22.30 8.12 16.35
N LYS B 175 21.77 7.43 17.38
CA LYS B 175 22.61 6.94 18.45
C LYS B 175 23.63 5.95 17.93
N LEU B 176 23.22 5.08 17.00
CA LEU B 176 24.17 4.15 16.38
C LEU B 176 25.27 4.91 15.66
N TYR B 177 24.91 5.97 14.93
CA TYR B 177 25.91 6.78 14.27
C TYR B 177 26.86 7.39 15.29
N GLN B 178 26.29 7.96 16.37
CA GLN B 178 27.13 8.54 17.39
C GLN B 178 28.08 7.50 17.98
N LEU B 179 27.55 6.31 18.28
CA LEU B 179 28.37 5.25 18.85
C LEU B 179 29.47 4.81 17.90
N SER B 180 29.21 4.87 16.59
CA SER B 180 30.23 4.44 15.64
C SER B 180 31.50 5.27 15.78
N ARG B 181 31.39 6.50 16.24
CA ARG B 181 32.56 7.37 16.37
C ARG B 181 33.54 6.87 17.42
N GLU B 182 33.11 6.00 18.33
CA GLU B 182 34.03 5.37 19.28
C GLU B 182 34.53 4.01 18.80
N ASN B 183 34.09 3.55 17.63
CA ASN B 183 34.33 2.19 17.18
C ASN B 183 35.81 1.86 17.02
N ASP B 184 36.67 2.85 16.87
CA ASP B 184 38.10 2.61 16.72
C ASP B 184 38.85 2.75 18.05
N ASP B 185 38.15 3.07 19.13
CA ASP B 185 38.78 3.30 20.42
C ASP B 185 38.81 2.01 21.22
N GLU B 186 40.02 1.51 21.51
CA GLU B 186 40.15 0.25 22.22
C GLU B 186 39.58 0.31 23.63
N SER B 187 39.47 1.50 24.22
CA SER B 187 38.93 1.66 25.57
C SER B 187 37.44 1.97 25.59
N ARG B 188 36.76 1.90 24.45
CA ARG B 188 35.33 2.15 24.43
C ARG B 188 34.59 1.13 25.29
N ARG B 189 33.37 1.49 25.69
CA ARG B 189 32.51 0.49 26.30
C ARG B 189 31.69 -0.20 25.21
N PRO B 190 31.41 -1.50 25.33
CA PRO B 190 30.38 -2.09 24.46
C PRO B 190 29.05 -1.43 24.78
N TRP B 191 28.16 -1.43 23.79
CA TRP B 191 26.88 -0.77 23.92
C TRP B 191 25.73 -1.77 23.75
N CYS B 192 24.62 -1.45 24.39
CA CYS B 192 23.37 -2.18 24.27
C CYS B 192 22.27 -1.15 24.05
N LEU B 193 21.71 -1.15 22.85
CA LEU B 193 20.63 -0.24 22.46
C LEU B 193 19.35 -1.05 22.30
N THR B 194 18.32 -0.68 23.05
CA THR B 194 16.98 -1.22 22.90
C THR B 194 16.15 -0.24 22.08
N VAL B 195 15.59 -0.72 20.97
CA VAL B 195 14.76 0.10 20.08
C VAL B 195 13.38 -0.53 20.13
N SER B 196 12.42 0.18 20.73
CA SER B 196 11.14 -0.40 21.11
C SER B 196 10.02 0.38 20.46
N PHE B 197 9.41 -0.23 19.45
CA PHE B 197 8.35 0.36 18.66
C PHE B 197 6.97 0.03 19.23
N THR B 198 6.02 0.95 19.00
CA THR B 198 4.65 0.74 19.42
C THR B 198 3.82 -0.03 18.40
N HIS B 199 4.17 0.03 17.12
CA HIS B 199 3.50 -0.81 16.14
C HIS B 199 3.88 -2.29 16.36
N PRO B 200 3.03 -3.22 15.91
CA PRO B 200 1.77 -3.03 15.19
C PRO B 200 0.53 -2.98 16.07
N HIS B 201 0.69 -2.61 17.33
CA HIS B 201 -0.39 -2.27 18.26
C HIS B 201 -1.40 -1.38 17.53
N ASP B 202 -2.68 -1.50 17.90
CA ASP B 202 -3.73 -0.67 17.32
C ASP B 202 -3.63 0.76 17.86
N PRO B 203 -4.33 1.72 17.24
CA PRO B 203 -5.26 1.63 16.10
C PRO B 203 -4.65 1.02 14.84
N TYR B 204 -5.43 0.20 14.14
CA TYR B 204 -4.99 -0.51 12.96
C TYR B 204 -5.08 0.45 11.77
N VAL B 205 -4.06 1.30 11.63
CA VAL B 205 -4.06 2.41 10.68
C VAL B 205 -2.66 2.51 10.11
N ALA B 206 -2.55 2.46 8.78
CA ALA B 206 -1.26 2.35 8.13
C ALA B 206 -1.13 3.37 7.02
N ARG B 207 0.11 3.75 6.74
CA ARG B 207 0.39 4.63 5.60
CA ARG B 207 0.40 4.62 5.61
C ARG B 207 0.02 3.90 4.31
N ARG B 208 -0.42 4.68 3.34
CA ARG B 208 -0.87 4.14 2.06
C ARG B 208 0.17 3.21 1.44
N LYS B 209 1.45 3.58 1.51
CA LYS B 209 2.49 2.79 0.85
C LYS B 209 2.49 1.35 1.33
N PHE B 210 2.31 1.12 2.63
CA PHE B 210 2.33 -0.22 3.20
C PHE B 210 1.00 -0.91 3.08
N TRP B 211 -0.09 -0.16 3.19
CA TRP B 211 -1.43 -0.71 2.96
C TRP B 211 -1.54 -1.32 1.56
N ASP B 212 -0.97 -0.65 0.55
CA ASP B 212 -1.07 -1.13 -0.82
C ASP B 212 -0.34 -2.44 -1.04
N LEU B 213 0.65 -2.76 -0.21
CA LEU B 213 1.38 -4.02 -0.33
C LEU B 213 0.49 -5.24 -0.15
N TYR B 214 -0.66 -5.09 0.50
CA TYR B 214 -1.51 -6.22 0.90
C TYR B 214 -2.84 -6.24 0.16
N GLU B 215 -2.91 -5.57 -0.99
CA GLU B 215 -4.15 -5.56 -1.77
C GLU B 215 -4.68 -6.97 -2.03
N ASP B 216 -3.79 -7.89 -2.40
CA ASP B 216 -4.18 -9.24 -2.77
C ASP B 216 -3.93 -10.25 -1.66
N CYS B 217 -3.78 -9.78 -0.42
CA CYS B 217 -3.46 -10.66 0.70
C CYS B 217 -4.55 -11.72 0.88
N GLU B 218 -4.11 -12.96 1.11
CA GLU B 218 -5.03 -14.06 1.32
C GLU B 218 -5.25 -14.40 2.79
N HIS B 219 -4.73 -13.58 3.71
CA HIS B 219 -4.79 -13.87 5.13
C HIS B 219 -5.63 -12.86 5.90
N LEU B 220 -6.61 -12.24 5.23
CA LEU B 220 -7.45 -11.22 5.85
C LEU B 220 -8.61 -11.79 6.66
N THR B 221 -8.82 -13.11 6.61
CA THR B 221 -9.83 -13.79 7.43
C THR B 221 -9.17 -14.57 8.54
N PRO B 222 -9.62 -14.43 9.80
CA PRO B 222 -9.05 -15.26 10.87
C PRO B 222 -9.36 -16.74 10.65
N GLU B 223 -8.51 -17.59 11.23
CA GLU B 223 -8.64 -19.03 11.02
C GLU B 223 -9.78 -19.61 11.82
N VAL B 224 -10.12 -19.00 12.95
CA VAL B 224 -11.27 -19.39 13.78
C VAL B 224 -12.22 -18.19 13.83
N GLY B 225 -13.48 -18.43 13.49
CA GLY B 225 -14.45 -17.37 13.44
C GLY B 225 -14.97 -16.95 14.80
N ALA B 226 -15.83 -15.94 14.78
CA ALA B 226 -16.37 -15.39 16.02
C ALA B 226 -17.19 -16.44 16.75
N ILE B 227 -16.83 -16.70 18.01
CA ILE B 227 -17.57 -17.60 18.88
C ILE B 227 -18.63 -16.76 19.59
N PRO B 228 -19.90 -17.13 19.54
CA PRO B 228 -20.93 -16.33 20.20
C PRO B 228 -20.68 -16.22 21.70
N LEU B 229 -21.16 -15.13 22.30
CA LEU B 229 -20.94 -14.91 23.73
C LEU B 229 -21.41 -16.10 24.56
N ASP B 230 -22.57 -16.66 24.23
CA ASP B 230 -23.10 -17.82 24.95
C ASP B 230 -22.09 -18.96 24.99
N GLU B 231 -21.36 -19.17 23.90
CA GLU B 231 -20.49 -20.32 23.73
C GLU B 231 -19.04 -20.03 24.12
N GLN B 232 -18.76 -18.82 24.58
CA GLN B 232 -17.41 -18.46 24.96
C GLN B 232 -17.11 -18.95 26.37
N ASP B 233 -15.82 -19.23 26.61
CA ASP B 233 -15.39 -19.50 27.97
C ASP B 233 -15.52 -18.23 28.80
N PRO B 234 -15.57 -18.35 30.13
CA PRO B 234 -15.84 -17.16 30.95
C PRO B 234 -14.87 -16.02 30.73
N HIS B 235 -13.57 -16.29 30.62
CA HIS B 235 -12.61 -15.21 30.47
C HIS B 235 -12.78 -14.50 29.12
N SER B 236 -13.04 -15.26 28.05
CA SER B 236 -13.29 -14.60 26.77
C SER B 236 -14.53 -13.72 26.86
N GLN B 237 -15.54 -14.15 27.63
CA GLN B 237 -16.72 -13.31 27.82
C GLN B 237 -16.35 -11.99 28.50
N ARG B 238 -15.55 -12.07 29.57
CA ARG B 238 -15.05 -10.87 30.24
C ARG B 238 -14.33 -9.93 29.26
N ILE B 239 -13.51 -10.49 28.37
CA ILE B 239 -12.77 -9.67 27.42
C ILE B 239 -13.72 -8.97 26.46
N MET B 240 -14.73 -9.68 25.97
CA MET B 240 -15.67 -9.07 25.03
C MET B 240 -16.45 -7.96 25.70
N LEU B 241 -16.89 -8.17 26.94
CA LEU B 241 -17.56 -7.10 27.67
C LEU B 241 -16.63 -5.92 27.85
N SER B 242 -15.35 -6.17 28.14
CA SER B 242 -14.44 -5.06 28.36
C SER B 242 -14.22 -4.27 27.07
N CYS B 243 -14.38 -4.93 25.92
CA CYS B 243 -14.24 -4.28 24.62
C CYS B 243 -15.53 -3.63 24.14
N ASP B 244 -16.55 -3.58 25.00
CA ASP B 244 -17.81 -2.89 24.67
C ASP B 244 -18.41 -3.47 23.40
N TYR B 245 -18.38 -4.80 23.29
CA TYR B 245 -18.70 -5.45 22.03
C TYR B 245 -20.14 -5.23 21.62
N GLN B 246 -21.04 -4.98 22.58
CA GLN B 246 -22.46 -4.84 22.25
C GLN B 246 -22.73 -3.58 21.42
N ASN B 247 -21.81 -2.62 21.41
CA ASN B 247 -22.04 -1.33 20.74
C ASN B 247 -21.24 -1.21 19.45
N PHE B 248 -20.77 -2.32 18.90
CA PHE B 248 -20.02 -2.32 17.65
C PHE B 248 -20.52 -3.44 16.77
N ASP B 249 -20.81 -3.11 15.52
CA ASP B 249 -21.22 -4.11 14.51
C ASP B 249 -20.00 -4.39 13.65
N VAL B 250 -19.23 -5.39 14.06
CA VAL B 250 -17.98 -5.75 13.38
C VAL B 250 -18.34 -6.62 12.17
N THR B 251 -18.16 -6.07 10.98
CA THR B 251 -18.45 -6.78 9.75
C THR B 251 -17.20 -7.50 9.23
N GLU B 252 -17.41 -8.37 8.25
CA GLU B 252 -16.27 -9.04 7.61
C GLU B 252 -15.31 -8.02 7.01
N GLU B 253 -15.83 -6.92 6.47
CA GLU B 253 -14.96 -5.88 5.91
C GLU B 253 -14.09 -5.27 7.00
N ASN B 254 -14.70 -4.95 8.14
CA ASN B 254 -13.94 -4.41 9.27
C ASN B 254 -12.82 -5.34 9.66
N VAL B 255 -13.11 -6.65 9.73
CA VAL B 255 -12.08 -7.61 10.12
C VAL B 255 -10.94 -7.60 9.12
N ARG B 256 -11.28 -7.55 7.83
CA ARG B 256 -10.27 -7.55 6.79
C ARG B 256 -9.45 -6.27 6.82
N ARG B 257 -10.12 -5.12 6.96
CA ARG B 257 -9.41 -3.85 6.96
C ARG B 257 -8.46 -3.77 8.13
N SER B 258 -8.88 -4.25 9.29
CA SER B 258 -8.03 -4.24 10.48
C SER B 258 -6.82 -5.12 10.30
N ARG B 259 -7.02 -6.36 9.84
CA ARG B 259 -5.88 -7.25 9.63
C ARG B 259 -4.96 -6.70 8.56
N ARG B 260 -5.53 -6.13 7.49
CA ARG B 260 -4.73 -5.56 6.42
C ARG B 260 -3.81 -4.45 6.94
N ALA B 261 -4.35 -3.53 7.74
CA ALA B 261 -3.52 -2.45 8.28
C ALA B 261 -2.48 -2.99 9.24
N TYR B 262 -2.83 -4.02 10.01
CA TYR B 262 -1.87 -4.65 10.91
C TYR B 262 -0.69 -5.21 10.16
N PHE B 263 -0.96 -6.01 9.11
CA PHE B 263 0.13 -6.52 8.28
C PHE B 263 0.90 -5.36 7.66
N ALA B 264 0.18 -4.31 7.26
CA ALA B 264 0.85 -3.16 6.65
C ALA B 264 1.80 -2.53 7.64
N ASN B 265 1.43 -2.47 8.91
CA ASN B 265 2.30 -1.91 9.93
C ASN B 265 3.45 -2.84 10.31
N ILE B 266 3.31 -4.14 10.08
CA ILE B 266 4.50 -4.99 10.16
C ILE B 266 5.50 -4.60 9.08
N SER B 267 5.00 -4.34 7.87
CA SER B 267 5.87 -3.91 6.80
C SER B 267 6.48 -2.54 7.08
N TYR B 268 5.70 -1.64 7.68
CA TYR B 268 6.25 -0.36 8.12
C TYR B 268 7.42 -0.57 9.07
N LEU B 269 7.28 -1.52 10.00
CA LEU B 269 8.40 -1.84 10.89
C LEU B 269 9.56 -2.48 10.12
N ASP B 270 9.25 -3.31 9.12
CA ASP B 270 10.33 -4.00 8.42
C ASP B 270 11.26 -3.03 7.73
N GLU B 271 10.71 -1.92 7.20
CA GLU B 271 11.56 -0.89 6.63
C GLU B 271 12.46 -0.28 7.70
N LYS B 272 11.92 -0.10 8.91
CA LYS B 272 12.72 0.44 9.99
C LYS B 272 13.79 -0.56 10.46
N VAL B 273 13.47 -1.85 10.48
CA VAL B 273 14.51 -2.85 10.71
C VAL B 273 15.62 -2.74 9.67
N GLY B 274 15.26 -2.57 8.41
CA GLY B 274 16.26 -2.39 7.37
C GLY B 274 17.16 -1.20 7.61
N GLU B 275 16.58 -0.07 8.02
CA GLU B 275 17.38 1.12 8.34
C GLU B 275 18.42 0.81 9.42
N LEU B 276 17.99 0.17 10.51
CA LEU B 276 18.92 -0.13 11.59
C LEU B 276 20.07 -1.00 11.11
N ILE B 277 19.74 -2.06 10.37
CA ILE B 277 20.77 -2.98 9.86
C ILE B 277 21.71 -2.26 8.90
N ASP B 278 21.15 -1.40 8.03
CA ASP B 278 21.98 -0.61 7.10
C ASP B 278 22.96 0.26 7.88
N THR B 279 22.48 0.96 8.90
CA THR B 279 23.38 1.76 9.72
C THR B 279 24.47 0.90 10.36
N LEU B 280 24.10 -0.25 10.91
CA LEU B 280 25.11 -1.14 11.47
C LEU B 280 26.13 -1.53 10.40
N THR B 281 25.66 -1.82 9.20
CA THR B 281 26.54 -2.30 8.15
C THR B 281 27.52 -1.21 7.70
N ARG B 282 26.99 -0.03 7.40
CA ARG B 282 27.83 1.04 6.88
C ARG B 282 28.77 1.62 7.93
N THR B 283 28.39 1.54 9.23
CA THR B 283 29.28 1.97 10.30
C THR B 283 30.28 0.89 10.70
N ARG B 284 30.19 -0.32 10.13
CA ARG B 284 31.12 -1.41 10.38
C ARG B 284 31.03 -1.97 11.80
N MET B 285 29.84 -1.87 12.39
CA MET B 285 29.55 -2.45 13.70
C MET B 285 28.71 -3.70 13.62
N LEU B 286 28.28 -4.10 12.42
CA LEU B 286 27.35 -5.22 12.28
C LEU B 286 27.95 -6.52 12.80
N ASP B 287 29.20 -6.81 12.43
CA ASP B 287 29.78 -8.12 12.73
C ASP B 287 30.04 -8.31 14.22
N ASP B 288 30.14 -7.25 14.99
CA ASP B 288 30.35 -7.33 16.43
C ASP B 288 29.07 -7.15 17.23
N THR B 289 27.90 -7.24 16.60
CA THR B 289 26.64 -6.88 17.22
C THR B 289 25.68 -8.05 17.20
N LEU B 290 25.27 -8.49 18.39
CA LEU B 290 24.12 -9.37 18.55
C LEU B 290 22.84 -8.61 18.28
N ILE B 291 21.91 -9.21 17.56
CA ILE B 291 20.63 -8.57 17.26
C ILE B 291 19.50 -9.46 17.74
N LEU B 292 18.66 -8.92 18.63
CA LEU B 292 17.50 -9.61 19.16
C LEU B 292 16.23 -8.99 18.58
N PHE B 293 15.26 -9.83 18.22
CA PHE B 293 13.94 -9.39 17.83
C PHE B 293 12.92 -10.03 18.76
N CYS B 294 12.02 -9.21 19.32
CA CYS B 294 11.13 -9.64 20.40
C CYS B 294 9.90 -8.74 20.44
N SER B 295 8.91 -9.15 21.23
CA SER B 295 7.65 -8.41 21.39
C SER B 295 7.09 -8.64 22.78
N ASP B 296 6.24 -7.72 23.25
CA ASP B 296 5.76 -7.83 24.62
C ASP B 296 4.58 -8.80 24.74
N HIS B 297 3.71 -8.84 23.74
CA HIS B 297 2.57 -9.75 23.73
C HIS B 297 2.01 -9.73 22.32
N GLY B 298 1.05 -10.62 22.06
CA GLY B 298 0.49 -10.78 20.74
C GLY B 298 -0.80 -10.02 20.53
N ASP B 299 -1.60 -10.49 19.58
CA ASP B 299 -2.88 -9.90 19.22
C ASP B 299 -3.72 -10.97 18.54
N MET B 300 -4.90 -11.26 19.10
CA MET B 300 -5.77 -12.29 18.54
C MET B 300 -6.15 -12.01 17.10
N LEU B 301 -6.27 -10.73 16.73
CA LEU B 301 -6.54 -10.31 15.36
C LEU B 301 -7.85 -10.90 14.83
N GLY B 302 -8.84 -11.01 15.69
CA GLY B 302 -10.15 -11.49 15.32
C GLY B 302 -10.35 -12.99 15.42
N GLU B 303 -9.28 -13.75 15.66
CA GLU B 303 -9.43 -15.19 15.85
C GLU B 303 -10.26 -15.46 17.10
N ARG B 304 -11.19 -16.41 16.98
CA ARG B 304 -12.18 -16.75 17.99
C ARG B 304 -13.17 -15.61 18.22
N GLY B 305 -13.14 -14.58 17.40
CA GLY B 305 -13.92 -13.37 17.64
C GLY B 305 -13.24 -12.34 18.52
N LEU B 306 -12.04 -12.65 19.01
CA LEU B 306 -11.36 -11.80 19.98
C LEU B 306 -10.34 -10.91 19.27
N TRP B 307 -10.05 -9.78 19.91
CA TRP B 307 -9.05 -8.83 19.46
C TRP B 307 -8.14 -8.50 20.63
N PHE B 308 -6.94 -8.04 20.30
CA PHE B 308 -5.93 -7.60 21.25
C PHE B 308 -5.42 -8.76 22.09
N LYS B 309 -5.22 -8.55 23.39
CA LYS B 309 -4.51 -9.53 24.21
C LYS B 309 -5.33 -9.86 25.46
N MET B 310 -4.68 -9.86 26.63
CA MET B 310 -5.34 -10.14 27.90
C MET B 310 -5.74 -11.61 28.10
N ASN B 311 -5.23 -12.53 27.29
CA ASN B 311 -5.53 -13.95 27.48
C ASN B 311 -4.31 -14.78 27.09
N PHE B 312 -4.41 -16.10 27.31
CA PHE B 312 -3.31 -17.01 27.10
C PHE B 312 -3.45 -17.82 25.80
N PHE B 313 -4.46 -17.55 24.98
CA PHE B 313 -4.55 -18.20 23.69
C PHE B 313 -3.33 -17.87 22.85
N GLU B 314 -3.05 -18.74 21.87
CA GLU B 314 -1.81 -18.61 21.09
C GLU B 314 -1.62 -17.20 20.55
N GLY B 315 -2.62 -16.68 19.82
CA GLY B 315 -2.44 -15.40 19.14
C GLY B 315 -2.09 -14.26 20.07
N SER B 316 -2.51 -14.35 21.34
CA SER B 316 -2.25 -13.34 22.34
C SER B 316 -0.99 -13.61 23.14
N ALA B 317 -0.68 -14.88 23.41
CA ALA B 317 0.42 -15.20 24.32
C ALA B 317 1.73 -15.45 23.60
N ARG B 318 1.70 -15.87 22.34
CA ARG B 318 2.92 -16.08 21.59
C ARG B 318 3.43 -14.77 21.00
N VAL B 319 4.74 -14.58 21.13
CA VAL B 319 5.44 -13.44 20.55
C VAL B 319 6.72 -13.98 19.92
N PRO B 320 7.16 -13.43 18.79
CA PRO B 320 8.37 -13.96 18.18
C PRO B 320 9.58 -13.71 19.07
N LEU B 321 10.61 -14.53 18.87
CA LEU B 321 11.90 -14.29 19.50
C LEU B 321 13.00 -14.83 18.59
N MET B 322 13.92 -13.95 18.19
CA MET B 322 15.07 -14.34 17.38
C MET B 322 16.33 -13.68 17.91
N ILE B 323 17.46 -14.37 17.74
CA ILE B 323 18.77 -13.86 18.14
C ILE B 323 19.77 -14.17 17.04
N ALA B 324 20.52 -13.15 16.61
CA ALA B 324 21.53 -13.30 15.57
C ALA B 324 22.81 -12.60 16.00
N GLY B 325 23.94 -13.07 15.48
CA GLY B 325 25.19 -12.37 15.63
C GLY B 325 26.35 -13.25 15.99
N PRO B 326 27.43 -12.62 16.49
CA PRO B 326 28.63 -13.41 16.79
C PRO B 326 28.35 -14.51 17.81
N GLY B 327 28.76 -15.73 17.45
CA GLY B 327 28.60 -16.86 18.31
C GLY B 327 27.23 -17.49 18.36
N ILE B 328 26.35 -17.14 17.43
CA ILE B 328 24.98 -17.66 17.41
C ILE B 328 24.82 -18.55 16.18
N ALA B 329 24.67 -19.85 16.40
CA ALA B 329 24.37 -20.74 15.30
C ALA B 329 22.91 -20.53 14.89
N PRO B 330 22.63 -20.31 13.60
CA PRO B 330 21.25 -20.18 13.17
C PRO B 330 20.50 -21.50 13.30
N GLY B 331 19.20 -21.41 13.44
CA GLY B 331 18.37 -22.60 13.49
C GLY B 331 16.99 -22.30 14.04
N LEU B 332 16.11 -23.26 13.87
CA LEU B 332 14.72 -23.17 14.34
C LEU B 332 14.57 -24.05 15.57
N HIS B 333 14.03 -23.50 16.66
CA HIS B 333 13.85 -24.21 17.90
C HIS B 333 12.37 -24.30 18.25
N LEU B 334 11.92 -25.53 18.58
CA LEU B 334 10.50 -25.81 18.79
C LEU B 334 10.12 -25.92 20.26
N THR B 335 11.07 -26.20 21.16
CA THR B 335 10.75 -26.25 22.58
C THR B 335 10.20 -24.91 23.08
N PRO B 336 9.12 -24.88 23.85
CA PRO B 336 8.61 -23.60 24.33
C PRO B 336 9.65 -22.80 25.10
N THR B 337 9.67 -21.50 24.84
CA THR B 337 10.54 -20.57 25.53
C THR B 337 9.71 -19.41 26.03
N SER B 338 10.33 -18.54 26.82
CA SER B 338 9.64 -17.42 27.45
C SER B 338 10.43 -16.13 27.26
N ASN B 339 9.70 -15.00 27.19
CA ASN B 339 10.32 -13.70 27.35
C ASN B 339 11.10 -13.62 28.66
N LEU B 340 10.73 -14.43 29.65
CA LEU B 340 11.47 -14.49 30.90
C LEU B 340 12.91 -14.93 30.69
N ASP B 341 13.22 -15.61 29.56
CA ASP B 341 14.56 -16.08 29.30
C ASP B 341 15.46 -15.01 28.67
N VAL B 342 14.92 -13.86 28.29
CA VAL B 342 15.72 -12.90 27.53
C VAL B 342 16.82 -12.32 28.41
N THR B 343 16.48 -11.91 29.63
CA THR B 343 17.50 -11.27 30.48
C THR B 343 18.62 -12.22 30.84
N PRO B 344 18.37 -13.46 31.26
CA PRO B 344 19.49 -14.37 31.49
C PRO B 344 20.25 -14.71 30.22
N THR B 345 19.58 -14.79 29.08
CA THR B 345 20.28 -14.99 27.81
C THR B 345 21.23 -13.85 27.52
N LEU B 346 20.74 -12.60 27.61
CA LEU B 346 21.58 -11.43 27.40
C LEU B 346 22.79 -11.46 28.32
N ALA B 347 22.59 -11.78 29.60
CA ALA B 347 23.70 -11.79 30.54
C ALA B 347 24.71 -12.86 30.16
N ASP B 348 24.23 -14.02 29.74
CA ASP B 348 25.14 -15.09 29.35
C ASP B 348 25.97 -14.66 28.13
N LEU B 349 25.30 -14.13 27.11
CA LEU B 349 26.00 -13.68 25.90
C LEU B 349 27.01 -12.58 26.21
N ALA B 350 26.77 -11.79 27.26
CA ALA B 350 27.64 -10.67 27.61
C ALA B 350 28.78 -11.07 28.52
N GLY B 351 28.91 -12.36 28.84
CA GLY B 351 30.00 -12.83 29.66
C GLY B 351 29.74 -12.81 31.14
N ILE B 352 28.52 -12.52 31.56
CA ILE B 352 28.20 -12.48 32.97
C ILE B 352 27.94 -13.89 33.47
N SER B 353 28.46 -14.19 34.65
CA SER B 353 28.38 -15.54 35.19
C SER B 353 26.95 -15.86 35.62
N LEU B 354 26.63 -17.16 35.60
CA LEU B 354 25.31 -17.60 36.03
C LEU B 354 25.04 -17.19 37.48
N GLU B 355 26.08 -17.26 38.32
CA GLU B 355 25.90 -16.95 39.74
CA GLU B 355 25.91 -16.96 39.74
C GLU B 355 25.50 -15.51 39.96
N GLU B 356 26.01 -14.58 39.12
CA GLU B 356 25.70 -13.17 39.30
C GLU B 356 24.24 -12.84 38.97
N VAL B 357 23.58 -13.69 38.19
CA VAL B 357 22.23 -13.40 37.71
C VAL B 357 21.20 -14.38 38.27
N ARG B 358 21.63 -15.52 38.81
CA ARG B 358 20.70 -16.52 39.35
CA ARG B 358 20.70 -16.51 39.36
C ARG B 358 19.76 -15.95 40.39
N PRO B 359 20.19 -15.15 41.37
CA PRO B 359 19.24 -14.71 42.41
C PRO B 359 18.17 -13.76 41.90
N TRP B 360 18.31 -13.22 40.68
CA TRP B 360 17.49 -12.14 40.20
C TRP B 360 16.63 -12.50 39.01
N THR B 361 16.80 -13.70 38.47
N THR B 361 16.70 -13.73 38.49
CA THR B 361 15.99 -14.19 37.37
CA THR B 361 15.98 -14.08 37.28
C THR B 361 14.91 -15.12 37.88
C THR B 361 15.28 -15.42 37.46
N ASP B 362 14.03 -15.50 36.96
CA ASP B 362 13.20 -16.68 37.10
C ASP B 362 13.27 -17.58 35.88
N GLY B 363 13.85 -17.10 34.78
CA GLY B 363 14.00 -17.88 33.56
C GLY B 363 15.37 -18.50 33.43
N VAL B 364 15.71 -18.91 32.20
CA VAL B 364 16.94 -19.62 31.91
C VAL B 364 17.56 -19.05 30.64
N SER B 365 18.89 -19.09 30.56
CA SER B 365 19.57 -18.67 29.36
C SER B 365 19.23 -19.61 28.22
N LEU B 366 19.00 -19.05 27.04
CA LEU B 366 18.75 -19.81 25.83
C LEU B 366 20.02 -20.17 25.07
N VAL B 367 21.17 -19.70 25.52
CA VAL B 367 22.42 -20.00 24.82
C VAL B 367 22.65 -21.50 24.74
N PRO B 368 22.49 -22.29 25.81
CA PRO B 368 22.65 -23.75 25.67
C PRO B 368 21.76 -24.33 24.59
N MET B 369 20.51 -23.88 24.50
CA MET B 369 19.60 -24.36 23.46
C MET B 369 20.17 -24.04 22.08
N VAL B 370 20.62 -22.80 21.88
CA VAL B 370 21.23 -22.42 20.62
C VAL B 370 22.33 -23.39 20.23
N ASN B 371 23.04 -23.94 21.21
CA ASN B 371 24.17 -24.82 20.97
C ASN B 371 23.80 -26.29 21.13
N GLY B 372 22.52 -26.64 20.99
CA GLY B 372 22.11 -28.02 20.91
C GLY B 372 21.74 -28.69 22.21
N VAL B 373 21.72 -27.96 23.33
CA VAL B 373 21.39 -28.55 24.62
C VAL B 373 19.88 -28.47 24.83
N GLU B 374 19.29 -29.60 25.20
CA GLU B 374 17.85 -29.65 25.42
C GLU B 374 17.46 -28.81 26.65
N ARG B 375 16.38 -28.06 26.52
CA ARG B 375 15.84 -27.27 27.61
C ARG B 375 14.53 -27.91 28.05
N THR B 376 14.36 -28.08 29.37
CA THR B 376 13.19 -28.77 29.89
C THR B 376 12.33 -27.92 30.80
N GLU B 377 12.78 -26.72 31.19
CA GLU B 377 12.00 -25.92 32.11
C GLU B 377 10.68 -25.53 31.46
N PRO B 378 9.56 -25.65 32.16
CA PRO B 378 8.28 -25.19 31.59
C PRO B 378 8.28 -23.68 31.44
N VAL B 379 7.27 -23.21 30.71
CA VAL B 379 7.02 -21.78 30.51
C VAL B 379 5.79 -21.44 31.35
N LEU B 380 5.89 -20.39 32.16
CA LEU B 380 4.82 -19.95 33.02
C LEU B 380 4.36 -18.54 32.62
N MET B 381 3.06 -18.31 32.76
CA MET B 381 2.46 -17.02 32.45
C MET B 381 1.46 -16.65 33.52
N GLU B 382 1.22 -15.34 33.67
CA GLU B 382 0.30 -14.79 34.66
C GLU B 382 -0.47 -13.64 34.04
N TYR B 383 -1.67 -13.39 34.56
CA TYR B 383 -2.47 -12.24 34.15
C TYR B 383 -3.36 -11.81 35.30
N ALA B 384 -3.36 -10.50 35.61
CA ALA B 384 -4.17 -10.01 36.72
C ALA B 384 -4.56 -8.54 36.52
N ALA B 385 -5.06 -8.21 35.32
CA ALA B 385 -5.43 -6.84 34.97
C ALA B 385 -6.85 -6.78 34.39
N GLU B 386 -7.12 -5.78 33.54
CA GLU B 386 -8.46 -5.59 32.99
C GLU B 386 -9.02 -6.90 32.44
N ALA B 387 -10.31 -7.15 32.69
CA ALA B 387 -11.08 -8.28 32.21
C ALA B 387 -10.80 -9.54 33.02
N SER B 388 -9.88 -9.48 33.98
CA SER B 388 -9.81 -10.48 35.03
C SER B 388 -10.50 -9.92 36.26
N TYR B 389 -11.25 -10.76 36.96
CA TYR B 389 -11.79 -10.46 38.27
C TYR B 389 -11.01 -11.16 39.37
N ALA B 390 -10.08 -12.04 38.97
CA ALA B 390 -9.15 -12.73 39.85
C ALA B 390 -7.99 -13.17 38.99
N PRO B 391 -6.81 -13.40 39.58
CA PRO B 391 -5.64 -13.69 38.75
C PRO B 391 -5.79 -15.01 38.00
N LEU B 392 -5.21 -15.04 36.80
CA LEU B 392 -5.10 -16.27 36.02
C LEU B 392 -3.63 -16.64 35.86
N VAL B 393 -3.35 -17.96 35.86
CA VAL B 393 -2.01 -18.48 35.63
C VAL B 393 -2.07 -19.52 34.52
N ALA B 394 -0.92 -19.74 33.88
CA ALA B 394 -0.82 -20.69 32.78
C ALA B 394 0.53 -21.36 32.81
N ILE B 395 0.55 -22.65 32.45
CA ILE B 395 1.76 -23.45 32.34
C ILE B 395 1.82 -24.00 30.92
N ARG B 396 2.96 -23.84 30.27
CA ARG B 396 3.21 -24.35 28.92
C ARG B 396 4.42 -25.28 29.00
N GLU B 397 4.19 -26.56 28.74
CA GLU B 397 5.24 -27.56 28.87
C GLU B 397 5.01 -28.64 27.83
N GLY B 398 6.07 -29.01 27.10
CA GLY B 398 5.91 -29.98 26.04
C GLY B 398 4.84 -29.54 25.08
N LYS B 399 3.87 -30.43 24.82
CA LYS B 399 2.79 -30.16 23.89
C LYS B 399 1.57 -29.53 24.55
N TRP B 400 1.66 -29.18 25.83
CA TRP B 400 0.50 -28.87 26.66
C TRP B 400 0.46 -27.40 27.03
N LYS B 401 -0.75 -26.85 27.10
CA LYS B 401 -1.03 -25.58 27.75
C LYS B 401 -2.12 -25.81 28.79
N TYR B 402 -1.88 -25.39 30.03
CA TYR B 402 -2.82 -25.46 31.13
C TYR B 402 -3.10 -24.05 31.63
N VAL B 403 -4.37 -23.73 31.85
CA VAL B 403 -4.78 -22.42 32.31
C VAL B 403 -5.72 -22.60 33.49
N TYR B 404 -5.47 -21.85 34.55
CA TYR B 404 -6.25 -21.94 35.78
C TYR B 404 -6.66 -20.55 36.22
N CYS B 405 -7.90 -20.44 36.69
CA CYS B 405 -8.40 -19.26 37.38
C CYS B 405 -9.41 -19.76 38.42
N ALA B 406 -9.29 -19.27 39.66
CA ALA B 406 -10.17 -19.75 40.71
C ALA B 406 -11.64 -19.55 40.34
N LEU B 407 -11.94 -18.63 39.42
CA LEU B 407 -13.32 -18.33 39.06
C LEU B 407 -13.84 -19.11 37.87
N ASP B 408 -12.97 -19.78 37.13
CA ASP B 408 -13.33 -20.36 35.85
C ASP B 408 -13.03 -21.85 35.80
N PRO B 409 -13.69 -22.60 34.93
CA PRO B 409 -13.24 -23.96 34.65
C PRO B 409 -11.83 -23.93 34.08
N GLU B 410 -11.05 -24.97 34.40
CA GLU B 410 -9.71 -25.09 33.87
C GLU B 410 -9.76 -25.28 32.35
N GLN B 411 -8.65 -24.96 31.69
CA GLN B 411 -8.43 -25.25 30.28
C GLN B 411 -7.17 -26.08 30.13
N LEU B 412 -7.22 -27.11 29.29
CA LEU B 412 -6.06 -27.92 28.96
C LEU B 412 -6.08 -28.18 27.47
N PHE B 413 -5.02 -27.79 26.78
CA PHE B 413 -4.92 -27.93 25.33
C PHE B 413 -3.70 -28.76 24.97
N ASP B 414 -3.89 -29.67 24.03
CA ASP B 414 -2.81 -30.42 23.40
C ASP B 414 -2.53 -29.71 22.08
N LEU B 415 -1.47 -28.91 22.06
CA LEU B 415 -1.20 -28.02 20.94
C LEU B 415 -0.67 -28.75 19.72
N GLU B 416 -0.15 -29.97 19.89
CA GLU B 416 0.26 -30.76 18.74
C GLU B 416 -0.95 -31.26 17.97
N ALA B 417 -1.94 -31.77 18.68
CA ALA B 417 -3.16 -32.31 18.09
C ALA B 417 -4.21 -31.25 17.83
N ASP B 418 -4.14 -30.11 18.51
CA ASP B 418 -5.19 -29.10 18.52
C ASP B 418 -4.54 -27.72 18.54
N PRO B 419 -3.83 -27.35 17.46
CA PRO B 419 -3.04 -26.10 17.49
C PRO B 419 -3.88 -24.84 17.63
N LEU B 420 -5.14 -24.87 17.23
CA LEU B 420 -6.06 -23.75 17.42
C LEU B 420 -6.84 -23.83 18.72
N GLU B 421 -6.50 -24.79 19.60
CA GLU B 421 -7.07 -24.85 20.94
C GLU B 421 -8.60 -24.81 20.91
N LEU B 422 -9.17 -25.70 20.09
CA LEU B 422 -10.61 -25.81 19.96
C LEU B 422 -11.23 -26.85 20.88
N THR B 423 -10.42 -27.72 21.50
CA THR B 423 -10.92 -28.78 22.36
C THR B 423 -10.30 -28.64 23.74
N ASN B 424 -11.14 -28.36 24.73
CA ASN B 424 -10.71 -28.24 26.11
C ASN B 424 -10.68 -29.63 26.74
N LEU B 425 -9.47 -30.18 26.91
CA LEU B 425 -9.31 -31.54 27.40
C LEU B 425 -9.50 -31.65 28.90
N ALA B 426 -9.45 -30.53 29.65
CA ALA B 426 -9.89 -30.57 31.04
C ALA B 426 -11.38 -30.89 31.12
N GLU B 427 -12.15 -30.36 30.17
CA GLU B 427 -13.59 -30.62 30.11
C GLU B 427 -13.90 -31.95 29.42
N ASN B 428 -13.14 -32.29 28.37
CA ASN B 428 -13.40 -33.47 27.56
C ASN B 428 -12.14 -34.31 27.44
N PRO B 429 -11.79 -35.02 28.51
CA PRO B 429 -10.60 -35.88 28.46
C PRO B 429 -10.74 -36.94 27.37
N ARG B 430 -9.64 -37.17 26.66
CA ARG B 430 -9.57 -38.26 25.69
C ARG B 430 -9.38 -39.61 26.37
N GLY B 431 -8.88 -39.65 27.59
CA GLY B 431 -8.61 -40.89 28.28
C GLY B 431 -7.83 -40.68 29.56
N PRO B 432 -7.35 -41.76 30.16
CA PRO B 432 -6.65 -41.63 31.45
C PRO B 432 -5.36 -40.83 31.39
N VAL B 433 -4.71 -40.73 30.23
CA VAL B 433 -3.50 -39.92 30.16
C VAL B 433 -3.85 -38.43 30.26
N ASP B 434 -4.90 -38.01 29.56
CA ASP B 434 -5.37 -36.63 29.70
C ASP B 434 -5.75 -36.34 31.16
N GLN B 435 -6.38 -37.30 31.82
CA GLN B 435 -6.82 -37.09 33.19
C GLN B 435 -5.64 -36.93 34.14
N ALA B 436 -4.65 -37.84 34.02
CA ALA B 436 -3.47 -37.72 34.87
C ALA B 436 -2.65 -36.50 34.50
N THR B 437 -2.70 -36.08 33.24
CA THR B 437 -1.98 -34.87 32.84
C THR B 437 -2.58 -33.65 33.51
N LEU B 438 -3.91 -33.59 33.58
CA LEU B 438 -4.57 -32.49 34.29
C LEU B 438 -4.16 -32.49 35.77
N THR B 439 -4.17 -33.67 36.40
CA THR B 439 -3.76 -33.75 37.80
C THR B 439 -2.32 -33.29 37.98
N ALA B 440 -1.44 -33.71 37.07
CA ALA B 440 -0.04 -33.28 37.16
C ALA B 440 0.09 -31.77 37.09
N PHE B 441 -0.67 -31.13 36.20
CA PHE B 441 -0.57 -29.67 36.09
C PHE B 441 -1.20 -28.99 37.30
N ARG B 442 -2.30 -29.54 37.81
CA ARG B 442 -2.85 -29.02 39.06
C ARG B 442 -1.79 -29.03 40.17
N ASP B 443 -1.12 -30.15 40.33
CA ASP B 443 -0.06 -30.25 41.34
C ASP B 443 1.03 -29.22 41.07
N MET B 444 1.42 -29.05 39.80
CA MET B 444 2.46 -28.09 39.47
C MET B 444 2.02 -26.67 39.78
N ARG B 445 0.75 -26.34 39.47
CA ARG B 445 0.24 -25.01 39.75
C ARG B 445 0.23 -24.74 41.26
N ALA B 446 -0.30 -25.68 42.04
CA ALA B 446 -0.36 -25.50 43.49
C ALA B 446 1.04 -25.36 44.09
N ALA B 447 2.04 -25.98 43.46
CA ALA B 447 3.40 -25.90 44.00
C ALA B 447 4.04 -24.56 43.68
N HIS B 448 3.62 -23.90 42.61
CA HIS B 448 4.21 -22.64 42.18
C HIS B 448 3.46 -21.42 42.70
N TRP B 449 2.13 -21.47 42.75
CA TRP B 449 1.30 -20.32 43.03
C TRP B 449 0.38 -20.59 44.21
N ASP B 450 0.38 -19.69 45.19
CA ASP B 450 -0.71 -19.59 46.16
C ASP B 450 -1.72 -18.60 45.57
N MET B 451 -2.78 -19.11 44.95
CA MET B 451 -3.68 -18.23 44.21
C MET B 451 -4.45 -17.30 45.14
N GLU B 452 -4.70 -17.72 46.37
CA GLU B 452 -5.35 -16.84 47.34
CA GLU B 452 -5.35 -16.84 47.34
C GLU B 452 -4.44 -15.67 47.68
N ALA B 453 -3.16 -15.96 47.97
CA ALA B 453 -2.19 -14.91 48.23
C ALA B 453 -2.05 -13.98 47.03
N PHE B 454 -2.02 -14.55 45.82
CA PHE B 454 -1.93 -13.76 44.60
C PHE B 454 -3.06 -12.74 44.54
N ASP B 455 -4.31 -13.21 44.65
CA ASP B 455 -5.46 -12.31 44.59
C ASP B 455 -5.40 -11.26 45.70
N ALA B 456 -4.97 -11.65 46.90
CA ALA B 456 -4.89 -10.68 47.99
C ALA B 456 -3.84 -9.62 47.69
N ALA B 457 -2.67 -10.03 47.19
CA ALA B 457 -1.63 -9.06 46.85
C ALA B 457 -2.09 -8.11 45.75
N VAL B 458 -2.81 -8.63 44.74
CA VAL B 458 -3.28 -7.76 43.68
C VAL B 458 -4.30 -6.76 44.21
N ARG B 459 -5.24 -7.21 45.05
CA ARG B 459 -6.24 -6.29 45.61
C ARG B 459 -5.58 -5.20 46.45
N GLU B 460 -4.56 -5.55 47.24
CA GLU B 460 -3.88 -4.55 48.04
C GLU B 460 -3.18 -3.52 47.15
N SER B 461 -2.50 -3.99 46.10
CA SER B 461 -1.85 -3.06 45.18
C SER B 461 -2.87 -2.12 44.54
N GLN B 462 -4.03 -2.65 44.13
CA GLN B 462 -5.05 -1.83 43.50
C GLN B 462 -5.59 -0.80 44.47
N ALA B 463 -5.99 -1.24 45.66
CA ALA B 463 -6.58 -0.32 46.63
C ALA B 463 -5.60 0.80 46.96
N ARG B 464 -4.36 0.42 47.25
CA ARG B 464 -3.32 1.39 47.60
C ARG B 464 -3.20 2.47 46.54
N ARG B 465 -3.17 2.07 45.26
CA ARG B 465 -2.94 3.03 44.19
C ARG B 465 -4.14 3.96 44.03
N TRP B 466 -5.35 3.45 44.23
CA TRP B 466 -6.51 4.32 44.07
C TRP B 466 -6.55 5.40 45.15
N VAL B 467 -6.09 5.11 46.37
CA VAL B 467 -5.99 6.15 47.37
C VAL B 467 -4.99 7.20 46.91
N VAL B 468 -3.81 6.76 46.50
CA VAL B 468 -2.73 7.68 46.17
C VAL B 468 -3.04 8.47 44.90
N TYR B 469 -3.61 7.81 43.90
CA TYR B 469 -3.83 8.48 42.61
C TYR B 469 -4.92 9.55 42.75
N GLU B 470 -5.96 9.28 43.53
CA GLU B 470 -6.96 10.29 43.80
C GLU B 470 -6.32 11.54 44.40
N ALA B 471 -5.39 11.34 45.34
CA ALA B 471 -4.66 12.47 45.92
C ALA B 471 -3.83 13.17 44.86
N LEU B 472 -3.07 12.40 44.08
CA LEU B 472 -2.13 12.98 43.12
C LEU B 472 -2.83 13.76 42.02
N ARG B 473 -4.10 13.48 41.76
CA ARG B 473 -4.87 14.24 40.80
C ARG B 473 -5.66 15.37 41.46
N ASN B 474 -5.33 15.72 42.68
CA ASN B 474 -5.83 16.94 43.31
C ASN B 474 -4.73 17.98 43.26
N GLY B 475 -5.11 19.23 43.00
CA GLY B 475 -4.14 20.29 42.95
C GLY B 475 -3.24 20.19 41.74
N ALA B 476 -2.04 20.76 41.86
CA ALA B 476 -1.08 20.79 40.78
C ALA B 476 -0.51 19.41 40.55
N TYR B 477 -0.59 18.93 39.29
CA TYR B 477 -0.11 17.59 38.96
C TYR B 477 1.39 17.60 38.72
N TYR B 478 2.08 16.60 39.27
CA TYR B 478 3.50 16.41 39.03
C TYR B 478 3.72 15.22 38.11
N PRO B 479 4.06 15.45 36.83
CA PRO B 479 4.18 14.32 35.89
C PRO B 479 5.48 13.57 36.08
N TRP B 480 5.42 12.27 35.77
CA TRP B 480 6.56 11.38 35.84
C TRP B 480 7.08 11.01 34.44
N ASP B 481 6.55 11.62 33.40
CA ASP B 481 6.93 11.25 32.05
C ASP B 481 8.40 11.61 31.83
N HIS B 482 9.11 10.73 31.13
CA HIS B 482 10.52 10.95 30.90
C HIS B 482 10.74 12.10 29.92
N GLN B 483 11.62 13.02 30.28
CA GLN B 483 12.03 14.08 29.37
C GLN B 483 13.46 13.85 28.92
N PRO B 484 13.68 13.45 27.66
CA PRO B 484 15.06 13.23 27.18
C PRO B 484 16.00 14.38 27.53
N LEU B 485 17.26 14.02 27.83
CA LEU B 485 18.20 14.98 28.37
C LEU B 485 18.46 16.14 27.44
N GLN B 486 18.64 17.32 28.04
CA GLN B 486 19.02 18.53 27.29
C GLN B 486 20.54 18.64 27.21
N LYS B 487 21.07 18.85 26.00
CA LYS B 487 22.51 18.88 25.86
C LYS B 487 23.01 19.86 24.79
N ALA B 488 22.25 20.92 24.50
CA ALA B 488 22.58 21.76 23.34
C ALA B 488 23.91 22.47 23.52
N SER B 489 24.23 22.92 24.74
CA SER B 489 25.45 23.68 24.96
C SER B 489 26.71 22.83 24.81
N GLU B 490 26.57 21.50 24.73
CA GLU B 490 27.69 20.60 24.56
CA GLU B 490 27.68 20.59 24.56
C GLU B 490 27.72 19.94 23.19
N ARG B 491 26.77 20.26 22.32
CA ARG B 491 26.62 19.61 21.03
C ARG B 491 27.22 20.45 19.92
N TYR B 492 27.66 19.77 18.86
CA TYR B 492 28.14 20.43 17.63
C TYR B 492 29.32 21.33 18.00
N MET B 493 29.48 22.49 17.38
CA MET B 493 30.67 23.32 17.57
C MET B 493 30.37 24.42 18.59
N ARG B 494 31.17 24.45 19.67
CA ARG B 494 31.05 25.43 20.73
C ARG B 494 32.45 25.97 21.03
N ASN B 495 32.53 27.21 21.51
CA ASN B 495 33.83 27.86 21.50
C ASN B 495 34.73 27.55 22.67
N HIS B 496 34.55 26.42 23.35
CA HIS B 496 35.62 25.84 24.14
C HIS B 496 36.35 24.73 23.39
N MET B 497 36.07 24.53 22.11
CA MET B 497 36.65 23.43 21.36
CA MET B 497 36.61 23.44 21.34
C MET B 497 37.38 23.95 20.13
N ASN B 498 38.15 23.05 19.53
CA ASN B 498 38.91 23.31 18.31
C ASN B 498 38.11 22.71 17.15
N LEU B 499 37.82 23.53 16.14
CA LEU B 499 36.93 23.07 15.07
C LEU B 499 37.49 21.85 14.35
N ASP B 500 38.77 21.85 14.03
CA ASP B 500 39.34 20.73 13.31
C ASP B 500 39.30 19.46 14.13
N THR B 501 39.65 19.57 15.42
CA THR B 501 39.54 18.42 16.32
C THR B 501 38.11 17.90 16.35
N LEU B 502 37.14 18.81 16.47
CA LEU B 502 35.74 18.41 16.48
C LEU B 502 35.37 17.64 15.21
N GLU B 503 35.64 18.24 14.06
CA GLU B 503 35.25 17.61 12.80
C GLU B 503 35.81 16.19 12.71
N GLU B 504 37.10 16.02 13.02
CA GLU B 504 37.72 14.70 12.98
C GLU B 504 37.06 13.73 13.96
N SER B 505 36.75 14.18 15.18
CA SER B 505 36.17 13.27 16.16
C SER B 505 34.78 12.80 15.74
N LYS B 506 34.01 13.65 15.06
CA LYS B 506 32.64 13.35 14.68
C LYS B 506 32.53 12.67 13.32
N ARG B 507 33.66 12.44 12.66
CA ARG B 507 33.71 11.80 11.35
C ARG B 507 34.00 10.32 11.51
N TYR B 508 33.14 9.47 10.92
CA TYR B 508 33.40 8.04 10.99
C TYR B 508 32.73 7.33 9.83
N PRO B 509 33.42 6.39 9.15
CA PRO B 509 34.84 6.03 9.34
C PRO B 509 35.77 7.19 9.02
N ARG B 510 37.02 7.11 9.47
CA ARG B 510 38.00 8.19 9.34
C ARG B 510 39.05 7.86 8.30
N GLY B 511 39.61 8.90 7.68
CA GLY B 511 40.69 8.74 6.70
C GLY B 511 40.30 8.03 5.42
N GLU B 512 39.02 8.08 5.04
CA GLU B 512 38.52 7.30 3.92
C GLU B 512 38.25 8.19 2.71
N GLY B 513 38.09 7.56 1.56
CA GLY B 513 37.84 8.25 0.31
C GLY B 513 38.65 7.60 -0.80
N SER B 514 38.11 7.62 -2.02
CA SER B 514 38.74 6.92 -3.13
C SER B 514 38.23 7.51 -4.44
N HIS B 515 39.03 8.42 -5.02
CA HIS B 515 38.69 8.95 -6.34
C HIS B 515 39.60 8.33 -7.40
N GLY C 4 -17.11 -27.09 -19.76
CA GLY C 4 -17.28 -28.13 -18.77
C GLY C 4 -16.03 -28.95 -18.55
N LYS C 5 -15.32 -29.28 -19.63
CA LYS C 5 -14.13 -30.10 -19.50
C LYS C 5 -12.95 -29.23 -19.08
N PRO C 6 -12.24 -29.57 -18.02
CA PRO C 6 -11.12 -28.73 -17.57
C PRO C 6 -9.89 -28.88 -18.46
N ASN C 7 -9.11 -27.81 -18.52
CA ASN C 7 -7.76 -27.91 -19.03
C ASN C 7 -6.91 -28.72 -18.07
N ILE C 8 -5.83 -29.29 -18.58
CA ILE C 8 -4.95 -30.14 -17.79
C ILE C 8 -3.50 -29.75 -18.10
N LEU C 9 -2.78 -29.31 -17.09
CA LEU C 9 -1.35 -29.02 -17.18
C LEU C 9 -0.61 -30.12 -16.41
N ILE C 10 0.18 -30.93 -17.11
CA ILE C 10 1.01 -31.95 -16.48
C ILE C 10 2.43 -31.44 -16.42
N ILE C 11 2.94 -31.26 -15.21
CA ILE C 11 4.30 -30.84 -14.96
C ILE C 11 5.08 -32.07 -14.52
N MET C 12 6.00 -32.52 -15.34
CA MET C 12 6.77 -33.72 -15.04
C MET C 12 8.24 -33.37 -14.96
N VAL C 13 8.93 -34.01 -14.03
CA VAL C 13 10.37 -33.85 -13.85
C VAL C 13 10.99 -35.23 -13.80
N ASP C 14 12.30 -35.27 -13.90
CA ASP C 14 13.02 -36.50 -14.16
C ASP C 14 13.94 -36.81 -13.00
N GLN C 15 13.85 -38.02 -12.46
CA GLN C 15 14.79 -38.50 -11.43
C GLN C 15 14.61 -37.74 -10.11
N LEU C 16 13.37 -37.45 -9.74
CA LEU C 16 13.09 -36.75 -8.48
C LEU C 16 12.70 -37.76 -7.40
N ASN C 17 13.55 -37.92 -6.41
CA ASN C 17 13.32 -38.78 -5.26
C ASN C 17 12.04 -38.41 -4.53
N GLY C 18 11.08 -39.34 -4.50
CA GLY C 18 9.78 -39.06 -3.90
C GLY C 18 9.80 -38.82 -2.41
N LYS C 19 10.81 -39.34 -1.71
CA LYS C 19 10.94 -39.10 -0.27
C LYS C 19 11.25 -37.62 0.03
N LEU C 20 11.66 -36.85 -0.97
CA LEU C 20 11.82 -35.40 -0.81
C LEU C 20 10.50 -34.65 -0.86
N PHE C 21 9.39 -35.35 -1.06
CA PHE C 21 8.05 -34.75 -1.03
C PHE C 21 7.21 -35.43 0.04
N PRO C 22 7.56 -35.25 1.32
CA PRO C 22 6.78 -35.90 2.39
C PRO C 22 5.35 -35.36 2.51
N ASP C 23 5.09 -34.15 2.06
CA ASP C 23 3.79 -33.49 2.19
C ASP C 23 3.87 -32.23 1.34
N GLY C 24 3.94 -32.40 0.03
CA GLY C 24 4.56 -31.42 -0.81
C GLY C 24 6.05 -31.43 -0.52
N PRO C 25 6.78 -30.47 -1.08
CA PRO C 25 8.24 -30.46 -0.91
C PRO C 25 8.66 -30.42 0.54
N ALA C 26 9.77 -31.10 0.83
CA ALA C 26 10.38 -31.05 2.16
C ALA C 26 10.68 -29.60 2.53
N ASP C 27 10.62 -29.32 3.84
CA ASP C 27 10.79 -27.95 4.30
C ASP C 27 12.16 -27.39 3.93
N PHE C 28 13.20 -28.22 3.89
CA PHE C 28 14.54 -27.68 3.66
C PHE C 28 14.77 -27.31 2.20
N LEU C 29 13.90 -27.72 1.29
CA LEU C 29 14.02 -27.36 -0.11
C LEU C 29 13.54 -25.93 -0.29
N HIS C 30 14.26 -25.15 -1.11
CA HIS C 30 13.79 -23.82 -1.47
C HIS C 30 12.91 -24.01 -2.70
N ALA C 31 11.62 -24.18 -2.47
CA ALA C 31 10.65 -24.50 -3.51
C ALA C 31 9.33 -23.81 -3.21
N PRO C 32 9.32 -22.47 -3.16
CA PRO C 32 8.08 -21.79 -2.78
C PRO C 32 6.93 -22.02 -3.73
N ASN C 33 7.19 -22.16 -5.04
CA ASN C 33 6.10 -22.39 -5.97
C ASN C 33 5.52 -23.80 -5.83
N LEU C 34 6.38 -24.81 -5.76
CA LEU C 34 5.89 -26.17 -5.56
C LEU C 34 5.24 -26.33 -4.18
N LYS C 35 5.70 -25.57 -3.20
CA LYS C 35 5.07 -25.65 -1.89
C LYS C 35 3.69 -25.01 -1.91
N ALA C 36 3.52 -23.91 -2.64
CA ALA C 36 2.20 -23.31 -2.78
C ALA C 36 1.26 -24.22 -3.57
N LEU C 37 1.76 -24.85 -4.64
CA LEU C 37 0.94 -25.77 -5.41
C LEU C 37 0.48 -26.93 -4.54
N ALA C 38 1.37 -27.46 -3.70
CA ALA C 38 1.04 -28.63 -2.89
C ALA C 38 -0.06 -28.32 -1.89
N LYS C 39 -0.05 -27.11 -1.31
CA LYS C 39 -1.06 -26.77 -0.32
CA LYS C 39 -1.06 -26.77 -0.32
C LYS C 39 -2.46 -26.85 -0.90
N ARG C 40 -2.63 -26.61 -2.20
CA ARG C 40 -3.94 -26.75 -2.81
C ARG C 40 -4.10 -28.05 -3.58
N SER C 41 -3.21 -29.02 -3.38
CA SER C 41 -3.27 -30.28 -4.11
C SER C 41 -3.68 -31.45 -3.24
N ALA C 42 -4.26 -32.45 -3.89
CA ALA C 42 -4.24 -33.81 -3.37
C ALA C 42 -2.82 -34.36 -3.55
N ARG C 43 -2.19 -34.74 -2.45
CA ARG C 43 -0.79 -35.13 -2.43
C ARG C 43 -0.71 -36.61 -2.06
N PHE C 44 -0.09 -37.40 -2.92
CA PHE C 44 0.01 -38.84 -2.76
C PHE C 44 1.41 -39.17 -2.27
N HIS C 45 1.50 -39.35 -0.94
CA HIS C 45 2.77 -39.44 -0.25
C HIS C 45 3.56 -40.67 -0.66
N ASN C 46 2.89 -41.83 -0.78
CA ASN C 46 3.57 -43.10 -1.03
C ASN C 46 3.37 -43.52 -2.48
N ASN C 47 3.73 -42.64 -3.38
CA ASN C 47 3.52 -42.87 -4.80
C ASN C 47 4.79 -43.42 -5.43
N TYR C 48 4.61 -44.42 -6.31
CA TYR C 48 5.70 -45.19 -6.89
C TYR C 48 5.68 -45.11 -8.41
N THR C 49 6.87 -45.20 -9.00
CA THR C 49 6.94 -45.40 -10.44
C THR C 49 6.62 -46.85 -10.75
N SER C 50 6.31 -47.12 -12.03
CA SER C 50 6.09 -48.48 -12.48
C SER C 50 7.39 -49.22 -12.78
N SER C 51 8.47 -48.49 -12.99
CA SER C 51 9.75 -49.07 -13.36
C SER C 51 10.83 -48.02 -13.13
N PRO C 52 11.89 -48.31 -12.38
CA PRO C 52 12.89 -47.26 -12.05
C PRO C 52 13.89 -47.02 -13.17
N LEU C 53 13.37 -46.67 -14.35
CA LEU C 53 14.19 -46.37 -15.53
C LEU C 53 13.34 -45.54 -16.48
N SER C 54 14.01 -44.67 -17.24
CA SER C 54 13.32 -43.55 -17.90
C SER C 54 12.33 -44.04 -18.96
N ALA C 55 12.83 -44.67 -20.03
CA ALA C 55 11.89 -45.04 -21.09
C ALA C 55 10.84 -46.01 -20.60
N PRO C 56 11.17 -47.08 -19.83
CA PRO C 56 10.11 -47.95 -19.29
C PRO C 56 9.13 -47.21 -18.42
N ALA C 57 9.61 -46.36 -17.51
CA ALA C 57 8.67 -45.61 -16.68
C ALA C 57 7.73 -44.77 -17.51
N ARG C 58 8.25 -44.13 -18.57
CA ARG C 58 7.47 -43.13 -19.31
C ARG C 58 6.50 -43.78 -20.29
N ALA C 59 6.91 -44.85 -20.97
CA ALA C 59 5.93 -45.61 -21.76
C ALA C 59 4.81 -46.16 -20.87
N SER C 60 5.17 -46.67 -19.69
CA SER C 60 4.18 -47.17 -18.76
C SER C 60 3.27 -46.03 -18.28
N PHE C 61 3.87 -44.89 -17.93
CA PHE C 61 3.13 -43.71 -17.51
C PHE C 61 2.13 -43.28 -18.58
N MET C 62 2.57 -43.23 -19.85
CA MET C 62 1.70 -42.76 -20.92
CA MET C 62 1.70 -42.75 -20.92
C MET C 62 0.52 -43.70 -21.13
N ALA C 63 0.76 -44.99 -21.13
CA ALA C 63 -0.28 -45.96 -21.43
C ALA C 63 -1.09 -46.41 -20.21
N GLY C 64 -0.59 -46.16 -19.00
CA GLY C 64 -1.19 -46.78 -17.84
C GLY C 64 -1.03 -48.28 -17.86
N GLN C 65 0.08 -48.77 -18.39
CA GLN C 65 0.36 -50.19 -18.53
C GLN C 65 1.76 -50.48 -18.03
N LEU C 66 1.94 -51.65 -17.42
CA LEU C 66 3.24 -52.07 -16.94
C LEU C 66 4.19 -52.36 -18.12
N PRO C 67 5.50 -52.27 -17.90
CA PRO C 67 6.45 -52.62 -18.97
C PRO C 67 6.23 -53.98 -19.59
N SER C 68 5.88 -54.97 -18.78
CA SER C 68 5.60 -56.30 -19.31
C SER C 68 4.47 -56.28 -20.33
N ARG C 69 3.58 -55.30 -20.24
CA ARG C 69 2.50 -55.14 -21.21
C ARG C 69 2.87 -54.20 -22.36
N THR C 70 3.51 -53.05 -22.09
CA THR C 70 3.92 -52.18 -23.19
C THR C 70 5.07 -52.76 -24.01
N ARG C 71 5.83 -53.69 -23.43
CA ARG C 71 7.05 -54.28 -23.97
C ARG C 71 8.22 -53.32 -23.98
N VAL C 72 8.08 -52.13 -23.39
CA VAL C 72 9.20 -51.20 -23.30
C VAL C 72 9.98 -51.57 -22.05
N TYR C 73 10.91 -52.51 -22.21
CA TYR C 73 11.62 -53.08 -21.07
C TYR C 73 12.77 -52.23 -20.61
N ASP C 74 13.32 -51.41 -21.52
CA ASP C 74 14.58 -50.73 -21.27
C ASP C 74 14.58 -49.43 -22.05
N ASN C 75 15.70 -48.70 -21.99
CA ASN C 75 15.79 -47.38 -22.59
C ASN C 75 15.98 -47.43 -24.10
N ALA C 76 15.86 -48.60 -24.72
CA ALA C 76 16.04 -48.70 -26.16
C ALA C 76 14.96 -49.59 -26.79
N ALA C 77 13.89 -49.86 -26.07
CA ALA C 77 12.85 -50.78 -26.54
C ALA C 77 11.78 -50.02 -27.29
N GLU C 78 11.40 -50.53 -28.45
CA GLU C 78 10.42 -49.86 -29.29
C GLU C 78 9.07 -49.80 -28.62
N TYR C 79 8.47 -48.60 -28.65
CA TYR C 79 7.12 -48.32 -28.14
C TYR C 79 6.19 -48.31 -29.36
N GLN C 80 5.33 -49.33 -29.46
CA GLN C 80 4.45 -49.45 -30.61
C GLN C 80 3.49 -48.26 -30.71
N SER C 81 3.31 -47.77 -31.94
CA SER C 81 2.39 -46.66 -32.17
C SER C 81 0.96 -47.02 -31.82
N SER C 82 0.60 -48.30 -31.88
CA SER C 82 -0.77 -48.72 -31.67
C SER C 82 -1.20 -48.74 -30.20
N ILE C 83 -0.30 -48.49 -29.26
CA ILE C 83 -0.65 -48.57 -27.83
C ILE C 83 -1.31 -47.27 -27.40
N PRO C 84 -2.56 -47.29 -26.97
CA PRO C 84 -3.22 -46.04 -26.59
C PRO C 84 -2.62 -45.44 -25.33
N THR C 85 -2.51 -44.12 -25.33
CA THR C 85 -1.94 -43.35 -24.23
C THR C 85 -2.97 -42.34 -23.75
N TYR C 86 -2.64 -41.62 -22.66
CA TYR C 86 -3.57 -40.60 -22.20
C TYR C 86 -3.74 -39.51 -23.23
N ALA C 87 -2.74 -39.29 -24.07
CA ALA C 87 -2.90 -38.36 -25.19
C ALA C 87 -4.03 -38.81 -26.12
N HIS C 88 -4.02 -40.09 -26.52
CA HIS C 88 -5.10 -40.63 -27.33
C HIS C 88 -6.45 -40.50 -26.63
N HIS C 89 -6.53 -40.94 -25.37
CA HIS C 89 -7.80 -40.92 -24.66
C HIS C 89 -8.37 -39.50 -24.62
N LEU C 90 -7.52 -38.53 -24.22
CA LEU C 90 -8.00 -37.16 -24.13
C LEU C 90 -8.29 -36.59 -25.51
N ARG C 91 -7.44 -36.91 -26.50
CA ARG C 91 -7.64 -36.40 -27.85
C ARG C 91 -8.92 -36.97 -28.45
N ARG C 92 -9.19 -38.26 -28.20
CA ARG C 92 -10.46 -38.84 -28.64
C ARG C 92 -11.65 -38.13 -28.00
N ALA C 93 -11.48 -37.64 -26.78
CA ALA C 93 -12.53 -36.96 -26.05
C ALA C 93 -12.59 -35.46 -26.35
N GLY C 94 -11.82 -34.99 -27.31
CA GLY C 94 -11.93 -33.61 -27.75
C GLY C 94 -10.85 -32.66 -27.29
N TYR C 95 -9.81 -33.16 -26.63
CA TYR C 95 -8.73 -32.30 -26.17
C TYR C 95 -7.70 -32.03 -27.25
N TYR C 96 -7.23 -30.79 -27.30
CA TYR C 96 -5.91 -30.50 -27.88
C TYR C 96 -4.84 -30.99 -26.92
N THR C 97 -3.89 -31.76 -27.42
CA THR C 97 -2.87 -32.38 -26.60
C THR C 97 -1.48 -31.99 -27.12
N ALA C 98 -0.59 -31.61 -26.21
CA ALA C 98 0.74 -31.18 -26.61
C ALA C 98 1.76 -31.63 -25.57
N LEU C 99 2.99 -31.82 -26.02
CA LEU C 99 4.13 -32.11 -25.16
C LEU C 99 5.24 -31.11 -25.42
N SER C 100 5.80 -30.56 -24.36
CA SER C 100 7.06 -29.83 -24.41
C SER C 100 8.05 -30.59 -23.53
N GLY C 101 9.13 -31.07 -24.14
CA GLY C 101 10.19 -31.70 -23.39
C GLY C 101 10.31 -33.17 -23.59
N LYS C 102 10.76 -33.87 -22.53
CA LYS C 102 11.28 -35.23 -22.65
C LYS C 102 10.18 -36.27 -22.43
N MET C 103 10.20 -37.33 -23.26
CA MET C 103 9.43 -38.50 -22.92
C MET C 103 10.16 -39.80 -23.22
N HIS C 104 11.37 -39.75 -23.76
CA HIS C 104 12.21 -40.92 -23.98
C HIS C 104 11.42 -42.05 -24.63
N LEU C 105 10.77 -41.70 -25.74
CA LEU C 105 10.06 -42.64 -26.61
C LEU C 105 11.03 -43.17 -27.67
N VAL C 106 11.09 -44.49 -27.81
CA VAL C 106 12.03 -45.15 -28.69
C VAL C 106 11.26 -45.73 -29.86
N GLY C 107 11.79 -45.49 -31.06
CA GLY C 107 11.09 -45.87 -32.26
C GLY C 107 10.72 -44.64 -33.07
N PRO C 108 10.23 -44.87 -34.29
CA PRO C 108 9.96 -43.74 -35.19
C PRO C 108 8.73 -42.92 -34.81
N ASP C 109 7.86 -43.42 -33.92
CA ASP C 109 6.76 -42.61 -33.41
C ASP C 109 7.28 -41.78 -32.24
N GLN C 110 7.37 -40.47 -32.43
CA GLN C 110 7.80 -39.56 -31.39
C GLN C 110 6.65 -38.74 -30.80
N LEU C 111 5.40 -39.08 -31.15
CA LEU C 111 4.22 -38.39 -30.66
C LEU C 111 3.35 -39.27 -29.78
N HIS C 112 3.09 -40.52 -30.18
CA HIS C 112 2.28 -41.47 -29.40
C HIS C 112 0.99 -40.82 -28.90
N GLY C 113 0.31 -40.15 -29.84
CA GLY C 113 -0.99 -39.57 -29.62
C GLY C 113 -0.99 -38.07 -29.39
N PHE C 114 0.12 -37.50 -28.93
CA PHE C 114 0.20 -36.06 -28.80
C PHE C 114 -0.06 -35.41 -30.15
N GLU C 115 -0.93 -34.41 -30.17
CA GLU C 115 -1.24 -33.73 -31.42
C GLU C 115 -0.08 -32.86 -31.89
N GLU C 116 0.69 -32.32 -30.96
CA GLU C 116 1.82 -31.46 -31.26
C GLU C 116 2.90 -31.71 -30.22
N ARG C 117 4.16 -31.64 -30.64
CA ARG C 117 5.29 -31.77 -29.73
C ARG C 117 6.26 -30.64 -30.00
N LEU C 118 6.54 -29.85 -28.96
CA LEU C 118 7.16 -28.54 -29.14
C LEU C 118 8.68 -28.58 -29.13
N THR C 119 9.28 -29.66 -28.62
CA THR C 119 10.72 -29.85 -28.60
C THR C 119 11.05 -31.25 -29.07
N THR C 120 12.30 -31.43 -29.45
CA THR C 120 12.84 -32.77 -29.65
C THR C 120 13.10 -33.40 -28.29
N ASP C 121 13.52 -34.65 -28.29
CA ASP C 121 13.90 -35.27 -27.03
C ASP C 121 15.36 -35.01 -26.72
N ILE C 122 15.69 -34.99 -25.43
CA ILE C 122 17.08 -34.84 -25.01
C ILE C 122 17.86 -36.11 -25.26
N TYR C 123 17.20 -37.26 -25.25
CA TYR C 123 17.86 -38.55 -25.35
C TYR C 123 17.52 -39.25 -26.67
N PRO C 124 18.22 -40.33 -27.01
CA PRO C 124 18.05 -40.93 -28.33
C PRO C 124 16.72 -41.64 -28.47
N ALA C 125 16.30 -41.78 -29.73
CA ALA C 125 15.07 -42.45 -30.09
C ALA C 125 15.31 -43.81 -30.74
N ASP C 126 16.54 -44.29 -30.78
CA ASP C 126 16.86 -45.53 -31.48
C ASP C 126 17.26 -46.62 -30.49
N PHE C 127 17.72 -47.76 -31.02
CA PHE C 127 17.93 -48.95 -30.20
C PHE C 127 19.35 -49.04 -29.64
N GLY C 128 20.09 -47.93 -29.59
CA GLY C 128 21.48 -48.02 -29.20
C GLY C 128 21.69 -48.55 -27.80
N TRP C 129 20.83 -48.18 -26.85
CA TRP C 129 21.00 -48.56 -25.44
C TRP C 129 20.33 -49.88 -25.09
N THR C 130 20.35 -50.85 -26.00
CA THR C 130 19.73 -52.14 -25.76
C THR C 130 20.62 -53.01 -24.89
N PRO C 131 20.21 -53.37 -23.68
CA PRO C 131 20.99 -54.31 -22.87
C PRO C 131 20.99 -55.69 -23.50
N ASP C 132 21.93 -56.52 -23.06
CA ASP C 132 22.05 -57.87 -23.60
C ASP C 132 22.26 -58.87 -22.47
N TYR C 133 21.20 -59.61 -22.17
CA TYR C 133 21.25 -60.64 -21.12
C TYR C 133 22.21 -61.77 -21.46
N ARG C 134 22.73 -61.83 -22.70
CA ARG C 134 23.72 -62.84 -23.04
C ARG C 134 25.11 -62.47 -22.56
N LYS C 135 25.32 -61.23 -22.13
CA LYS C 135 26.63 -60.76 -21.65
C LYS C 135 26.51 -60.17 -20.26
N PRO C 136 26.04 -60.96 -19.31
CA PRO C 136 25.88 -60.46 -17.93
C PRO C 136 27.23 -60.08 -17.35
N GLY C 137 27.30 -58.88 -16.77
CA GLY C 137 28.53 -58.35 -16.22
C GLY C 137 29.22 -57.32 -17.09
N GLU C 138 28.83 -57.21 -18.36
CA GLU C 138 29.38 -56.19 -19.23
C GLU C 138 28.78 -54.83 -18.89
N ARG C 139 29.47 -53.78 -19.32
CA ARG C 139 28.98 -52.42 -19.22
C ARG C 139 29.38 -51.66 -20.47
N ILE C 140 28.61 -50.63 -20.80
CA ILE C 140 28.80 -49.85 -22.01
C ILE C 140 29.17 -48.43 -21.57
N ASP C 141 30.45 -48.09 -21.68
CA ASP C 141 30.92 -46.88 -21.01
C ASP C 141 30.46 -45.60 -21.69
N TRP C 142 30.11 -45.64 -22.98
CA TRP C 142 29.71 -44.42 -23.65
C TRP C 142 28.28 -44.02 -23.34
N TRP C 143 27.51 -44.79 -22.58
CA TRP C 143 26.22 -44.29 -22.11
C TRP C 143 25.81 -44.74 -20.72
N TYR C 144 26.38 -45.78 -20.15
CA TYR C 144 26.03 -46.18 -18.79
C TYR C 144 26.24 -45.03 -17.81
N HIS C 145 25.38 -44.97 -16.80
CA HIS C 145 25.70 -44.22 -15.61
C HIS C 145 27.10 -44.61 -15.12
N ASN C 146 27.85 -43.64 -14.65
CA ASN C 146 29.07 -43.91 -13.90
C ASN C 146 29.14 -42.91 -12.74
N LEU C 147 29.97 -43.23 -11.76
CA LEU C 147 30.06 -42.34 -10.60
C LEU C 147 30.81 -41.04 -10.93
N GLY C 148 31.11 -40.78 -12.20
CA GLY C 148 31.66 -39.49 -12.56
C GLY C 148 30.69 -38.34 -12.37
N SER C 149 29.39 -38.63 -12.34
CA SER C 149 28.42 -37.60 -11.97
C SER C 149 28.60 -37.16 -10.53
N VAL C 150 28.99 -38.08 -9.65
CA VAL C 150 29.19 -37.75 -8.24
C VAL C 150 30.48 -36.98 -8.05
N THR C 151 31.58 -37.46 -8.65
CA THR C 151 32.85 -36.74 -8.56
C THR C 151 32.86 -35.47 -9.40
N GLY C 152 31.92 -35.33 -10.33
CA GLY C 152 31.88 -34.18 -11.22
C GLY C 152 30.91 -33.08 -10.85
N ALA C 153 30.16 -33.24 -9.75
CA ALA C 153 29.14 -32.26 -9.38
C ALA C 153 29.75 -30.88 -9.22
N GLY C 154 28.93 -29.86 -9.49
CA GLY C 154 29.43 -28.50 -9.33
C GLY C 154 28.49 -27.45 -9.89
N VAL C 155 29.08 -26.37 -10.37
CA VAL C 155 28.38 -25.15 -10.77
C VAL C 155 28.71 -24.84 -12.22
N ALA C 156 27.69 -24.53 -13.00
CA ALA C 156 27.86 -24.09 -14.38
C ALA C 156 26.64 -23.25 -14.73
N GLU C 157 26.81 -22.36 -15.72
CA GLU C 157 25.70 -21.51 -16.09
C GLU C 157 24.94 -22.00 -17.31
N ILE C 158 25.52 -22.91 -18.08
CA ILE C 158 24.77 -23.70 -19.04
C ILE C 158 25.27 -25.13 -18.99
N THR C 159 24.35 -26.06 -19.27
CA THR C 159 24.66 -27.48 -19.41
C THR C 159 23.78 -28.01 -20.52
N ASN C 160 24.05 -29.25 -20.95
CA ASN C 160 23.15 -29.88 -21.91
C ASN C 160 21.72 -29.85 -21.40
N GLN C 161 21.53 -30.14 -20.11
CA GLN C 161 20.18 -30.23 -19.57
C GLN C 161 19.55 -28.86 -19.33
N MET C 162 20.35 -27.84 -18.99
CA MET C 162 19.80 -26.51 -18.74
C MET C 162 19.39 -25.83 -20.05
N GLU C 163 20.16 -26.05 -21.11
CA GLU C 163 19.70 -25.69 -22.45
C GLU C 163 18.36 -26.34 -22.73
N TYR C 164 18.26 -27.65 -22.48
CA TYR C 164 17.03 -28.37 -22.75
C TYR C 164 15.85 -27.80 -21.97
N ASP C 165 16.00 -27.69 -20.64
CA ASP C 165 14.86 -27.30 -19.83
C ASP C 165 14.50 -25.83 -20.02
N ASP C 166 15.50 -24.97 -20.20
CA ASP C 166 15.20 -23.58 -20.49
C ASP C 166 14.28 -23.48 -21.71
N GLU C 167 14.56 -24.28 -22.74
CA GLU C 167 13.74 -24.30 -23.95
C GLU C 167 12.37 -24.92 -23.71
N VAL C 168 12.33 -26.04 -22.98
CA VAL C 168 11.06 -26.67 -22.63
C VAL C 168 10.12 -25.68 -21.98
N ALA C 169 10.66 -24.90 -21.04
CA ALA C 169 9.83 -23.96 -20.29
C ALA C 169 9.39 -22.80 -21.16
N PHE C 170 10.30 -22.24 -21.94
CA PHE C 170 9.91 -21.12 -22.78
C PHE C 170 8.78 -21.52 -23.72
N LEU C 171 8.93 -22.68 -24.38
CA LEU C 171 7.93 -23.07 -25.38
C LEU C 171 6.62 -23.51 -24.73
N ALA C 172 6.67 -24.07 -23.51
CA ALA C 172 5.44 -24.38 -22.79
C ALA C 172 4.68 -23.11 -22.43
N ASN C 173 5.39 -22.08 -21.96
CA ASN C 173 4.73 -20.81 -21.66
C ASN C 173 4.22 -20.13 -22.91
N GLN C 174 5.00 -20.19 -24.00
CA GLN C 174 4.53 -19.66 -25.27
C GLN C 174 3.24 -20.35 -25.68
N LYS C 175 3.18 -21.67 -25.56
CA LYS C 175 1.99 -22.38 -25.97
C LYS C 175 0.79 -21.99 -25.11
N LEU C 176 1.00 -21.82 -23.80
CA LEU C 176 -0.06 -21.37 -22.94
C LEU C 176 -0.57 -19.99 -23.36
N TYR C 177 0.36 -19.06 -23.62
CA TYR C 177 -0.04 -17.77 -24.17
C TYR C 177 -0.83 -17.91 -25.47
N GLN C 178 -0.39 -18.78 -26.37
CA GLN C 178 -1.13 -18.97 -27.61
C GLN C 178 -2.52 -19.53 -27.33
N LEU C 179 -2.62 -20.53 -26.45
CA LEU C 179 -3.91 -21.12 -26.14
C LEU C 179 -4.84 -20.10 -25.51
N SER C 180 -4.28 -19.13 -24.78
CA SER C 180 -5.13 -18.16 -24.08
C SER C 180 -5.94 -17.33 -25.06
N ARG C 181 -5.45 -17.19 -26.30
CA ARG C 181 -6.19 -16.41 -27.29
C ARG C 181 -7.56 -17.02 -27.59
N GLU C 182 -7.75 -18.29 -27.28
CA GLU C 182 -9.05 -18.93 -27.45
C GLU C 182 -9.90 -18.87 -26.19
N ASN C 183 -9.40 -18.26 -25.10
CA ASN C 183 -10.04 -18.43 -23.80
C ASN C 183 -11.44 -17.82 -23.73
N ASP C 184 -11.78 -16.88 -24.61
CA ASP C 184 -13.11 -16.32 -24.62
C ASP C 184 -14.08 -17.07 -25.54
N ASP C 185 -13.62 -18.09 -26.23
CA ASP C 185 -14.47 -18.88 -27.11
C ASP C 185 -15.03 -20.07 -26.31
N GLU C 186 -16.33 -20.03 -26.03
CA GLU C 186 -16.92 -21.07 -25.18
C GLU C 186 -16.85 -22.44 -25.83
N SER C 187 -16.71 -22.50 -27.15
CA SER C 187 -16.64 -23.78 -27.86
C SER C 187 -15.22 -24.21 -28.19
N ARG C 188 -14.20 -23.60 -27.57
CA ARG C 188 -12.84 -24.05 -27.82
C ARG C 188 -12.63 -25.46 -27.29
N ARG C 189 -11.65 -26.16 -27.86
CA ARG C 189 -11.28 -27.44 -27.30
C ARG C 189 -10.58 -27.23 -25.97
N PRO C 190 -10.87 -28.04 -24.97
CA PRO C 190 -10.03 -28.04 -23.77
C PRO C 190 -8.64 -28.51 -24.17
N TRP C 191 -7.62 -28.06 -23.45
CA TRP C 191 -6.24 -28.43 -23.78
C TRP C 191 -5.59 -29.23 -22.67
N CYS C 192 -4.65 -30.08 -23.08
CA CYS C 192 -3.80 -30.81 -22.15
C CYS C 192 -2.36 -30.63 -22.59
N LEU C 193 -1.56 -29.98 -21.76
CA LEU C 193 -0.16 -29.68 -22.06
C LEU C 193 0.71 -30.40 -21.05
N THR C 194 1.58 -31.27 -21.53
CA THR C 194 2.59 -31.91 -20.72
C THR C 194 3.91 -31.17 -20.88
N VAL C 195 4.46 -30.72 -19.76
CA VAL C 195 5.72 -30.00 -19.70
C VAL C 195 6.67 -30.89 -18.90
N SER C 196 7.68 -31.45 -19.57
CA SER C 196 8.47 -32.56 -19.04
C SER C 196 9.95 -32.18 -19.05
N PHE C 197 10.45 -31.82 -17.88
CA PHE C 197 11.81 -31.37 -17.67
C PHE C 197 12.74 -32.55 -17.38
N THR C 198 14.01 -32.37 -17.76
CA THR C 198 15.03 -33.40 -17.53
C THR C 198 15.68 -33.28 -16.15
N HIS C 199 15.74 -32.09 -15.57
CA HIS C 199 16.22 -31.97 -14.19
C HIS C 199 15.23 -32.64 -13.24
N PRO C 200 15.68 -33.04 -12.04
CA PRO C 200 17.03 -32.91 -11.48
C PRO C 200 17.99 -34.10 -11.75
N HIS C 201 17.70 -34.86 -12.79
CA HIS C 201 18.63 -35.84 -13.36
C HIS C 201 20.05 -35.30 -13.36
N ASP C 202 21.05 -36.17 -13.22
CA ASP C 202 22.44 -35.78 -13.35
C ASP C 202 22.79 -35.52 -14.81
N PRO C 203 23.94 -34.87 -15.09
CA PRO C 203 24.98 -34.37 -14.18
C PRO C 203 24.48 -33.47 -13.08
N TYR C 204 25.07 -33.60 -11.89
CA TYR C 204 24.68 -32.83 -10.71
C TYR C 204 25.37 -31.48 -10.79
N VAL C 205 24.85 -30.63 -11.65
CA VAL C 205 25.49 -29.37 -12.03
C VAL C 205 24.41 -28.30 -12.09
N ALA C 206 24.63 -27.18 -11.39
CA ALA C 206 23.59 -26.20 -11.17
C ALA C 206 24.11 -24.79 -11.41
N ARG C 207 23.20 -23.92 -11.82
CA ARG C 207 23.52 -22.50 -11.89
C ARG C 207 23.87 -21.96 -10.51
N ARG C 208 24.82 -21.03 -10.49
CA ARG C 208 25.33 -20.49 -9.24
C ARG C 208 24.22 -19.98 -8.34
N LYS C 209 23.23 -19.30 -8.92
CA LYS C 209 22.13 -18.73 -8.14
C LYS C 209 21.44 -19.76 -7.25
N PHE C 210 21.22 -20.96 -7.78
CA PHE C 210 20.51 -22.02 -7.04
C PHE C 210 21.45 -22.80 -6.14
N TRP C 211 22.68 -23.02 -6.58
CA TRP C 211 23.71 -23.60 -5.72
C TRP C 211 23.89 -22.78 -4.44
N ASP C 212 23.80 -21.45 -4.55
CA ASP C 212 24.02 -20.60 -3.40
C ASP C 212 22.91 -20.74 -2.37
N LEU C 213 21.71 -21.15 -2.78
CA LEU C 213 20.60 -21.33 -1.85
C LEU C 213 20.86 -22.41 -0.81
N TYR C 214 21.83 -23.30 -1.04
CA TYR C 214 22.02 -24.48 -0.20
C TYR C 214 23.37 -24.47 0.50
N GLU C 215 23.95 -23.29 0.71
CA GLU C 215 25.20 -23.19 1.42
C GLU C 215 25.06 -23.75 2.84
N ASP C 216 23.94 -23.46 3.50
CA ASP C 216 23.72 -23.90 4.88
C ASP C 216 22.92 -25.18 4.98
N CYS C 217 22.82 -25.94 3.89
CA CYS C 217 21.97 -27.13 3.87
C CYS C 217 22.45 -28.17 4.87
N GLU C 218 21.52 -28.70 5.66
CA GLU C 218 21.85 -29.76 6.62
C GLU C 218 21.39 -31.13 6.15
N HIS C 219 21.03 -31.27 4.87
CA HIS C 219 20.59 -32.54 4.31
C HIS C 219 21.55 -33.03 3.24
N LEU C 220 22.82 -32.64 3.36
CA LEU C 220 23.84 -33.02 2.38
C LEU C 220 24.47 -34.38 2.67
N THR C 221 24.12 -34.99 3.80
CA THR C 221 24.57 -36.35 4.13
C THR C 221 23.43 -37.33 3.96
N PRO C 222 23.59 -38.43 3.22
CA PRO C 222 22.50 -39.40 3.12
C PRO C 222 22.17 -40.03 4.47
N GLU C 223 20.95 -40.53 4.59
CA GLU C 223 20.47 -41.06 5.87
C GLU C 223 20.99 -42.46 6.13
N VAL C 224 21.43 -43.16 5.10
CA VAL C 224 22.06 -44.47 5.21
C VAL C 224 23.37 -44.39 4.45
N GLY C 225 24.48 -44.70 5.12
CA GLY C 225 25.79 -44.60 4.53
C GLY C 225 26.07 -45.73 3.56
N ALA C 226 27.27 -45.69 3.01
CA ALA C 226 27.67 -46.64 1.97
C ALA C 226 27.79 -48.05 2.54
N ILE C 227 27.05 -48.98 1.96
CA ILE C 227 27.25 -50.39 2.25
C ILE C 227 28.39 -50.92 1.37
N PRO C 228 29.42 -51.56 1.94
CA PRO C 228 30.53 -52.02 1.10
C PRO C 228 30.09 -53.09 0.12
N LEU C 229 30.77 -53.12 -1.04
CA LEU C 229 30.41 -54.05 -2.10
C LEU C 229 30.13 -55.45 -1.56
N ASP C 230 31.05 -55.99 -0.78
CA ASP C 230 30.94 -57.37 -0.32
C ASP C 230 29.75 -57.58 0.62
N GLU C 231 29.16 -56.52 1.15
CA GLU C 231 28.01 -56.61 2.04
C GLU C 231 26.70 -56.24 1.35
N GLN C 232 26.76 -55.83 0.10
CA GLN C 232 25.55 -55.44 -0.61
C GLN C 232 24.75 -56.68 -1.02
N ASP C 233 23.45 -56.48 -1.22
CA ASP C 233 22.61 -57.46 -1.90
C ASP C 233 23.00 -57.54 -3.38
N PRO C 234 22.76 -58.69 -4.01
CA PRO C 234 23.28 -58.89 -5.37
C PRO C 234 22.87 -57.83 -6.37
N HIS C 235 21.62 -57.35 -6.36
CA HIS C 235 21.22 -56.35 -7.33
C HIS C 235 22.01 -55.06 -7.13
N SER C 236 22.12 -54.61 -5.87
CA SER C 236 22.94 -53.43 -5.58
C SER C 236 24.37 -53.64 -6.03
N GLN C 237 24.90 -54.86 -5.88
CA GLN C 237 26.24 -55.14 -6.39
C GLN C 237 26.30 -54.93 -7.89
N ARG C 238 25.36 -55.51 -8.63
CA ARG C 238 25.31 -55.29 -10.07
C ARG C 238 25.23 -53.80 -10.40
N ILE C 239 24.45 -53.04 -9.63
CA ILE C 239 24.32 -51.61 -9.92
C ILE C 239 25.67 -50.93 -9.74
N MET C 240 26.38 -51.24 -8.65
CA MET C 240 27.67 -50.59 -8.42
C MET C 240 28.68 -50.94 -9.51
N LEU C 241 28.70 -52.20 -9.95
CA LEU C 241 29.62 -52.56 -11.04
C LEU C 241 29.24 -51.80 -12.31
N SER C 242 27.94 -51.72 -12.61
CA SER C 242 27.51 -50.98 -13.80
C SER C 242 27.91 -49.51 -13.71
N CYS C 243 28.00 -48.98 -12.49
CA CYS C 243 28.43 -47.60 -12.30
C CYS C 243 29.95 -47.45 -12.29
N ASP C 244 30.70 -48.53 -12.50
CA ASP C 244 32.15 -48.46 -12.58
C ASP C 244 32.71 -48.02 -11.23
N TYR C 245 32.08 -48.47 -10.15
CA TYR C 245 32.41 -47.94 -8.83
C TYR C 245 33.90 -48.06 -8.54
N GLN C 246 34.54 -49.10 -9.05
CA GLN C 246 35.94 -49.38 -8.68
C GLN C 246 36.91 -48.38 -9.26
N ASN C 247 36.46 -47.50 -10.16
CA ASN C 247 37.34 -46.53 -10.80
C ASN C 247 37.03 -45.10 -10.38
N PHE C 248 36.33 -44.92 -9.27
CA PHE C 248 36.00 -43.61 -8.74
C PHE C 248 36.20 -43.62 -7.24
N ASP C 249 36.82 -42.56 -6.72
CA ASP C 249 37.03 -42.40 -5.28
C ASP C 249 36.03 -41.36 -4.81
N VAL C 250 34.86 -41.82 -4.36
CA VAL C 250 33.77 -40.94 -3.97
C VAL C 250 33.97 -40.55 -2.52
N THR C 251 34.37 -39.29 -2.30
CA THR C 251 34.59 -38.76 -0.96
C THR C 251 33.30 -38.21 -0.38
N GLU C 252 33.33 -37.94 0.93
CA GLU C 252 32.21 -37.26 1.58
C GLU C 252 31.89 -35.95 0.87
N GLU C 253 32.92 -35.20 0.47
CA GLU C 253 32.68 -33.94 -0.22
C GLU C 253 31.98 -34.16 -1.56
N ASN C 254 32.40 -35.17 -2.32
CA ASN C 254 31.70 -35.48 -3.57
C ASN C 254 30.21 -35.74 -3.31
N VAL C 255 29.89 -36.46 -2.24
CA VAL C 255 28.48 -36.72 -1.91
C VAL C 255 27.77 -35.42 -1.62
N ARG C 256 28.37 -34.57 -0.78
CA ARG C 256 27.73 -33.31 -0.41
C ARG C 256 27.53 -32.40 -1.62
N ARG C 257 28.52 -32.30 -2.49
CA ARG C 257 28.40 -31.46 -3.67
C ARG C 257 27.31 -31.96 -4.61
N SER C 258 27.23 -33.29 -4.79
CA SER C 258 26.20 -33.85 -5.67
C SER C 258 24.80 -33.56 -5.14
N ARG C 259 24.59 -33.80 -3.83
CA ARG C 259 23.28 -33.51 -3.26
C ARG C 259 22.98 -32.03 -3.32
N ARG C 260 24.01 -31.19 -3.15
CA ARG C 260 23.78 -29.74 -3.17
C ARG C 260 23.31 -29.28 -4.56
N ALA C 261 23.97 -29.72 -5.61
CA ALA C 261 23.56 -29.35 -6.96
C ALA C 261 22.19 -29.91 -7.28
N TYR C 262 21.90 -31.13 -6.80
CA TYR C 262 20.61 -31.75 -7.04
C TYR C 262 19.47 -30.94 -6.42
N PHE C 263 19.59 -30.60 -5.13
CA PHE C 263 18.60 -29.72 -4.51
C PHE C 263 18.55 -28.38 -5.24
N ALA C 264 19.72 -27.86 -5.63
CA ALA C 264 19.75 -26.60 -6.36
C ALA C 264 18.96 -26.71 -7.65
N ASN C 265 19.01 -27.87 -8.31
CA ASN C 265 18.27 -28.03 -9.56
C ASN C 265 16.78 -28.25 -9.33
N ILE C 266 16.38 -28.68 -8.13
CA ILE C 266 14.97 -28.63 -7.77
C ILE C 266 14.50 -27.18 -7.68
N SER C 267 15.31 -26.31 -7.07
CA SER C 267 14.99 -24.90 -6.99
C SER C 267 14.99 -24.26 -8.38
N TYR C 268 15.91 -24.72 -9.26
CA TYR C 268 15.86 -24.33 -10.67
C TYR C 268 14.51 -24.64 -11.27
N LEU C 269 14.02 -25.86 -11.02
CA LEU C 269 12.71 -26.26 -11.51
C LEU C 269 11.58 -25.48 -10.83
N ASP C 270 11.72 -25.20 -9.54
CA ASP C 270 10.65 -24.49 -8.86
C ASP C 270 10.38 -23.14 -9.49
N GLU C 271 11.43 -22.47 -9.97
CA GLU C 271 11.24 -21.18 -10.60
C GLU C 271 10.46 -21.33 -11.90
N LYS C 272 10.74 -22.41 -12.64
CA LYS C 272 9.99 -22.65 -13.87
C LYS C 272 8.55 -23.03 -13.57
N VAL C 273 8.32 -23.81 -12.50
CA VAL C 273 6.94 -24.03 -12.05
C VAL C 273 6.24 -22.70 -11.79
N GLY C 274 6.93 -21.78 -11.13
CA GLY C 274 6.34 -20.48 -10.87
C GLY C 274 6.00 -19.71 -12.13
N GLU C 275 6.86 -19.82 -13.14
CA GLU C 275 6.58 -19.17 -14.42
C GLU C 275 5.29 -19.71 -15.01
N LEU C 276 5.14 -21.05 -15.03
CA LEU C 276 3.94 -21.62 -15.63
C LEU C 276 2.68 -21.19 -14.89
N ILE C 277 2.71 -21.21 -13.55
CA ILE C 277 1.54 -20.79 -12.79
C ILE C 277 1.25 -19.32 -13.06
N ASP C 278 2.30 -18.51 -13.13
CA ASP C 278 2.11 -17.08 -13.41
C ASP C 278 1.43 -16.90 -14.76
N THR C 279 1.85 -17.64 -15.77
CA THR C 279 1.22 -17.51 -17.09
C THR C 279 -0.24 -17.91 -17.03
N LEU C 280 -0.55 -19.04 -16.38
CA LEU C 280 -1.95 -19.43 -16.20
C LEU C 280 -2.75 -18.36 -15.46
N THR C 281 -2.15 -17.75 -14.45
CA THR C 281 -2.88 -16.76 -13.65
C THR C 281 -3.20 -15.52 -14.50
N ARG C 282 -2.18 -14.98 -15.18
CA ARG C 282 -2.37 -13.71 -15.89
C ARG C 282 -3.20 -13.88 -17.13
N THR C 283 -3.20 -15.07 -17.75
CA THR C 283 -4.06 -15.34 -18.90
C THR C 283 -5.45 -15.80 -18.50
N ARG C 284 -5.71 -15.91 -17.20
CA ARG C 284 -7.04 -16.20 -16.68
C ARG C 284 -7.52 -17.60 -17.03
N MET C 285 -6.58 -18.55 -17.16
CA MET C 285 -6.94 -19.96 -17.28
C MET C 285 -6.64 -20.77 -16.03
N LEU C 286 -6.13 -20.15 -14.96
CA LEU C 286 -5.78 -20.90 -13.76
C LEU C 286 -6.98 -21.66 -13.21
N ASP C 287 -8.11 -20.98 -13.06
CA ASP C 287 -9.22 -21.60 -12.34
C ASP C 287 -9.85 -22.76 -13.08
N ASP C 288 -9.62 -22.87 -14.38
CA ASP C 288 -10.21 -23.95 -15.18
C ASP C 288 -9.20 -25.04 -15.53
N THR C 289 -8.03 -25.04 -14.87
CA THR C 289 -6.94 -25.93 -15.22
C THR C 289 -6.59 -26.83 -14.04
N LEU C 290 -6.61 -28.14 -14.30
CA LEU C 290 -6.01 -29.11 -13.41
C LEU C 290 -4.50 -29.09 -13.59
N ILE C 291 -3.76 -29.14 -12.49
CA ILE C 291 -2.30 -29.21 -12.53
C ILE C 291 -1.84 -30.47 -11.82
N LEU C 292 -1.10 -31.31 -12.54
CA LEU C 292 -0.47 -32.50 -12.00
C LEU C 292 1.03 -32.29 -11.93
N PHE C 293 1.64 -32.78 -10.87
CA PHE C 293 3.09 -32.79 -10.70
C PHE C 293 3.53 -34.23 -10.49
N CYS C 294 4.52 -34.66 -11.27
CA CYS C 294 4.87 -36.09 -11.30
C CYS C 294 6.32 -36.23 -11.77
N SER C 295 6.83 -37.46 -11.66
CA SER C 295 8.19 -37.75 -12.09
C SER C 295 8.25 -39.21 -12.53
N ASP C 296 9.28 -39.56 -13.32
CA ASP C 296 9.34 -40.91 -13.86
C ASP C 296 9.96 -41.89 -12.88
N HIS C 297 10.99 -41.48 -12.14
CA HIS C 297 11.60 -42.30 -11.12
C HIS C 297 12.43 -41.40 -10.23
N GLY C 298 13.01 -41.98 -9.18
CA GLY C 298 13.77 -41.25 -8.19
C GLY C 298 15.27 -41.30 -8.39
N ASP C 299 16.00 -41.06 -7.29
CA ASP C 299 17.46 -41.04 -7.27
C ASP C 299 17.88 -41.37 -5.85
N MET C 300 18.68 -42.44 -5.70
CA MET C 300 19.13 -42.84 -4.36
C MET C 300 19.96 -41.74 -3.68
N LEU C 301 20.62 -40.89 -4.46
CA LEU C 301 21.35 -39.74 -3.93
C LEU C 301 22.37 -40.13 -2.88
N GLY C 302 23.03 -41.26 -3.08
CA GLY C 302 24.07 -41.69 -2.17
C GLY C 302 23.59 -42.55 -1.03
N GLU C 303 22.29 -42.66 -0.81
CA GLU C 303 21.76 -43.50 0.25
C GLU C 303 22.14 -44.95 -0.02
N ARG C 304 22.65 -45.63 0.99
CA ARG C 304 23.15 -46.99 0.93
C ARG C 304 24.44 -47.08 0.13
N GLY C 305 25.03 -45.93 -0.24
CA GLY C 305 26.13 -45.88 -1.16
C GLY C 305 25.73 -45.89 -2.61
N LEU C 306 24.43 -45.95 -2.91
CA LEU C 306 23.95 -46.04 -4.27
C LEU C 306 23.56 -44.67 -4.79
N TRP C 307 23.62 -44.53 -6.12
CA TRP C 307 23.21 -43.33 -6.83
C TRP C 307 22.28 -43.72 -7.99
N PHE C 308 21.47 -42.77 -8.41
CA PHE C 308 20.62 -42.93 -9.57
C PHE C 308 19.47 -43.87 -9.24
N LYS C 309 19.08 -44.71 -10.19
CA LYS C 309 17.86 -45.49 -10.06
C LYS C 309 18.14 -46.97 -10.29
N MET C 310 17.32 -47.63 -11.09
CA MET C 310 17.50 -49.04 -11.49
C MET C 310 17.16 -50.02 -10.35
N ASN C 311 16.55 -49.57 -9.26
CA ASN C 311 16.20 -50.50 -8.19
C ASN C 311 14.89 -50.07 -7.54
N PHE C 312 14.40 -50.92 -6.62
CA PHE C 312 13.10 -50.68 -6.00
C PHE C 312 13.20 -50.08 -4.60
N PHE C 313 14.41 -49.76 -4.14
CA PHE C 313 14.49 -49.07 -2.85
C PHE C 313 13.72 -47.74 -2.93
N GLU C 314 13.29 -47.29 -1.76
CA GLU C 314 12.42 -46.11 -1.66
C GLU C 314 12.95 -44.95 -2.50
N GLY C 315 14.23 -44.64 -2.37
CA GLY C 315 14.75 -43.42 -2.98
C GLY C 315 14.72 -43.46 -4.49
N SER C 316 14.81 -44.66 -5.06
CA SER C 316 14.74 -44.88 -6.50
C SER C 316 13.32 -45.09 -7.01
N ALA C 317 12.49 -45.80 -6.25
CA ALA C 317 11.16 -46.16 -6.74
C ALA C 317 10.07 -45.16 -6.37
N ARG C 318 10.23 -44.39 -5.29
CA ARG C 318 9.20 -43.41 -4.98
C ARG C 318 9.39 -42.13 -5.78
N VAL C 319 8.27 -41.60 -6.25
CA VAL C 319 8.25 -40.32 -6.97
C VAL C 319 7.04 -39.52 -6.54
N PRO C 320 7.18 -38.19 -6.50
CA PRO C 320 6.05 -37.38 -6.06
C PRO C 320 4.87 -37.50 -7.01
N LEU C 321 3.68 -37.28 -6.46
CA LEU C 321 2.50 -37.12 -7.27
C LEU C 321 1.54 -36.19 -6.53
N MET C 322 1.14 -35.12 -7.20
CA MET C 322 0.16 -34.17 -6.68
C MET C 322 -0.81 -33.81 -7.79
N ILE C 323 -2.07 -33.55 -7.42
CA ILE C 323 -3.10 -33.10 -8.34
C ILE C 323 -3.81 -31.92 -7.68
N ALA C 324 -3.92 -30.80 -8.39
CA ALA C 324 -4.63 -29.62 -7.95
C ALA C 324 -5.57 -29.10 -9.03
N GLY C 325 -6.64 -28.44 -8.62
CA GLY C 325 -7.47 -27.72 -9.55
C GLY C 325 -8.95 -27.89 -9.28
N PRO C 326 -9.78 -27.55 -10.27
CA PRO C 326 -11.23 -27.58 -10.03
C PRO C 326 -11.71 -28.99 -9.67
N GLY C 327 -12.51 -29.06 -8.61
CA GLY C 327 -13.05 -30.32 -8.13
C GLY C 327 -12.08 -31.21 -7.40
N ILE C 328 -10.90 -30.71 -7.05
CA ILE C 328 -9.90 -31.48 -6.32
C ILE C 328 -9.82 -30.91 -4.90
N ALA C 329 -10.22 -31.69 -3.95
CA ALA C 329 -10.08 -31.32 -2.53
C ALA C 329 -8.63 -31.53 -2.09
N PRO C 330 -7.97 -30.52 -1.52
CA PRO C 330 -6.60 -30.74 -1.07
C PRO C 330 -6.55 -31.70 0.10
N GLY C 331 -5.42 -32.39 0.22
CA GLY C 331 -5.19 -33.26 1.36
C GLY C 331 -4.04 -34.20 1.10
N LEU C 332 -3.66 -34.92 2.15
CA LEU C 332 -2.51 -35.82 2.11
C LEU C 332 -3.00 -37.26 2.15
N HIS C 333 -2.56 -38.06 1.19
CA HIS C 333 -2.99 -39.45 1.06
C HIS C 333 -1.80 -40.37 1.29
N LEU C 334 -1.98 -41.34 2.18
CA LEU C 334 -0.91 -42.24 2.58
C LEU C 334 -0.97 -43.62 1.94
N THR C 335 -2.10 -44.02 1.40
CA THR C 335 -2.19 -45.32 0.75
C THR C 335 -1.23 -45.36 -0.45
N PRO C 336 -0.50 -46.44 -0.65
CA PRO C 336 0.42 -46.48 -1.81
C PRO C 336 -0.35 -46.34 -3.12
N THR C 337 0.25 -45.59 -4.04
CA THR C 337 -0.28 -45.31 -5.36
C THR C 337 0.84 -45.47 -6.38
N SER C 338 0.49 -45.42 -7.64
CA SER C 338 1.42 -45.69 -8.73
C SER C 338 1.24 -44.70 -9.87
N ASN C 339 2.35 -44.41 -10.55
CA ASN C 339 2.31 -43.70 -11.84
C ASN C 339 1.36 -44.39 -12.81
N LEU C 340 1.15 -45.69 -12.66
CA LEU C 340 0.16 -46.40 -13.45
C LEU C 340 -1.23 -45.84 -13.29
N ASP C 341 -1.51 -45.13 -12.19
CA ASP C 341 -2.84 -44.59 -11.96
C ASP C 341 -3.07 -43.26 -12.65
N VAL C 342 -2.04 -42.66 -13.24
CA VAL C 342 -2.19 -41.31 -13.76
C VAL C 342 -3.09 -41.28 -15.00
N THR C 343 -2.87 -42.22 -15.95
CA THR C 343 -3.69 -42.19 -17.16
C THR C 343 -5.16 -42.44 -16.87
N PRO C 344 -5.55 -43.43 -16.07
CA PRO C 344 -6.97 -43.55 -15.71
C PRO C 344 -7.50 -42.38 -14.91
N THR C 345 -6.65 -41.77 -14.07
CA THR C 345 -7.09 -40.58 -13.33
C THR C 345 -7.36 -39.43 -14.28
N LEU C 346 -6.44 -39.19 -15.22
CA LEU C 346 -6.65 -38.14 -16.21
C LEU C 346 -7.93 -38.38 -17.01
N ALA C 347 -8.18 -39.64 -17.39
CA ALA C 347 -9.40 -39.93 -18.16
C ALA C 347 -10.64 -39.63 -17.34
N ASP C 348 -10.63 -40.07 -16.08
CA ASP C 348 -11.73 -39.80 -15.16
C ASP C 348 -11.98 -38.30 -15.06
N LEU C 349 -10.94 -37.52 -14.79
CA LEU C 349 -11.09 -36.07 -14.67
C LEU C 349 -11.59 -35.45 -15.96
N ALA C 350 -11.30 -36.06 -17.11
CA ALA C 350 -11.76 -35.53 -18.40
C ALA C 350 -13.17 -35.97 -18.76
N GLY C 351 -13.87 -36.68 -17.87
CA GLY C 351 -15.23 -37.11 -18.17
C GLY C 351 -15.34 -38.40 -18.93
N ILE C 352 -14.25 -39.12 -19.12
CA ILE C 352 -14.25 -40.34 -19.94
C ILE C 352 -14.73 -41.49 -19.08
N SER C 353 -15.59 -42.33 -19.64
CA SER C 353 -16.19 -43.40 -18.86
C SER C 353 -15.17 -44.47 -18.49
N LEU C 354 -15.45 -45.19 -17.40
CA LEU C 354 -14.55 -46.24 -16.96
C LEU C 354 -14.43 -47.34 -18.01
N GLU C 355 -15.51 -47.64 -18.71
CA GLU C 355 -15.47 -48.73 -19.69
C GLU C 355 -14.56 -48.38 -20.86
N GLU C 356 -14.49 -47.11 -21.23
CA GLU C 356 -13.66 -46.73 -22.37
C GLU C 356 -12.18 -46.94 -22.10
N VAL C 357 -11.75 -46.84 -20.84
CA VAL C 357 -10.32 -47.00 -20.52
C VAL C 357 -10.00 -48.34 -19.86
N ARG C 358 -11.00 -49.05 -19.36
CA ARG C 358 -10.74 -50.30 -18.64
C ARG C 358 -9.89 -51.30 -19.43
N PRO C 359 -10.17 -51.58 -20.71
CA PRO C 359 -9.37 -52.59 -21.41
C PRO C 359 -7.92 -52.17 -21.64
N TRP C 360 -7.59 -50.89 -21.47
CA TRP C 360 -6.29 -50.35 -21.88
C TRP C 360 -5.41 -49.93 -20.72
N THR C 361 -5.91 -49.98 -19.50
CA THR C 361 -5.18 -49.46 -18.34
C THR C 361 -5.12 -50.53 -17.27
N ASP C 362 -3.94 -50.67 -16.64
CA ASP C 362 -3.70 -51.62 -15.57
C ASP C 362 -3.85 -50.99 -14.18
N GLY C 363 -3.90 -49.66 -14.08
CA GLY C 363 -4.05 -48.99 -12.81
C GLY C 363 -5.50 -48.60 -12.53
N VAL C 364 -5.67 -47.71 -11.54
CA VAL C 364 -6.99 -47.27 -11.13
C VAL C 364 -7.00 -45.74 -11.08
N SER C 365 -8.19 -45.17 -11.26
CA SER C 365 -8.34 -43.73 -11.04
C SER C 365 -8.16 -43.39 -9.55
N LEU C 366 -7.46 -42.28 -9.29
CA LEU C 366 -7.28 -41.78 -7.94
C LEU C 366 -8.35 -40.80 -7.50
N VAL C 367 -9.23 -40.40 -8.41
CA VAL C 367 -10.24 -39.40 -8.07
C VAL C 367 -11.11 -39.85 -6.91
N PRO C 368 -11.64 -41.09 -6.88
CA PRO C 368 -12.44 -41.50 -5.70
C PRO C 368 -11.68 -41.33 -4.41
N MET C 369 -10.42 -41.72 -4.42
CA MET C 369 -9.52 -41.50 -3.28
C MET C 369 -9.46 -40.03 -2.89
N VAL C 370 -9.40 -39.13 -3.87
CA VAL C 370 -9.45 -37.70 -3.55
C VAL C 370 -10.73 -37.38 -2.83
N ASN C 371 -11.80 -38.13 -3.12
CA ASN C 371 -13.12 -37.87 -2.57
C ASN C 371 -13.47 -38.81 -1.42
N GLY C 372 -12.47 -39.39 -0.76
CA GLY C 372 -12.67 -40.09 0.50
C GLY C 372 -12.86 -41.59 0.39
N VAL C 373 -12.80 -42.16 -0.80
CA VAL C 373 -13.04 -43.58 -1.01
C VAL C 373 -11.72 -44.35 -0.87
N GLU C 374 -11.72 -45.38 -0.04
CA GLU C 374 -10.49 -46.15 0.16
C GLU C 374 -10.04 -46.78 -1.15
N ARG C 375 -8.72 -46.86 -1.33
CA ARG C 375 -8.10 -47.59 -2.43
C ARG C 375 -7.35 -48.78 -1.84
N THR C 376 -7.62 -49.98 -2.36
CA THR C 376 -7.01 -51.19 -1.83
C THR C 376 -6.08 -51.90 -2.80
N GLU C 377 -6.02 -51.47 -4.07
CA GLU C 377 -5.25 -52.22 -5.05
C GLU C 377 -3.76 -52.09 -4.78
N PRO C 378 -3.02 -53.19 -4.86
CA PRO C 378 -1.57 -53.12 -4.63
C PRO C 378 -0.87 -52.34 -5.73
N VAL C 379 0.37 -51.98 -5.45
CA VAL C 379 1.23 -51.29 -6.42
C VAL C 379 2.25 -52.30 -6.95
N LEU C 380 2.33 -52.41 -8.27
CA LEU C 380 3.27 -53.33 -8.90
C LEU C 380 4.36 -52.55 -9.63
N MET C 381 5.55 -53.15 -9.69
CA MET C 381 6.72 -52.54 -10.30
C MET C 381 7.53 -53.63 -10.98
N GLU C 382 8.29 -53.22 -11.99
CA GLU C 382 9.07 -54.14 -12.80
C GLU C 382 10.38 -53.47 -13.20
N TYR C 383 11.41 -54.28 -13.41
CA TYR C 383 12.68 -53.77 -13.92
C TYR C 383 13.36 -54.86 -14.75
N ALA C 384 13.85 -54.48 -15.94
CA ALA C 384 14.46 -55.45 -16.83
C ALA C 384 15.44 -54.79 -17.79
N ALA C 385 16.35 -53.97 -17.27
CA ALA C 385 17.31 -53.26 -18.10
C ALA C 385 18.73 -53.40 -17.55
N GLU C 386 19.56 -52.37 -17.75
CA GLU C 386 20.97 -52.49 -17.38
C GLU C 386 21.09 -52.75 -15.88
N ALA C 387 22.07 -53.56 -15.49
CA ALA C 387 22.37 -53.98 -14.11
C ALA C 387 21.41 -55.06 -13.64
N SER C 388 20.41 -55.45 -14.42
CA SER C 388 19.67 -56.70 -14.23
C SER C 388 20.19 -57.72 -15.24
N TYR C 389 20.38 -58.95 -14.76
CA TYR C 389 20.72 -60.08 -15.62
C TYR C 389 19.51 -60.94 -15.90
N ALA C 390 18.38 -60.61 -15.27
CA ALA C 390 17.08 -61.28 -15.37
C ALA C 390 16.07 -60.30 -14.79
N PRO C 391 14.81 -60.38 -15.16
CA PRO C 391 13.85 -59.37 -14.71
C PRO C 391 13.64 -59.43 -13.20
N LEU C 392 13.30 -58.27 -12.64
CA LEU C 392 12.92 -58.16 -11.24
C LEU C 392 11.53 -57.55 -11.14
N VAL C 393 10.75 -57.99 -10.14
CA VAL C 393 9.42 -57.46 -9.93
C VAL C 393 9.28 -57.12 -8.45
N ALA C 394 8.38 -56.19 -8.16
CA ALA C 394 8.11 -55.82 -6.78
C ALA C 394 6.63 -55.54 -6.62
N ILE C 395 6.16 -55.75 -5.38
CA ILE C 395 4.78 -55.51 -5.01
C ILE C 395 4.81 -54.63 -3.77
N ARG C 396 4.03 -53.56 -3.77
CA ARG C 396 3.88 -52.68 -2.62
C ARG C 396 2.42 -52.72 -2.20
N GLU C 397 2.17 -53.15 -0.96
CA GLU C 397 0.81 -53.31 -0.48
C GLU C 397 0.82 -53.07 1.03
N GLY C 398 -0.13 -52.26 1.51
CA GLY C 398 -0.14 -51.92 2.92
C GLY C 398 1.20 -51.37 3.35
N LYS C 399 1.75 -51.91 4.45
CA LYS C 399 3.04 -51.47 4.95
C LYS C 399 4.22 -52.21 4.33
N TRP C 400 3.97 -53.10 3.37
CA TRP C 400 4.98 -54.05 2.91
C TRP C 400 5.53 -53.69 1.53
N LYS C 401 6.79 -54.05 1.30
CA LYS C 401 7.36 -54.12 -0.05
C LYS C 401 8.03 -55.47 -0.24
N TYR C 402 7.74 -56.13 -1.36
CA TYR C 402 8.33 -57.42 -1.68
C TYR C 402 9.01 -57.31 -3.03
N VAL C 403 10.23 -57.85 -3.12
CA VAL C 403 11.03 -57.79 -4.34
C VAL C 403 11.47 -59.21 -4.68
N TYR C 404 11.34 -59.59 -5.95
CA TYR C 404 11.69 -60.93 -6.39
C TYR C 404 12.51 -60.85 -7.68
N CYS C 405 13.57 -61.66 -7.74
CA CYS C 405 14.35 -61.89 -8.94
C CYS C 405 14.80 -63.35 -8.92
N ALA C 406 14.58 -64.06 -10.04
CA ALA C 406 14.93 -65.48 -10.06
C ALA C 406 16.39 -65.73 -9.66
N LEU C 407 17.26 -64.73 -9.82
CA LEU C 407 18.67 -64.85 -9.56
C LEU C 407 19.08 -64.48 -8.14
N ASP C 408 18.21 -63.84 -7.36
CA ASP C 408 18.58 -63.23 -6.10
C ASP C 408 17.73 -63.75 -4.95
N PRO C 409 18.22 -63.65 -3.72
CA PRO C 409 17.33 -63.84 -2.57
C PRO C 409 16.21 -62.80 -2.60
N GLU C 410 15.04 -63.21 -2.15
CA GLU C 410 13.93 -62.28 -2.02
C GLU C 410 14.25 -61.18 -1.01
N GLN C 411 13.58 -60.05 -1.15
CA GLN C 411 13.58 -58.99 -0.15
C GLN C 411 12.15 -58.75 0.31
N LEU C 412 11.97 -58.58 1.63
CA LEU C 412 10.69 -58.19 2.20
C LEU C 412 10.96 -57.11 3.25
N PHE C 413 10.29 -55.96 3.11
CA PHE C 413 10.50 -54.85 4.03
C PHE C 413 9.17 -54.41 4.64
N ASP C 414 9.17 -54.20 5.95
CA ASP C 414 8.06 -53.59 6.67
C ASP C 414 8.38 -52.10 6.74
N LEU C 415 7.74 -51.33 5.87
CA LEU C 415 8.07 -49.91 5.73
C LEU C 415 7.49 -49.08 6.86
N GLU C 416 6.48 -49.59 7.56
CA GLU C 416 5.96 -48.91 8.75
C GLU C 416 7.03 -48.90 9.84
N ALA C 417 7.58 -50.07 10.14
CA ALA C 417 8.56 -50.19 11.21
C ALA C 417 9.97 -49.82 10.75
N ASP C 418 10.27 -49.99 9.46
CA ASP C 418 11.64 -49.96 8.95
C ASP C 418 11.65 -49.15 7.67
N PRO C 419 11.35 -47.85 7.75
CA PRO C 419 11.19 -47.04 6.53
C PRO C 419 12.43 -46.94 5.69
N LEU C 420 13.60 -47.18 6.28
CA LEU C 420 14.85 -47.13 5.53
C LEU C 420 15.26 -48.50 4.98
N GLU C 421 14.41 -49.51 5.12
CA GLU C 421 14.63 -50.83 4.49
C GLU C 421 15.98 -51.40 4.86
N LEU C 422 16.26 -51.41 6.17
CA LEU C 422 17.52 -51.91 6.68
C LEU C 422 17.47 -53.39 7.02
N THR C 423 16.28 -53.96 7.21
CA THR C 423 16.12 -55.34 7.67
C THR C 423 15.31 -56.14 6.66
N ASN C 424 15.96 -57.10 6.02
CA ASN C 424 15.33 -57.91 4.99
C ASN C 424 14.61 -59.06 5.69
N LEU C 425 13.29 -58.95 5.77
CA LEU C 425 12.48 -59.90 6.55
C LEU C 425 12.36 -61.25 5.86
N ALA C 426 12.65 -61.32 4.55
CA ALA C 426 12.68 -62.62 3.90
C ALA C 426 13.90 -63.43 4.34
N GLU C 427 15.00 -62.76 4.61
CA GLU C 427 16.20 -63.44 5.11
C GLU C 427 16.12 -63.71 6.59
N ASN C 428 15.39 -62.86 7.31
CA ASN C 428 15.42 -62.80 8.77
C ASN C 428 14.00 -62.55 9.25
N PRO C 429 13.10 -63.52 9.06
CA PRO C 429 11.69 -63.31 9.43
C PRO C 429 11.55 -63.20 10.95
N ARG C 430 10.78 -62.21 11.38
CA ARG C 430 10.62 -61.97 12.82
C ARG C 430 9.80 -63.07 13.48
N GLY C 431 8.91 -63.73 12.74
CA GLY C 431 8.09 -64.79 13.27
C GLY C 431 7.07 -65.32 12.29
N PRO C 432 6.07 -66.05 12.79
CA PRO C 432 5.10 -66.68 11.90
C PRO C 432 4.35 -65.72 10.99
N VAL C 433 4.05 -64.50 11.44
CA VAL C 433 3.36 -63.56 10.57
C VAL C 433 4.25 -63.17 9.40
N ASP C 434 5.53 -62.92 9.66
CA ASP C 434 6.44 -62.61 8.53
C ASP C 434 6.46 -63.75 7.52
N GLN C 435 6.39 -64.99 8.01
CA GLN C 435 6.45 -66.14 7.12
C GLN C 435 5.19 -66.24 6.27
N ALA C 436 4.02 -66.05 6.90
CA ALA C 436 2.78 -66.07 6.14
C ALA C 436 2.73 -64.92 5.13
N THR C 437 3.27 -63.76 5.51
CA THR C 437 3.29 -62.63 4.60
C THR C 437 4.13 -62.95 3.37
N LEU C 438 5.28 -63.59 3.57
CA LEU C 438 6.13 -63.94 2.44
C LEU C 438 5.41 -64.91 1.51
N THR C 439 4.75 -65.93 2.08
CA THR C 439 3.96 -66.84 1.27
C THR C 439 2.88 -66.08 0.50
N ALA C 440 2.19 -65.16 1.18
CA ALA C 440 1.16 -64.36 0.53
C ALA C 440 1.72 -63.60 -0.66
N PHE C 441 2.88 -62.96 -0.49
CA PHE C 441 3.46 -62.19 -1.60
C PHE C 441 4.01 -63.11 -2.68
N ARG C 442 4.57 -64.26 -2.29
CA ARG C 442 4.99 -65.24 -3.30
C ARG C 442 3.81 -65.65 -4.18
N ASP C 443 2.67 -65.95 -3.55
CA ASP C 443 1.50 -66.37 -4.32
C ASP C 443 1.01 -65.26 -5.25
N MET C 444 0.98 -64.02 -4.76
CA MET C 444 0.56 -62.91 -5.59
C MET C 444 1.55 -62.66 -6.72
N ARG C 445 2.84 -62.78 -6.42
N ARG C 445 2.84 -62.79 -6.43
CA ARG C 445 3.86 -62.66 -7.45
CA ARG C 445 3.85 -62.65 -7.46
C ARG C 445 3.64 -63.69 -8.56
C ARG C 445 3.68 -63.70 -8.55
N ALA C 446 3.44 -64.94 -8.16
CA ALA C 446 3.21 -66.00 -9.14
C ALA C 446 1.89 -65.79 -9.88
N ALA C 447 0.93 -65.08 -9.27
CA ALA C 447 -0.33 -64.81 -9.94
C ALA C 447 -0.23 -63.71 -11.00
N HIS C 448 0.72 -62.80 -10.85
CA HIS C 448 0.81 -61.65 -11.74
C HIS C 448 1.90 -61.80 -12.80
N TRP C 449 2.95 -62.59 -12.51
CA TRP C 449 4.06 -62.70 -13.42
C TRP C 449 4.47 -64.14 -13.61
N ASP C 450 4.67 -64.54 -14.88
CA ASP C 450 5.44 -65.72 -15.23
C ASP C 450 6.86 -65.23 -15.50
N MET C 451 7.75 -65.42 -14.52
CA MET C 451 9.09 -64.85 -14.61
C MET C 451 9.92 -65.53 -15.71
N GLU C 452 9.63 -66.80 -16.03
CA GLU C 452 10.32 -67.45 -17.13
C GLU C 452 9.94 -66.81 -18.45
N ALA C 453 8.63 -66.67 -18.69
CA ALA C 453 8.17 -66.00 -19.90
C ALA C 453 8.67 -64.57 -19.97
N PHE C 454 8.75 -63.89 -18.82
CA PHE C 454 9.24 -62.52 -18.77
C PHE C 454 10.68 -62.47 -19.26
N ASP C 455 11.54 -63.33 -18.70
CA ASP C 455 12.93 -63.39 -19.14
C ASP C 455 13.02 -63.66 -20.64
N ALA C 456 12.29 -64.66 -21.13
CA ALA C 456 12.39 -65.01 -22.54
C ALA C 456 11.91 -63.88 -23.43
N ALA C 457 10.87 -63.17 -23.01
CA ALA C 457 10.38 -62.04 -23.79
C ALA C 457 11.43 -60.94 -23.87
N VAL C 458 12.09 -60.69 -22.75
CA VAL C 458 13.12 -59.65 -22.73
C VAL C 458 14.30 -60.06 -23.60
N ARG C 459 14.73 -61.32 -23.50
CA ARG C 459 15.86 -61.76 -24.31
C ARG C 459 15.54 -61.66 -25.81
N GLU C 460 14.32 -62.00 -26.21
CA GLU C 460 13.96 -61.93 -27.62
C GLU C 460 13.97 -60.48 -28.10
N SER C 461 13.44 -59.57 -27.28
CA SER C 461 13.42 -58.17 -27.63
C SER C 461 14.83 -57.61 -27.80
N GLN C 462 15.73 -57.96 -26.88
CA GLN C 462 17.12 -57.52 -26.98
C GLN C 462 17.78 -58.07 -28.24
N ALA C 463 17.64 -59.38 -28.48
CA ALA C 463 18.35 -60.00 -29.58
C ALA C 463 17.87 -59.43 -30.91
N ARG C 464 16.55 -59.31 -31.06
CA ARG C 464 15.95 -58.76 -32.27
C ARG C 464 16.47 -57.36 -32.57
N ARG C 465 16.52 -56.51 -31.55
CA ARG C 465 17.00 -55.14 -31.71
C ARG C 465 18.48 -55.07 -32.04
N TRP C 466 19.29 -56.02 -31.57
CA TRP C 466 20.71 -55.94 -31.86
C TRP C 466 20.99 -56.30 -33.30
N VAL C 467 20.25 -57.27 -33.86
CA VAL C 467 20.36 -57.54 -35.30
C VAL C 467 19.97 -56.29 -36.08
N VAL C 468 18.82 -55.71 -35.74
CA VAL C 468 18.28 -54.58 -36.49
C VAL C 468 19.18 -53.35 -36.34
N TYR C 469 19.64 -53.07 -35.12
CA TYR C 469 20.41 -51.85 -34.88
C TYR C 469 21.78 -51.92 -35.55
N GLU C 470 22.42 -53.10 -35.52
CA GLU C 470 23.65 -53.30 -36.25
C GLU C 470 23.47 -52.93 -37.73
N ALA C 471 22.35 -53.33 -38.32
CA ALA C 471 22.06 -52.98 -39.71
C ALA C 471 21.85 -51.48 -39.88
N LEU C 472 21.06 -50.88 -39.01
CA LEU C 472 20.68 -49.49 -39.18
C LEU C 472 21.85 -48.54 -39.00
N ARG C 473 22.93 -49.00 -38.38
CA ARG C 473 24.13 -48.19 -38.19
C ARG C 473 25.17 -48.45 -39.29
N ASN C 474 24.81 -49.20 -40.33
CA ASN C 474 25.59 -49.30 -41.55
C ASN C 474 25.01 -48.37 -42.60
N GLY C 475 25.89 -47.74 -43.37
CA GLY C 475 25.42 -46.84 -44.40
C GLY C 475 24.86 -45.56 -43.82
N ALA C 476 24.11 -44.85 -44.66
CA ALA C 476 23.49 -43.59 -44.27
C ALA C 476 22.47 -43.82 -43.16
N TYR C 477 22.63 -43.09 -42.05
CA TYR C 477 21.71 -43.24 -40.92
C TYR C 477 20.44 -42.43 -41.15
N TYR C 478 19.29 -43.06 -40.90
CA TYR C 478 18.01 -42.35 -40.91
C TYR C 478 17.58 -42.05 -39.48
N PRO C 479 17.67 -40.81 -39.02
CA PRO C 479 17.32 -40.52 -37.62
C PRO C 479 15.82 -40.46 -37.37
N TRP C 480 15.45 -40.82 -36.13
CA TRP C 480 14.05 -40.84 -35.71
C TRP C 480 13.71 -39.70 -34.75
N ASP C 481 14.66 -38.83 -34.44
CA ASP C 481 14.44 -37.75 -33.50
C ASP C 481 13.33 -36.84 -33.99
N HIS C 482 12.48 -36.42 -33.06
CA HIS C 482 11.40 -35.54 -33.42
C HIS C 482 11.93 -34.16 -33.81
N GLN C 483 11.48 -33.66 -34.97
CA GLN C 483 11.82 -32.31 -35.39
C GLN C 483 10.60 -31.42 -35.30
N PRO C 484 10.51 -30.53 -34.31
CA PRO C 484 9.39 -29.59 -34.27
C PRO C 484 9.33 -28.78 -35.56
N LEU C 485 8.12 -28.54 -36.04
N LEU C 485 8.12 -28.53 -36.04
CA LEU C 485 7.90 -27.81 -37.27
CA LEU C 485 7.89 -27.76 -37.25
C LEU C 485 6.85 -26.73 -37.02
C LEU C 485 6.82 -26.73 -36.97
N GLN C 486 7.28 -25.48 -37.04
N GLN C 486 7.16 -25.45 -37.12
CA GLN C 486 6.38 -24.33 -37.01
CA GLN C 486 6.23 -24.32 -36.98
C GLN C 486 6.54 -23.59 -38.34
C GLN C 486 6.37 -23.49 -38.26
N LYS C 487 5.53 -23.71 -39.20
N LYS C 487 5.52 -23.79 -39.24
CA LYS C 487 5.60 -23.14 -40.54
CA LYS C 487 5.59 -23.13 -40.54
C LYS C 487 5.70 -21.61 -40.48
C LYS C 487 5.70 -21.62 -40.43
N ALA C 488 6.88 -21.09 -40.74
CA ALA C 488 7.08 -19.64 -40.70
C ALA C 488 6.16 -18.92 -41.67
N SER C 489 5.77 -19.59 -42.77
CA SER C 489 4.94 -18.93 -43.77
C SER C 489 3.50 -18.70 -43.30
N GLU C 490 3.11 -19.26 -42.15
CA GLU C 490 1.79 -19.06 -41.60
C GLU C 490 1.79 -18.28 -40.28
N ARG C 491 2.95 -17.82 -39.83
CA ARG C 491 3.07 -17.17 -38.53
C ARG C 491 3.20 -15.66 -38.70
N TYR C 492 2.74 -14.93 -37.69
CA TYR C 492 2.86 -13.47 -37.66
C TYR C 492 2.12 -12.90 -38.86
N MET C 493 2.60 -11.82 -39.45
CA MET C 493 1.88 -11.13 -40.50
C MET C 493 2.37 -11.56 -41.88
N ARG C 494 1.46 -12.07 -42.68
CA ARG C 494 1.70 -12.51 -44.06
C ARG C 494 0.61 -11.90 -44.93
N ASN C 495 0.88 -11.73 -46.22
CA ASN C 495 0.07 -10.81 -47.00
C ASN C 495 -1.15 -11.44 -47.65
N HIS C 496 -1.59 -12.59 -47.16
CA HIS C 496 -2.97 -13.02 -47.34
C HIS C 496 -3.85 -12.59 -46.16
N MET C 497 -3.30 -11.85 -45.21
CA MET C 497 -3.99 -11.49 -43.98
C MET C 497 -4.34 -10.00 -43.96
N ASN C 498 -5.17 -9.63 -42.98
CA ASN C 498 -5.49 -8.23 -42.68
C ASN C 498 -4.77 -7.89 -41.38
N LEU C 499 -3.90 -6.89 -41.41
CA LEU C 499 -3.09 -6.60 -40.23
C LEU C 499 -3.94 -6.34 -39.00
N ASP C 500 -5.00 -5.55 -39.14
CA ASP C 500 -5.83 -5.20 -37.97
C ASP C 500 -6.49 -6.43 -37.38
N THR C 501 -7.01 -7.31 -38.24
CA THR C 501 -7.64 -8.53 -37.77
C THR C 501 -6.62 -9.45 -37.10
N LEU C 502 -5.43 -9.57 -37.67
CA LEU C 502 -4.35 -10.31 -37.02
C LEU C 502 -4.11 -9.80 -35.60
N GLU C 503 -3.87 -8.48 -35.47
CA GLU C 503 -3.47 -7.92 -34.19
C GLU C 503 -4.53 -8.19 -33.13
N GLU C 504 -5.80 -8.00 -33.49
CA GLU C 504 -6.90 -8.27 -32.58
C GLU C 504 -6.94 -9.75 -32.20
N SER C 505 -6.77 -10.64 -33.17
CA SER C 505 -6.88 -12.06 -32.84
C SER C 505 -5.73 -12.53 -31.95
N LYS C 506 -4.57 -11.89 -32.04
CA LYS C 506 -3.40 -12.32 -31.28
C LYS C 506 -3.27 -11.63 -29.93
N ARG C 507 -4.12 -10.64 -29.67
CA ARG C 507 -4.15 -9.93 -28.40
C ARG C 507 -5.06 -10.65 -27.40
N TYR C 508 -4.54 -10.90 -26.19
CA TYR C 508 -5.38 -11.45 -25.16
C TYR C 508 -4.85 -11.06 -23.79
N PRO C 509 -5.72 -10.65 -22.85
CA PRO C 509 -7.16 -10.40 -23.01
C PRO C 509 -7.43 -9.25 -23.98
N ARG C 510 -8.65 -9.18 -24.52
CA ARG C 510 -8.97 -8.23 -25.57
C ARG C 510 -9.79 -7.06 -25.03
N GLY C 511 -9.67 -5.92 -25.72
CA GLY C 511 -10.49 -4.77 -25.42
C GLY C 511 -10.30 -4.20 -24.03
N GLU C 512 -9.11 -4.34 -23.47
CA GLU C 512 -8.88 -3.87 -22.10
C GLU C 512 -7.77 -2.82 -22.08
N GLY C 513 -7.82 -1.95 -21.08
CA GLY C 513 -6.82 -0.92 -20.92
C GLY C 513 -7.42 0.45 -20.65
N SER C 514 -7.07 1.02 -19.50
CA SER C 514 -7.64 2.29 -19.06
C SER C 514 -6.59 3.02 -18.24
N HIS C 515 -6.36 4.29 -18.57
CA HIS C 515 -5.45 5.11 -17.77
C HIS C 515 -6.23 5.78 -16.65
N HIS C 516 -7.09 6.74 -16.99
CA HIS C 516 -7.93 7.42 -16.01
C HIS C 516 -9.42 7.28 -16.28
N HIS C 517 -9.79 6.92 -17.51
CA HIS C 517 -11.19 6.68 -17.90
C HIS C 517 -11.33 5.17 -18.06
N HIS C 518 -11.96 4.53 -17.07
CA HIS C 518 -11.89 3.07 -16.92
C HIS C 518 -12.97 2.34 -17.71
N HIS C 519 -13.05 2.68 -19.00
CA HIS C 519 -13.81 1.92 -19.99
C HIS C 519 -13.02 1.98 -21.28
N HIS C 520 -12.59 0.82 -21.78
CA HIS C 520 -11.74 0.79 -22.96
C HIS C 520 -12.49 1.25 -24.21
N GLY D 4 -6.93 31.67 3.10
CA GLY D 4 -6.55 32.46 1.95
C GLY D 4 -5.05 32.57 1.80
N LYS D 5 -4.34 32.73 2.93
CA LYS D 5 -2.90 32.91 2.91
C LYS D 5 -2.20 31.57 2.68
N PRO D 6 -1.16 31.53 1.86
CA PRO D 6 -0.48 30.26 1.59
C PRO D 6 0.51 29.88 2.68
N ASN D 7 0.70 28.56 2.82
CA ASN D 7 1.85 28.10 3.61
C ASN D 7 3.13 28.46 2.89
N ILE D 8 4.23 28.47 3.65
CA ILE D 8 5.53 28.79 3.05
C ILE D 8 6.58 27.83 3.60
N LEU D 9 7.26 27.13 2.70
CA LEU D 9 8.37 26.26 3.04
C LEU D 9 9.63 26.87 2.46
N ILE D 10 10.54 27.29 3.32
CA ILE D 10 11.84 27.83 2.93
C ILE D 10 12.87 26.74 3.14
N ILE D 11 13.46 26.26 2.06
CA ILE D 11 14.56 25.31 2.09
C ILE D 11 15.83 26.12 1.87
N MET D 12 16.68 26.16 2.87
CA MET D 12 17.95 26.87 2.80
C MET D 12 19.08 25.85 2.92
N VAL D 13 20.13 26.05 2.12
CA VAL D 13 21.36 25.27 2.24
C VAL D 13 22.50 26.25 2.41
N ASP D 14 23.64 25.74 2.83
CA ASP D 14 24.76 26.58 3.24
C ASP D 14 25.93 26.40 2.30
N GLN D 15 26.48 27.51 1.81
CA GLN D 15 27.70 27.49 1.02
C GLN D 15 27.50 26.85 -0.35
N LEU D 16 26.37 27.14 -1.00
CA LEU D 16 26.08 26.59 -2.33
C LEU D 16 26.39 27.63 -3.40
N ASN D 17 27.41 27.35 -4.21
CA ASN D 17 27.80 28.14 -5.38
C ASN D 17 26.66 28.32 -6.36
N GLY D 18 26.18 29.54 -6.52
CA GLY D 18 25.03 29.79 -7.37
C GLY D 18 25.28 29.50 -8.85
N LYS D 19 26.53 29.51 -9.28
CA LYS D 19 26.83 29.16 -10.67
C LYS D 19 26.48 27.73 -10.97
N LEU D 20 26.30 26.88 -9.94
CA LEU D 20 25.87 25.50 -10.14
C LEU D 20 24.38 25.38 -10.40
N PHE D 21 23.65 26.50 -10.36
CA PHE D 21 22.23 26.55 -10.71
C PHE D 21 22.03 27.50 -11.89
N PRO D 22 22.51 27.13 -13.08
CA PRO D 22 22.33 28.01 -14.26
C PRO D 22 20.88 28.18 -14.68
N ASP D 23 20.03 27.20 -14.38
CA ASP D 23 18.61 27.23 -14.76
C ASP D 23 17.97 26.11 -13.99
N GLY D 24 17.86 26.26 -12.66
CA GLY D 24 17.78 25.11 -11.81
C GLY D 24 19.14 24.44 -11.76
N PRO D 25 19.24 23.32 -11.05
CA PRO D 25 20.55 22.65 -10.93
C PRO D 25 21.19 22.39 -12.28
N ALA D 26 22.51 22.48 -12.32
CA ALA D 26 23.24 22.13 -13.54
C ALA D 26 22.98 20.68 -13.90
N ASP D 27 23.05 20.38 -15.20
CA ASP D 27 22.69 19.07 -15.71
C ASP D 27 23.53 17.97 -15.07
N PHE D 28 24.80 18.26 -14.80
CA PHE D 28 25.72 17.22 -14.32
C PHE D 28 25.49 16.86 -12.86
N LEU D 29 24.71 17.64 -12.13
CA LEU D 29 24.40 17.30 -10.75
C LEU D 29 23.30 16.23 -10.71
N HIS D 30 23.46 15.26 -9.82
CA HIS D 30 22.39 14.28 -9.60
C HIS D 30 21.44 14.87 -8.58
N ALA D 31 20.43 15.61 -9.06
CA ALA D 31 19.50 16.34 -8.20
C ALA D 31 18.12 16.31 -8.81
N PRO D 32 17.51 15.13 -8.91
CA PRO D 32 16.19 15.04 -9.55
C PRO D 32 15.11 15.83 -8.85
N ASN D 33 15.12 15.84 -7.51
CA ASN D 33 14.07 16.54 -6.79
C ASN D 33 14.20 18.05 -6.92
N LEU D 34 15.42 18.58 -6.82
CA LEU D 34 15.61 20.00 -7.04
C LEU D 34 15.38 20.37 -8.50
N LYS D 35 15.64 19.44 -9.42
CA LYS D 35 15.39 19.74 -10.83
C LYS D 35 13.89 19.79 -11.10
N ALA D 36 13.13 18.86 -10.53
CA ALA D 36 11.68 18.93 -10.63
C ALA D 36 11.16 20.22 -10.00
N LEU D 37 11.66 20.56 -8.82
CA LEU D 37 11.23 21.80 -8.18
C LEU D 37 11.53 23.00 -9.06
N ALA D 38 12.70 23.02 -9.71
CA ALA D 38 13.08 24.18 -10.51
C ALA D 38 12.15 24.35 -11.71
N LYS D 39 11.73 23.24 -12.32
CA LYS D 39 10.82 23.35 -13.46
C LYS D 39 9.50 23.97 -13.07
N ARG D 40 9.09 23.86 -11.79
CA ARG D 40 7.91 24.52 -11.29
C ARG D 40 8.14 25.96 -10.85
N SER D 41 9.39 26.44 -10.87
CA SER D 41 9.74 27.63 -10.11
C SER D 41 10.06 28.83 -11.01
N ALA D 42 9.87 30.02 -10.44
CA ALA D 42 10.58 31.19 -10.91
C ALA D 42 12.00 31.09 -10.39
N ARG D 43 12.96 31.09 -11.30
CA ARG D 43 14.37 30.85 -11.00
C ARG D 43 15.16 32.13 -11.29
N PHE D 44 15.92 32.57 -10.32
CA PHE D 44 16.64 33.84 -10.39
C PHE D 44 18.12 33.53 -10.60
N HIS D 45 18.53 33.63 -11.87
CA HIS D 45 19.81 33.08 -12.28
C HIS D 45 20.97 33.84 -11.69
N ASN D 46 20.87 35.17 -11.64
CA ASN D 46 21.95 36.02 -11.17
C ASN D 46 21.64 36.55 -9.77
N ASN D 47 21.45 35.65 -8.83
CA ASN D 47 21.11 36.05 -7.48
C ASN D 47 22.35 36.04 -6.61
N TYR D 48 22.44 37.03 -5.72
CA TYR D 48 23.62 37.26 -4.91
C TYR D 48 23.26 37.28 -3.43
N THR D 49 24.19 36.82 -2.60
CA THR D 49 24.09 37.06 -1.18
C THR D 49 24.38 38.53 -0.89
N SER D 50 23.96 38.99 0.30
CA SER D 50 24.30 40.34 0.75
C SER D 50 25.70 40.41 1.34
N SER D 51 26.23 39.32 1.82
CA SER D 51 27.54 39.28 2.43
C SER D 51 28.07 37.86 2.35
N PRO D 52 29.31 37.66 1.87
CA PRO D 52 29.84 36.30 1.69
C PRO D 52 30.40 35.69 2.97
N LEU D 53 29.52 35.55 3.96
CA LEU D 53 29.86 34.96 5.26
C LEU D 53 28.55 34.60 5.94
N SER D 54 28.60 33.56 6.76
CA SER D 54 27.40 32.92 7.27
C SER D 54 26.53 33.84 8.13
N ALA D 55 27.04 34.27 9.28
CA ALA D 55 26.19 35.07 10.16
C ALA D 55 25.78 36.38 9.53
N PRO D 56 26.65 37.12 8.85
CA PRO D 56 26.20 38.37 8.20
C PRO D 56 25.18 38.10 7.12
N ALA D 57 25.41 37.08 6.29
CA ALA D 57 24.44 36.73 5.26
C ALA D 57 23.10 36.42 5.88
N ARG D 58 23.09 35.64 6.96
CA ARG D 58 21.84 35.14 7.51
C ARG D 58 21.09 36.23 8.28
N ALA D 59 21.80 37.03 9.09
CA ALA D 59 21.14 38.16 9.73
C ALA D 59 20.55 39.10 8.70
N SER D 60 21.24 39.29 7.57
CA SER D 60 20.73 40.20 6.54
C SER D 60 19.57 39.56 5.78
N PHE D 61 19.68 38.25 5.51
CA PHE D 61 18.57 37.49 4.91
C PHE D 61 17.30 37.61 5.75
N MET D 62 17.41 37.34 7.06
N MET D 62 17.40 37.35 7.07
CA MET D 62 16.22 37.38 7.92
CA MET D 62 16.19 37.37 7.89
C MET D 62 15.57 38.75 7.90
C MET D 62 15.55 38.76 7.95
N ALA D 63 16.36 39.80 8.03
CA ALA D 63 15.83 41.16 8.18
C ALA D 63 15.62 41.88 6.86
N GLY D 64 16.15 41.35 5.76
CA GLY D 64 16.11 42.12 4.52
C GLY D 64 16.87 43.43 4.64
N GLN D 65 17.98 43.42 5.36
CA GLN D 65 18.78 44.60 5.64
C GLN D 65 20.25 44.26 5.45
N LEU D 66 21.03 45.22 4.97
CA LEU D 66 22.46 45.00 4.78
C LEU D 66 23.19 44.90 6.14
N PRO D 67 24.35 44.23 6.16
CA PRO D 67 25.15 44.17 7.41
C PRO D 67 25.42 45.52 8.03
N SER D 68 25.67 46.53 7.20
CA SER D 68 25.89 47.88 7.72
C SER D 68 24.69 48.38 8.51
N ARG D 69 23.51 47.87 8.21
CA ARG D 69 22.29 48.24 8.94
C ARG D 69 21.97 47.27 10.08
N THR D 70 22.14 45.96 9.89
CA THR D 70 21.90 45.03 10.97
C THR D 70 22.97 45.13 12.04
N ARG D 71 24.15 45.62 11.68
CA ARG D 71 25.36 45.66 12.48
C ARG D 71 25.96 44.27 12.69
N VAL D 72 25.45 43.25 12.01
CA VAL D 72 26.04 41.91 12.09
C VAL D 72 27.11 41.86 11.01
N TYR D 73 28.33 42.23 11.40
CA TYR D 73 29.45 42.39 10.48
C TYR D 73 30.21 41.10 10.22
N ASP D 74 30.18 40.17 11.16
CA ASP D 74 31.07 39.02 11.14
C ASP D 74 30.34 37.87 11.85
N ASN D 75 31.02 36.74 12.00
CA ASN D 75 30.36 35.55 12.55
C ASN D 75 30.26 35.57 14.08
N ALA D 76 30.55 36.69 14.71
CA ALA D 76 30.46 36.80 16.16
C ALA D 76 29.77 38.08 16.59
N ALA D 77 29.10 38.77 15.68
CA ALA D 77 28.47 40.05 15.96
C ALA D 77 27.04 39.87 16.45
N GLU D 78 26.72 40.52 17.56
CA GLU D 78 25.40 40.38 18.15
C GLU D 78 24.33 40.87 17.18
N TYR D 79 23.27 40.05 17.04
CA TYR D 79 22.05 40.39 16.32
C TYR D 79 20.99 40.86 17.32
N GLN D 80 20.64 42.14 17.27
CA GLN D 80 19.72 42.71 18.22
C GLN D 80 18.35 42.06 18.10
N SER D 81 17.74 41.77 19.26
CA SER D 81 16.43 41.15 19.26
CA SER D 81 16.43 41.15 19.26
C SER D 81 15.34 42.06 18.69
N SER D 82 15.54 43.37 18.71
CA SER D 82 14.52 44.30 18.24
C SER D 82 14.49 44.46 16.71
N ILE D 83 15.35 43.79 15.97
CA ILE D 83 15.35 43.96 14.50
C ILE D 83 14.28 43.06 13.89
N PRO D 84 13.29 43.61 13.18
CA PRO D 84 12.25 42.75 12.62
C PRO D 84 12.78 41.88 11.49
N THR D 85 12.32 40.63 11.48
CA THR D 85 12.71 39.65 10.47
C THR D 85 11.45 39.17 9.74
N TYR D 86 11.64 38.36 8.69
CA TYR D 86 10.46 37.83 8.01
C TYR D 86 9.61 36.99 8.96
N ALA D 87 10.21 36.41 9.98
CA ALA D 87 9.41 35.67 10.98
C ALA D 87 8.47 36.62 11.72
N HIS D 88 8.99 37.77 12.15
CA HIS D 88 8.12 38.79 12.77
C HIS D 88 7.03 39.21 11.80
N HIS D 89 7.40 39.60 10.58
CA HIS D 89 6.40 40.08 9.62
C HIS D 89 5.31 39.05 9.39
N LEU D 90 5.70 37.79 9.14
CA LEU D 90 4.70 36.76 8.90
C LEU D 90 3.90 36.45 10.17
N ARG D 91 4.57 36.38 11.31
CA ARG D 91 3.90 36.04 12.58
C ARG D 91 2.92 37.13 12.98
N ARG D 92 3.29 38.39 12.78
CA ARG D 92 2.36 39.50 13.02
C ARG D 92 1.16 39.42 12.08
N ALA D 93 1.34 38.87 10.87
CA ALA D 93 0.25 38.68 9.92
C ALA D 93 -0.50 37.38 10.13
N GLY D 94 -0.18 36.63 11.17
CA GLY D 94 -0.98 35.48 11.56
C GLY D 94 -0.39 34.12 11.23
N TYR D 95 0.88 34.07 10.84
CA TYR D 95 1.54 32.80 10.56
C TYR D 95 2.10 32.16 11.82
N TYR D 96 1.98 30.83 11.91
CA TYR D 96 2.89 30.03 12.71
C TYR D 96 4.23 29.96 12.00
N THR D 97 5.30 30.30 12.71
CA THR D 97 6.63 30.31 12.13
C THR D 97 7.56 29.39 12.92
N ALA D 98 8.34 28.59 12.21
CA ALA D 98 9.27 27.69 12.84
C ALA D 98 10.54 27.57 12.01
N LEU D 99 11.62 27.20 12.69
CA LEU D 99 12.92 26.98 12.07
C LEU D 99 13.46 25.63 12.51
N SER D 100 13.86 24.81 11.55
CA SER D 100 14.64 23.62 11.82
C SER D 100 15.98 23.81 11.16
N GLY D 101 17.05 23.80 11.96
CA GLY D 101 18.38 23.92 11.40
C GLY D 101 19.11 25.21 11.73
N LYS D 102 20.01 25.60 10.84
CA LYS D 102 21.02 26.59 11.15
C LYS D 102 20.56 27.98 10.79
N MET D 103 20.94 28.95 11.60
CA MET D 103 20.80 30.34 11.21
C MET D 103 21.94 31.21 11.71
N HIS D 104 22.88 30.66 12.50
CA HIS D 104 24.09 31.35 12.89
C HIS D 104 23.76 32.74 13.46
N LEU D 105 22.80 32.75 14.37
CA LEU D 105 22.42 33.94 15.14
C LEU D 105 23.33 34.04 16.35
N VAL D 106 23.90 35.22 16.57
CA VAL D 106 24.86 35.44 17.65
C VAL D 106 24.19 36.33 18.69
N GLY D 107 24.34 35.95 19.95
CA GLY D 107 23.69 36.64 21.03
C GLY D 107 22.65 35.77 21.68
N PRO D 108 22.10 36.25 22.80
CA PRO D 108 21.17 35.41 23.58
C PRO D 108 19.84 35.14 22.89
N ASP D 109 19.42 35.96 21.92
CA ASP D 109 18.19 35.66 21.18
C ASP D 109 18.52 34.66 20.09
N GLN D 110 17.98 33.45 20.19
CA GLN D 110 18.18 32.41 19.19
C GLN D 110 16.93 32.13 18.36
N LEU D 111 15.90 32.95 18.48
CA LEU D 111 14.65 32.82 17.73
C LEU D 111 14.43 33.96 16.74
N HIS D 112 14.77 35.19 17.11
CA HIS D 112 14.59 36.39 16.28
C HIS D 112 13.27 36.36 15.52
N GLY D 113 12.19 36.10 16.26
CA GLY D 113 10.85 36.11 15.75
C GLY D 113 10.25 34.75 15.50
N PHE D 114 11.08 33.74 15.26
CA PHE D 114 10.55 32.38 15.10
C PHE D 114 9.79 31.99 16.35
N GLU D 115 8.58 31.46 16.16
CA GLU D 115 7.77 31.05 17.30
C GLU D 115 8.28 29.75 17.89
N GLU D 116 8.91 28.92 17.09
CA GLU D 116 9.45 27.66 17.58
C GLU D 116 10.71 27.36 16.79
N ARG D 117 11.71 26.80 17.46
CA ARG D 117 12.93 26.37 16.79
C ARG D 117 13.21 24.93 17.17
N LEU D 118 13.31 24.06 16.18
CA LEU D 118 13.28 22.63 16.39
C LEU D 118 14.65 22.04 16.69
N THR D 119 15.73 22.72 16.32
CA THR D 119 17.08 22.23 16.55
C THR D 119 17.92 23.36 17.13
N THR D 120 19.02 22.97 17.78
CA THR D 120 20.01 23.96 18.18
C THR D 120 20.80 24.38 16.94
N ASP D 121 21.70 25.34 17.09
CA ASP D 121 22.57 25.69 15.98
C ASP D 121 23.81 24.81 15.97
N ILE D 122 24.31 24.53 14.76
CA ILE D 122 25.56 23.80 14.60
C ILE D 122 26.73 24.64 15.06
N TYR D 123 26.60 25.95 15.01
CA TYR D 123 27.73 26.83 15.23
C TYR D 123 27.51 27.69 16.47
N PRO D 124 28.55 28.37 16.97
CA PRO D 124 28.43 29.06 18.26
C PRO D 124 27.49 30.26 18.19
N ALA D 125 26.96 30.61 19.37
CA ALA D 125 26.06 31.73 19.54
C ALA D 125 26.72 32.88 20.30
N ASP D 126 28.02 32.81 20.56
CA ASP D 126 28.70 33.82 21.36
C ASP D 126 29.72 34.57 20.52
N PHE D 127 30.49 35.43 21.18
CA PHE D 127 31.37 36.40 20.49
C PHE D 127 32.77 35.85 20.22
N GLY D 128 32.96 34.54 20.27
CA GLY D 128 34.30 34.00 20.20
C GLY D 128 35.00 34.29 18.88
N TRP D 129 34.26 34.28 17.78
CA TRP D 129 34.86 34.45 16.44
C TRP D 129 34.89 35.91 16.01
N THR D 130 35.19 36.83 16.93
CA THR D 130 35.24 38.26 16.63
C THR D 130 36.58 38.60 15.98
N PRO D 131 36.61 39.06 14.71
CA PRO D 131 37.86 39.52 14.13
C PRO D 131 38.34 40.81 14.80
N ASP D 132 39.63 41.10 14.62
CA ASP D 132 40.23 42.29 15.23
C ASP D 132 41.09 43.05 14.23
N TYR D 133 40.55 44.18 13.76
CA TYR D 133 41.23 45.03 12.78
C TYR D 133 42.48 45.68 13.33
N ARG D 134 42.70 45.62 14.65
CA ARG D 134 43.94 46.12 15.22
C ARG D 134 45.11 45.17 14.96
N LYS D 135 44.84 43.95 14.50
CA LYS D 135 45.88 42.93 14.30
C LYS D 135 45.84 42.39 12.88
N PRO D 136 45.95 43.28 11.89
CA PRO D 136 45.97 42.81 10.49
C PRO D 136 47.12 41.83 10.26
N GLY D 137 46.77 40.68 9.68
CA GLY D 137 47.73 39.64 9.36
C GLY D 137 47.67 38.45 10.29
N GLU D 138 47.00 38.57 11.43
CA GLU D 138 46.84 37.43 12.32
C GLU D 138 45.79 36.47 11.76
N ARG D 139 45.86 35.23 12.24
CA ARG D 139 44.82 34.24 12.01
C ARG D 139 44.64 33.43 13.27
N ILE D 140 43.44 32.88 13.45
CA ILE D 140 43.06 32.10 14.63
C ILE D 140 42.88 30.66 14.17
N ASP D 141 43.84 29.80 14.51
CA ASP D 141 43.89 28.50 13.87
C ASP D 141 42.76 27.58 14.31
N TRP D 142 42.18 27.79 15.49
CA TRP D 142 41.19 26.85 16.00
C TRP D 142 39.79 27.08 15.42
N TRP D 143 39.57 28.16 14.66
CA TRP D 143 38.29 28.26 13.94
C TRP D 143 38.37 28.78 12.52
N TYR D 144 39.49 29.36 12.10
CA TYR D 144 39.60 29.81 10.70
C TYR D 144 39.49 28.63 9.75
N HIS D 145 38.90 28.89 8.57
CA HIS D 145 39.07 27.99 7.44
C HIS D 145 40.54 27.73 7.20
N ASN D 146 40.86 26.51 6.77
CA ASN D 146 42.19 26.23 6.23
C ASN D 146 42.04 25.20 5.12
N LEU D 147 43.09 25.06 4.32
CA LEU D 147 43.00 24.15 3.17
C LEU D 147 43.01 22.67 3.60
N GLY D 148 43.04 22.36 4.89
CA GLY D 148 42.87 21.00 5.34
C GLY D 148 41.54 20.41 4.92
N SER D 149 40.53 21.25 4.68
CA SER D 149 39.30 20.77 4.09
C SER D 149 39.52 20.24 2.67
N VAL D 150 40.48 20.82 1.95
CA VAL D 150 40.74 20.39 0.57
C VAL D 150 41.57 19.11 0.55
N THR D 151 42.60 19.03 1.41
CA THR D 151 43.42 17.84 1.48
C THR D 151 42.72 16.70 2.23
N GLY D 152 41.73 17.00 3.05
CA GLY D 152 41.05 15.99 3.83
C GLY D 152 39.72 15.53 3.28
N ALA D 153 39.33 15.99 2.09
CA ALA D 153 38.07 15.57 1.51
C ALA D 153 38.02 14.05 1.40
N GLY D 154 36.80 13.50 1.45
CA GLY D 154 36.67 12.05 1.32
C GLY D 154 35.28 11.55 1.68
N VAL D 155 35.25 10.32 2.18
CA VAL D 155 34.02 9.57 2.36
C VAL D 155 33.89 9.16 3.83
N ALA D 156 32.71 9.37 4.40
CA ALA D 156 32.41 8.93 5.76
C ALA D 156 30.91 8.77 5.85
N GLU D 157 30.48 7.94 6.79
CA GLU D 157 29.05 7.66 6.91
C GLU D 157 28.36 8.52 7.96
N ILE D 158 29.14 9.14 8.86
CA ILE D 158 28.64 10.18 9.74
C ILE D 158 29.70 11.27 9.84
N THR D 159 29.23 12.51 9.99
CA THR D 159 30.07 13.66 10.27
C THR D 159 29.29 14.55 11.22
N ASN D 160 29.97 15.58 11.76
CA ASN D 160 29.26 16.61 12.52
C ASN D 160 28.07 17.13 11.70
N GLN D 161 28.32 17.45 10.41
CA GLN D 161 27.28 18.08 9.60
C GLN D 161 26.19 17.10 9.21
N MET D 162 26.53 15.84 8.96
CA MET D 162 25.49 14.91 8.57
C MET D 162 24.62 14.53 9.77
N GLU D 163 25.21 14.41 10.95
CA GLU D 163 24.37 14.31 12.15
C GLU D 163 23.39 15.49 12.20
N TYR D 164 23.92 16.69 12.03
CA TYR D 164 23.08 17.88 12.10
C TYR D 164 21.95 17.85 11.07
N ASP D 165 22.30 17.66 9.78
CA ASP D 165 21.29 17.76 8.73
C ASP D 165 20.31 16.59 8.77
N ASP D 166 20.79 15.39 9.12
CA ASP D 166 19.86 14.29 9.32
C ASP D 166 18.79 14.68 10.34
N GLU D 167 19.20 15.35 11.41
CA GLU D 167 18.26 15.77 12.45
C GLU D 167 17.37 16.91 11.97
N VAL D 168 17.95 17.90 11.30
CA VAL D 168 17.14 18.99 10.74
C VAL D 168 16.03 18.42 9.87
N ALA D 169 16.38 17.45 9.01
CA ALA D 169 15.42 16.92 8.06
C ALA D 169 14.35 16.11 8.78
N PHE D 170 14.74 15.24 9.72
CA PHE D 170 13.71 14.47 10.41
C PHE D 170 12.72 15.39 11.11
N LEU D 171 13.21 16.40 11.83
CA LEU D 171 12.32 17.22 12.64
C LEU D 171 11.46 18.13 11.78
N ALA D 172 11.95 18.52 10.60
CA ALA D 172 11.14 19.32 9.69
C ALA D 172 9.99 18.49 9.12
N ASN D 173 10.26 17.26 8.70
CA ASN D 173 9.19 16.39 8.23
C ASN D 173 8.21 16.05 9.37
N GLN D 174 8.73 15.83 10.59
CA GLN D 174 7.83 15.61 11.72
C GLN D 174 6.91 16.81 11.90
N LYS D 175 7.48 18.01 11.86
CA LYS D 175 6.66 19.22 12.04
C LYS D 175 5.60 19.32 10.95
N LEU D 176 5.97 19.06 9.68
CA LEU D 176 4.98 19.04 8.61
C LEU D 176 3.88 18.03 8.91
N TYR D 177 4.26 16.81 9.33
CA TYR D 177 3.25 15.82 9.69
C TYR D 177 2.36 16.34 10.81
N GLN D 178 2.95 16.99 11.81
CA GLN D 178 2.15 17.52 12.91
C GLN D 178 1.22 18.62 12.42
N LEU D 179 1.73 19.50 11.55
CA LEU D 179 0.90 20.58 11.02
C LEU D 179 -0.24 20.06 10.16
N SER D 180 -0.06 18.89 9.53
CA SER D 180 -1.10 18.39 8.64
C SER D 180 -2.35 18.01 9.40
N ARG D 181 -2.21 17.68 10.68
CA ARG D 181 -3.35 17.37 11.53
C ARG D 181 -4.34 18.54 11.59
N GLU D 182 -3.88 19.75 11.34
CA GLU D 182 -4.72 20.94 11.35
C GLU D 182 -5.27 21.27 9.97
N ASN D 183 -4.88 20.53 8.93
CA ASN D 183 -5.13 20.92 7.55
C ASN D 183 -6.62 20.97 7.21
N ASP D 184 -7.46 20.29 7.98
CA ASP D 184 -8.90 20.30 7.74
C ASP D 184 -9.63 21.37 8.56
N ASP D 185 -8.90 22.11 9.39
CA ASP D 185 -9.49 23.13 10.25
C ASP D 185 -9.39 24.50 9.58
N GLU D 186 -10.53 25.07 9.19
CA GLU D 186 -10.53 26.35 8.51
CA GLU D 186 -10.53 26.35 8.51
C GLU D 186 -10.01 27.48 9.38
N SER D 187 -10.05 27.32 10.71
CA SER D 187 -9.54 28.34 11.63
C SER D 187 -8.02 28.28 11.81
N ARG D 188 -7.34 27.36 11.14
CA ARG D 188 -5.93 27.15 11.36
C ARG D 188 -5.10 28.35 10.91
N ARG D 189 -3.94 28.48 11.49
CA ARG D 189 -2.99 29.48 11.07
C ARG D 189 -2.21 28.95 9.86
N PRO D 190 -1.97 29.78 8.84
CA PRO D 190 -0.97 29.40 7.84
C PRO D 190 0.38 29.26 8.54
N TRP D 191 1.20 28.36 8.01
CA TRP D 191 2.50 28.10 8.60
C TRP D 191 3.62 28.47 7.64
N CYS D 192 4.73 28.88 8.22
CA CYS D 192 5.96 29.12 7.51
C CYS D 192 7.06 28.35 8.22
N LEU D 193 7.66 27.39 7.52
CA LEU D 193 8.69 26.51 8.06
C LEU D 193 9.98 26.73 7.29
N THR D 194 11.03 27.13 7.99
CA THR D 194 12.36 27.27 7.40
C THR D 194 13.17 26.05 7.78
N VAL D 195 13.67 25.35 6.77
CA VAL D 195 14.48 24.14 6.89
C VAL D 195 15.86 24.49 6.36
N SER D 196 16.82 24.64 7.26
CA SER D 196 18.10 25.26 6.93
C SER D 196 19.21 24.26 7.21
N PHE D 197 19.76 23.69 6.15
CA PHE D 197 20.79 22.67 6.19
C PHE D 197 22.17 23.31 6.18
N THR D 198 23.14 22.60 6.77
CA THR D 198 24.53 23.06 6.81
C THR D 198 25.32 22.60 5.59
N HIS D 199 24.94 21.51 4.94
CA HIS D 199 25.59 21.15 3.67
C HIS D 199 25.18 22.13 2.59
N PRO D 200 26.00 22.27 1.52
CA PRO D 200 27.26 21.54 1.23
C PRO D 200 28.55 22.21 1.75
N HIS D 201 28.42 23.06 2.77
CA HIS D 201 29.55 23.54 3.56
C HIS D 201 30.58 22.42 3.81
N ASP D 202 31.85 22.80 3.90
CA ASP D 202 32.89 21.85 4.23
C ASP D 202 32.82 21.52 5.72
N PRO D 203 33.50 20.44 6.17
CA PRO D 203 34.35 19.49 5.46
C PRO D 203 33.69 18.86 4.23
N TYR D 204 34.46 18.71 3.16
CA TYR D 204 34.00 18.09 1.94
C TYR D 204 34.05 16.57 2.12
N VAL D 205 33.05 16.06 2.84
CA VAL D 205 33.00 14.65 3.23
C VAL D 205 31.57 14.13 3.06
N ALA D 206 31.42 13.02 2.35
CA ALA D 206 30.13 12.55 1.89
C ALA D 206 29.97 11.06 2.18
N ARG D 207 28.72 10.62 2.32
CA ARG D 207 28.46 9.20 2.42
CA ARG D 207 28.45 9.19 2.42
C ARG D 207 28.78 8.51 1.09
N ARG D 208 29.23 7.27 1.17
CA ARG D 208 29.67 6.57 -0.03
C ARG D 208 28.58 6.54 -1.10
N LYS D 209 27.32 6.39 -0.69
CA LYS D 209 26.22 6.31 -1.66
C LYS D 209 26.24 7.51 -2.61
N PHE D 210 26.44 8.71 -2.08
CA PHE D 210 26.41 9.91 -2.90
C PHE D 210 27.75 10.18 -3.56
N TRP D 211 28.85 9.84 -2.89
CA TRP D 211 30.17 9.93 -3.53
C TRP D 211 30.25 9.08 -4.79
N ASP D 212 29.74 7.86 -4.74
CA ASP D 212 29.77 6.98 -5.91
C ASP D 212 29.01 7.56 -7.11
N LEU D 213 28.10 8.50 -6.89
CA LEU D 213 27.36 9.08 -8.01
C LEU D 213 28.26 9.91 -8.93
N TYR D 214 29.41 10.36 -8.46
CA TYR D 214 30.23 11.31 -9.20
C TYR D 214 31.57 10.70 -9.64
N GLU D 215 31.64 9.36 -9.72
CA GLU D 215 32.84 8.71 -10.19
CA GLU D 215 32.83 8.70 -10.20
C GLU D 215 33.21 9.19 -11.60
N ASP D 216 32.22 9.36 -12.48
CA ASP D 216 32.46 9.75 -13.86
C ASP D 216 32.24 11.24 -14.10
N CYS D 217 32.34 12.05 -13.06
CA CYS D 217 32.01 13.47 -13.17
C CYS D 217 33.07 14.20 -13.98
N GLU D 218 32.62 15.07 -14.88
CA GLU D 218 33.51 15.83 -15.73
C GLU D 218 33.76 17.25 -15.24
N HIS D 219 33.28 17.58 -14.03
CA HIS D 219 33.37 18.94 -13.51
C HIS D 219 34.20 18.99 -12.24
N LEU D 220 35.15 18.06 -12.10
CA LEU D 220 35.90 17.95 -10.85
C LEU D 220 37.07 18.92 -10.78
N THR D 221 37.37 19.60 -11.89
CA THR D 221 38.41 20.61 -11.95
C THR D 221 37.78 21.97 -12.25
N PRO D 222 38.16 23.03 -11.53
CA PRO D 222 37.55 24.34 -11.82
C PRO D 222 37.95 24.86 -13.19
N GLU D 223 37.09 25.74 -13.73
CA GLU D 223 37.33 26.32 -15.05
C GLU D 223 38.59 27.17 -15.06
N VAL D 224 38.79 27.95 -14.00
CA VAL D 224 39.98 28.79 -13.80
C VAL D 224 40.73 28.22 -12.60
N GLY D 225 41.99 27.87 -12.82
CA GLY D 225 42.81 27.27 -11.79
C GLY D 225 43.54 28.27 -10.94
N ALA D 226 44.47 27.75 -10.14
CA ALA D 226 45.09 28.54 -9.09
C ALA D 226 45.92 29.67 -9.66
N ILE D 227 45.66 30.88 -9.20
CA ILE D 227 46.49 32.06 -9.45
C ILE D 227 47.56 32.09 -8.36
N PRO D 228 48.84 32.14 -8.69
CA PRO D 228 49.87 32.22 -7.65
C PRO D 228 49.60 33.39 -6.71
N LEU D 229 50.11 33.26 -5.47
CA LEU D 229 49.87 34.29 -4.47
C LEU D 229 50.23 35.67 -4.99
N ASP D 230 51.44 35.83 -5.55
CA ASP D 230 51.91 37.14 -5.91
C ASP D 230 51.16 37.74 -7.10
N GLU D 231 50.45 36.92 -7.88
CA GLU D 231 49.63 37.43 -8.97
C GLU D 231 48.18 37.73 -8.55
N GLN D 232 47.79 37.29 -7.36
CA GLN D 232 46.44 37.53 -6.87
C GLN D 232 46.24 39.00 -6.50
N ASP D 233 44.99 39.45 -6.61
CA ASP D 233 44.63 40.74 -6.02
C ASP D 233 44.80 40.69 -4.50
N PRO D 234 44.95 41.85 -3.86
CA PRO D 234 45.28 41.85 -2.42
C PRO D 234 44.29 41.13 -1.54
N HIS D 235 42.99 41.28 -1.79
CA HIS D 235 42.02 40.60 -0.94
C HIS D 235 42.16 39.08 -1.08
N SER D 236 42.30 38.59 -2.31
CA SER D 236 42.54 37.17 -2.51
C SER D 236 43.77 36.70 -1.76
N GLN D 237 44.81 37.54 -1.73
CA GLN D 237 46.02 37.16 -1.00
C GLN D 237 45.72 37.04 0.49
N ARG D 238 44.95 37.98 1.03
CA ARG D 238 44.57 37.90 2.44
C ARG D 238 43.79 36.63 2.74
N ILE D 239 42.91 36.23 1.81
CA ILE D 239 42.14 35.02 2.01
C ILE D 239 43.07 33.81 2.04
N MET D 240 43.97 33.72 1.05
CA MET D 240 44.90 32.58 1.04
C MET D 240 45.72 32.52 2.33
N LEU D 241 46.22 33.65 2.80
CA LEU D 241 46.97 33.65 4.05
C LEU D 241 46.09 33.21 5.21
N SER D 242 44.84 33.70 5.25
CA SER D 242 43.92 33.29 6.30
C SER D 242 43.68 31.78 6.28
N CYS D 243 43.73 31.15 5.09
CA CYS D 243 43.56 29.71 5.01
C CYS D 243 44.85 28.93 5.22
N ASP D 244 45.94 29.60 5.57
CA ASP D 244 47.19 28.92 5.90
C ASP D 244 47.72 28.17 4.67
N TYR D 245 47.52 28.77 3.49
CA TYR D 245 47.84 28.06 2.26
C TYR D 245 49.27 27.56 2.25
N GLN D 246 50.17 28.24 2.98
CA GLN D 246 51.58 27.88 2.94
C GLN D 246 51.83 26.49 3.52
N ASN D 247 50.95 26.01 4.40
CA ASN D 247 51.16 24.74 5.09
C ASN D 247 50.35 23.59 4.50
N PHE D 248 49.89 23.73 3.25
CA PHE D 248 49.16 22.65 2.59
C PHE D 248 49.65 22.55 1.15
N ASP D 249 49.82 21.32 0.67
CA ASP D 249 50.22 21.04 -0.72
C ASP D 249 48.98 20.54 -1.46
N VAL D 250 48.23 21.47 -2.04
CA VAL D 250 46.98 21.13 -2.71
C VAL D 250 47.32 20.73 -4.14
N THR D 251 47.06 19.47 -4.47
CA THR D 251 47.25 18.92 -5.80
C THR D 251 45.90 18.85 -6.51
N GLU D 252 45.97 18.71 -7.84
CA GLU D 252 44.75 18.55 -8.62
CA GLU D 252 44.75 18.55 -8.62
C GLU D 252 43.87 17.46 -8.04
N GLU D 253 44.47 16.34 -7.64
CA GLU D 253 43.68 15.25 -7.08
C GLU D 253 42.91 15.69 -5.83
N ASN D 254 43.54 16.49 -4.98
CA ASN D 254 42.83 17.03 -3.82
C ASN D 254 41.65 17.89 -4.24
N VAL D 255 41.85 18.70 -5.28
CA VAL D 255 40.77 19.54 -5.80
C VAL D 255 39.61 18.68 -6.28
N ARG D 256 39.92 17.61 -7.03
CA ARG D 256 38.88 16.75 -7.58
C ARG D 256 38.12 16.02 -6.47
N ARG D 257 38.83 15.55 -5.46
CA ARG D 257 38.18 14.88 -4.33
C ARG D 257 37.24 15.82 -3.60
N SER D 258 37.67 17.07 -3.38
CA SER D 258 36.84 18.04 -2.69
C SER D 258 35.59 18.37 -3.51
N ARG D 259 35.74 18.62 -4.80
CA ARG D 259 34.56 18.92 -5.59
C ARG D 259 33.65 17.71 -5.71
N ARG D 260 34.22 16.52 -5.80
CA ARG D 260 33.39 15.32 -5.83
C ARG D 260 32.54 15.18 -4.56
N ALA D 261 33.18 15.32 -3.40
CA ALA D 261 32.43 15.21 -2.13
C ALA D 261 31.39 16.31 -2.01
N TYR D 262 31.73 17.52 -2.47
CA TYR D 262 30.79 18.64 -2.43
C TYR D 262 29.59 18.41 -3.33
N PHE D 263 29.82 18.00 -4.58
CA PHE D 263 28.70 17.63 -5.43
C PHE D 263 27.90 16.48 -4.80
N ALA D 264 28.60 15.53 -4.18
CA ALA D 264 27.91 14.42 -3.56
C ALA D 264 26.97 14.90 -2.44
N ASN D 265 27.40 15.92 -1.69
CA ASN D 265 26.55 16.44 -0.61
C ASN D 265 25.40 17.27 -1.15
N ILE D 266 25.50 17.81 -2.36
CA ILE D 266 24.31 18.36 -3.01
C ILE D 266 23.30 17.25 -3.28
N SER D 267 23.78 16.08 -3.70
CA SER D 267 22.88 14.96 -3.92
C SER D 267 22.32 14.44 -2.58
N TYR D 268 23.14 14.46 -1.54
CA TYR D 268 22.65 14.20 -0.18
C TYR D 268 21.48 15.12 0.15
N LEU D 269 21.64 16.42 -0.10
CA LEU D 269 20.57 17.36 0.14
C LEU D 269 19.38 17.10 -0.76
N ASP D 270 19.62 16.75 -2.03
CA ASP D 270 18.51 16.58 -2.94
C ASP D 270 17.57 15.48 -2.45
N GLU D 271 18.12 14.44 -1.83
CA GLU D 271 17.30 13.37 -1.29
C GLU D 271 16.40 13.90 -0.19
N LYS D 272 16.93 14.79 0.65
CA LYS D 272 16.14 15.38 1.72
C LYS D 272 15.07 16.32 1.16
N VAL D 273 15.40 17.08 0.10
CA VAL D 273 14.36 17.87 -0.58
C VAL D 273 13.24 16.94 -1.03
N GLY D 274 13.59 15.80 -1.62
CA GLY D 274 12.58 14.85 -2.03
C GLY D 274 11.71 14.40 -0.88
N GLU D 275 12.32 14.16 0.29
CA GLU D 275 11.55 13.78 1.47
C GLU D 275 10.50 14.84 1.79
N LEU D 276 10.93 16.10 1.87
CA LEU D 276 10.01 17.17 2.25
C LEU D 276 8.87 17.26 1.26
N ILE D 277 9.17 17.24 -0.04
CA ILE D 277 8.13 17.34 -1.06
C ILE D 277 7.16 16.17 -0.92
N ASP D 278 7.69 14.99 -0.64
CA ASP D 278 6.83 13.81 -0.49
C ASP D 278 5.92 13.96 0.72
N THR D 279 6.44 14.50 1.82
CA THR D 279 5.60 14.72 2.98
C THR D 279 4.48 15.71 2.67
N LEU D 280 4.82 16.83 2.02
CA LEU D 280 3.79 17.79 1.62
C LEU D 280 2.74 17.15 0.71
N THR D 281 3.17 16.27 -0.19
CA THR D 281 2.23 15.67 -1.15
C THR D 281 1.29 14.70 -0.45
N ARG D 282 1.83 13.80 0.35
CA ARG D 282 0.99 12.79 0.99
C ARG D 282 0.11 13.39 2.09
N THR D 283 0.54 14.50 2.71
CA THR D 283 -0.29 15.17 3.71
C THR D 283 -1.27 16.17 3.09
N ARG D 284 -1.27 16.31 1.76
CA ARG D 284 -2.23 17.13 1.03
C ARG D 284 -2.08 18.61 1.32
N MET D 285 -0.84 19.04 1.59
CA MET D 285 -0.54 20.46 1.77
C MET D 285 0.26 21.04 0.62
N LEU D 286 0.60 20.24 -0.39
CA LEU D 286 1.53 20.70 -1.42
C LEU D 286 0.94 21.85 -2.22
N ASP D 287 -0.31 21.73 -2.64
CA ASP D 287 -0.87 22.70 -3.58
C ASP D 287 -1.08 24.08 -2.93
N ASP D 288 -1.11 24.15 -1.60
CA ASP D 288 -1.32 25.39 -0.88
C ASP D 288 -0.03 25.99 -0.33
N THR D 289 1.13 25.49 -0.76
CA THR D 289 2.42 25.82 -0.15
C THR D 289 3.35 26.46 -1.18
N LEU D 290 3.82 27.67 -0.86
CA LEU D 290 4.95 28.26 -1.57
C LEU D 290 6.23 27.62 -1.08
N ILE D 291 7.13 27.29 -2.01
CA ILE D 291 8.41 26.65 -1.71
C ILE D 291 9.53 27.54 -2.23
N LEU D 292 10.40 27.98 -1.34
CA LEU D 292 11.59 28.75 -1.70
C LEU D 292 12.84 27.90 -1.50
N PHE D 293 13.79 28.04 -2.42
CA PHE D 293 15.11 27.43 -2.27
C PHE D 293 16.17 28.52 -2.32
N CYS D 294 17.09 28.50 -1.35
CA CYS D 294 18.03 29.61 -1.20
C CYS D 294 19.26 29.15 -0.43
N SER D 295 20.27 30.03 -0.39
CA SER D 295 21.52 29.75 0.30
C SER D 295 22.12 31.05 0.81
N ASP D 296 22.99 30.93 1.84
CA ASP D 296 23.53 32.15 2.44
C ASP D 296 24.70 32.74 1.65
N HIS D 297 25.55 31.90 1.08
CA HIS D 297 26.66 32.35 0.25
C HIS D 297 27.19 31.15 -0.52
N GLY D 298 28.15 31.41 -1.42
CA GLY D 298 28.67 30.39 -2.31
C GLY D 298 29.93 29.70 -1.79
N ASP D 299 30.63 29.04 -2.71
CA ASP D 299 31.93 28.42 -2.42
C ASP D 299 32.76 28.50 -3.70
N MET D 300 33.97 29.07 -3.60
CA MET D 300 34.83 29.20 -4.78
C MET D 300 35.20 27.84 -5.35
N LEU D 301 35.23 26.79 -4.52
CA LEU D 301 35.44 25.41 -4.96
C LEU D 301 36.71 25.26 -5.79
N GLY D 302 37.75 25.98 -5.41
CA GLY D 302 39.02 25.89 -6.11
C GLY D 302 39.19 26.85 -7.26
N GLU D 303 38.12 27.48 -7.73
CA GLU D 303 38.28 28.46 -8.81
C GLU D 303 39.21 29.58 -8.36
N ARG D 304 40.09 30.00 -9.26
CA ARG D 304 41.14 30.99 -9.02
C ARG D 304 42.14 30.51 -7.99
N GLY D 305 42.08 29.24 -7.61
CA GLY D 305 42.87 28.75 -6.50
C GLY D 305 42.25 29.02 -5.15
N LEU D 306 41.07 29.63 -5.10
CA LEU D 306 40.44 29.99 -3.83
C LEU D 306 39.40 28.93 -3.45
N TRP D 307 39.15 28.86 -2.15
CA TRP D 307 38.14 27.97 -1.57
C TRP D 307 37.27 28.77 -0.59
N PHE D 308 36.04 28.31 -0.42
CA PHE D 308 35.14 28.88 0.58
C PHE D 308 34.62 30.23 0.08
N LYS D 309 34.49 31.22 0.96
CA LYS D 309 33.77 32.44 0.62
C LYS D 309 34.59 33.68 0.93
N MET D 310 34.00 34.66 1.61
CA MET D 310 34.70 35.87 2.07
C MET D 310 35.09 36.82 0.94
N ASN D 311 34.58 36.63 -0.26
CA ASN D 311 34.90 37.54 -1.36
C ASN D 311 33.68 37.70 -2.26
N PHE D 312 33.76 38.67 -3.17
CA PHE D 312 32.65 38.96 -4.08
C PHE D 312 32.80 38.33 -5.46
N PHE D 313 33.79 37.47 -5.67
CA PHE D 313 33.84 36.76 -6.94
C PHE D 313 32.58 35.90 -7.09
N GLU D 314 32.26 35.57 -8.35
CA GLU D 314 30.99 34.93 -8.67
C GLU D 314 30.75 33.67 -7.84
N GLY D 315 31.76 32.82 -7.71
CA GLY D 315 31.55 31.55 -7.03
C GLY D 315 31.22 31.70 -5.55
N SER D 316 31.71 32.77 -4.93
CA SER D 316 31.47 33.07 -3.53
C SER D 316 30.19 33.88 -3.31
N ALA D 317 29.91 34.84 -4.19
CA ALA D 317 28.80 35.76 -3.98
C ALA D 317 27.48 35.29 -4.60
N ARG D 318 27.53 34.46 -5.65
CA ARG D 318 26.31 33.95 -6.27
C ARG D 318 25.72 32.81 -5.44
N VAL D 319 24.42 32.88 -5.19
CA VAL D 319 23.68 31.78 -4.56
C VAL D 319 22.37 31.57 -5.28
N PRO D 320 21.89 30.32 -5.34
CA PRO D 320 20.63 30.05 -6.03
C PRO D 320 19.47 30.71 -5.32
N LEU D 321 18.40 30.97 -6.11
CA LEU D 321 17.13 31.39 -5.53
C LEU D 321 16.01 30.97 -6.47
N MET D 322 15.08 30.17 -5.95
CA MET D 322 13.90 29.78 -6.70
C MET D 322 12.68 29.86 -5.82
N ILE D 323 11.54 30.16 -6.45
CA ILE D 323 10.25 30.27 -5.79
C ILE D 323 9.23 29.49 -6.61
N ALA D 324 8.44 28.65 -5.96
CA ALA D 324 7.39 27.90 -6.64
C ALA D 324 6.15 27.86 -5.77
N GLY D 325 5.01 27.62 -6.40
CA GLY D 325 3.78 27.41 -5.67
C GLY D 325 2.64 28.27 -6.20
N PRO D 326 1.56 28.35 -5.44
CA PRO D 326 0.37 29.05 -5.94
C PRO D 326 0.68 30.49 -6.32
N GLY D 327 0.24 30.86 -7.52
CA GLY D 327 0.41 32.21 -8.03
C GLY D 327 1.80 32.54 -8.54
N ILE D 328 2.68 31.56 -8.70
CA ILE D 328 4.03 31.77 -9.19
C ILE D 328 4.12 31.16 -10.59
N ALA D 329 4.26 32.01 -11.58
CA ALA D 329 4.51 31.54 -12.94
C ALA D 329 5.95 31.06 -13.06
N PRO D 330 6.20 29.85 -13.54
CA PRO D 330 7.59 29.41 -13.70
C PRO D 330 8.31 30.16 -14.80
N GLY D 331 9.63 30.23 -14.69
CA GLY D 331 10.45 30.90 -15.68
C GLY D 331 11.80 31.27 -15.13
N LEU D 332 12.69 31.62 -16.05
CA LEU D 332 14.08 31.96 -15.71
C LEU D 332 14.27 33.46 -15.77
N HIS D 333 14.85 34.03 -14.71
CA HIS D 333 15.06 35.47 -14.62
C HIS D 333 16.54 35.77 -14.57
N LEU D 334 16.99 36.68 -15.45
CA LEU D 334 18.41 36.99 -15.59
C LEU D 334 18.82 38.30 -14.94
N THR D 335 17.89 39.21 -14.70
CA THR D 335 18.27 40.45 -14.02
C THR D 335 18.87 40.13 -12.64
N PRO D 336 19.96 40.78 -12.25
CA PRO D 336 20.55 40.48 -10.94
C PRO D 336 19.58 40.76 -9.80
N THR D 337 19.57 39.84 -8.83
CA THR D 337 18.72 39.92 -7.65
C THR D 337 19.58 39.66 -6.42
N SER D 338 18.97 39.75 -5.24
CA SER D 338 19.71 39.62 -4.00
C SER D 338 18.89 38.92 -2.92
N ASN D 339 19.60 38.22 -2.03
CA ASN D 339 18.99 37.67 -0.82
C ASN D 339 18.26 38.75 -0.02
N LEU D 340 18.69 40.01 -0.17
CA LEU D 340 17.99 41.13 0.47
C LEU D 340 16.52 41.17 0.09
N ASP D 341 16.17 40.61 -1.05
CA ASP D 341 14.83 40.70 -1.61
C ASP D 341 13.90 39.63 -1.06
N VAL D 342 14.43 38.62 -0.39
CA VAL D 342 13.61 37.49 0.04
C VAL D 342 12.57 37.94 1.06
N THR D 343 13.00 38.66 2.10
CA THR D 343 12.03 39.05 3.13
C THR D 343 10.90 39.89 2.58
N PRO D 344 11.14 40.94 1.78
CA PRO D 344 10.00 41.68 1.21
C PRO D 344 9.21 40.86 0.21
N THR D 345 9.86 39.92 -0.50
CA THR D 345 9.12 39.02 -1.37
C THR D 345 8.18 38.13 -0.56
N LEU D 346 8.68 37.56 0.54
CA LEU D 346 7.83 36.74 1.41
C LEU D 346 6.63 37.55 1.90
N ALA D 347 6.87 38.77 2.38
CA ALA D 347 5.78 39.61 2.87
C ALA D 347 4.76 39.89 1.78
N ASP D 348 5.23 40.22 0.57
CA ASP D 348 4.33 40.45 -0.55
C ASP D 348 3.45 39.24 -0.79
N LEU D 349 4.06 38.05 -0.87
CA LEU D 349 3.29 36.82 -1.11
C LEU D 349 2.33 36.53 0.03
N ALA D 350 2.67 36.92 1.25
CA ALA D 350 1.83 36.68 2.41
C ALA D 350 0.66 37.65 2.51
N GLY D 351 0.53 38.58 1.58
CA GLY D 351 -0.53 39.56 1.61
C GLY D 351 -0.23 40.79 2.42
N ILE D 352 0.99 40.94 2.90
CA ILE D 352 1.33 42.10 3.73
C ILE D 352 1.56 43.30 2.82
N SER D 353 1.15 44.48 3.30
CA SER D 353 1.22 45.69 2.51
C SER D 353 2.65 46.22 2.41
N LEU D 354 2.95 46.86 1.28
CA LEU D 354 4.29 47.39 1.06
C LEU D 354 4.68 48.39 2.13
N GLU D 355 3.73 49.21 2.59
CA GLU D 355 4.05 50.23 3.58
C GLU D 355 4.40 49.60 4.93
N GLU D 356 3.89 48.40 5.22
CA GLU D 356 4.21 47.78 6.50
C GLU D 356 5.67 47.30 6.55
N VAL D 357 6.26 46.94 5.40
CA VAL D 357 7.65 46.46 5.43
C VAL D 357 8.64 47.50 4.92
N ARG D 358 8.16 48.56 4.27
CA ARG D 358 9.06 49.54 3.64
C ARG D 358 10.08 50.11 4.60
N PRO D 359 9.73 50.57 5.80
CA PRO D 359 10.75 51.15 6.69
C PRO D 359 11.76 50.14 7.19
N TRP D 360 11.51 48.85 7.04
CA TRP D 360 12.32 47.81 7.66
C TRP D 360 13.16 46.99 6.68
N THR D 361 13.05 47.24 5.38
CA THR D 361 13.70 46.40 4.38
C THR D 361 14.40 47.26 3.35
N ASP D 362 15.64 46.88 3.00
CA ASP D 362 16.43 47.57 2.00
C ASP D 362 16.30 46.96 0.60
N GLY D 363 15.74 45.75 0.49
CA GLY D 363 15.53 45.11 -0.81
C GLY D 363 14.16 45.43 -1.40
N VAL D 364 13.80 44.65 -2.43
CA VAL D 364 12.54 44.84 -3.12
C VAL D 364 11.84 43.50 -3.30
N SER D 365 10.53 43.53 -3.38
CA SER D 365 9.78 42.31 -3.69
C SER D 365 10.09 41.84 -5.11
N LEU D 366 10.34 40.54 -5.28
CA LEU D 366 10.57 39.94 -6.59
C LEU D 366 9.27 39.54 -7.29
N VAL D 367 8.13 39.69 -6.61
CA VAL D 367 6.86 39.26 -7.21
C VAL D 367 6.56 40.00 -8.49
N PRO D 368 6.72 41.33 -8.58
CA PRO D 368 6.51 41.98 -9.88
C PRO D 368 7.39 41.41 -10.98
N MET D 369 8.64 41.09 -10.67
CA MET D 369 9.52 40.46 -11.67
C MET D 369 8.96 39.12 -12.12
N VAL D 370 8.46 38.32 -11.19
CA VAL D 370 7.82 37.06 -11.56
C VAL D 370 6.68 37.31 -12.53
N ASN D 371 5.96 38.41 -12.35
CA ASN D 371 4.81 38.73 -13.18
C ASN D 371 5.15 39.66 -14.34
N GLY D 372 6.42 39.77 -14.71
CA GLY D 372 6.82 40.41 -15.96
C GLY D 372 7.30 41.83 -15.84
N VAL D 373 7.37 42.39 -14.64
CA VAL D 373 7.77 43.77 -14.43
C VAL D 373 9.29 43.84 -14.35
N GLU D 374 9.90 44.79 -15.04
CA GLU D 374 11.35 44.93 -15.04
C GLU D 374 11.81 45.53 -13.72
N ARG D 375 12.84 44.90 -13.12
CA ARG D 375 13.48 45.41 -11.92
C ARG D 375 14.78 46.10 -12.32
N THR D 376 15.01 47.28 -11.77
CA THR D 376 16.17 48.08 -12.12
C THR D 376 17.10 48.35 -10.95
N GLU D 377 16.68 48.07 -9.72
CA GLU D 377 17.50 48.36 -8.58
C GLU D 377 18.80 47.56 -8.63
N PRO D 378 19.94 48.18 -8.31
CA PRO D 378 21.19 47.43 -8.23
C PRO D 378 21.20 46.46 -7.06
N VAL D 379 22.21 45.62 -7.06
CA VAL D 379 22.45 44.64 -6.00
C VAL D 379 23.69 45.05 -5.24
N LEU D 380 23.56 45.20 -3.93
CA LEU D 380 24.66 45.68 -3.07
C LEU D 380 25.16 44.54 -2.20
N MET D 381 26.47 44.52 -1.96
CA MET D 381 27.04 43.60 -1.01
C MET D 381 28.15 44.25 -0.18
N GLU D 382 28.43 43.62 0.95
CA GLU D 382 29.34 44.12 1.97
C GLU D 382 30.08 42.95 2.57
N TYR D 383 31.30 43.23 3.06
CA TYR D 383 32.07 42.22 3.78
C TYR D 383 32.99 42.94 4.76
N ALA D 384 32.99 42.52 6.03
CA ALA D 384 33.82 43.17 7.04
C ALA D 384 34.24 42.19 8.14
N ALA D 385 34.73 41.01 7.75
CA ALA D 385 35.08 39.96 8.70
C ALA D 385 36.49 39.46 8.42
N GLU D 386 36.78 38.21 8.82
CA GLU D 386 38.14 37.70 8.72
C GLU D 386 38.63 37.78 7.28
N ALA D 387 39.94 38.02 7.14
CA ALA D 387 40.67 38.23 5.89
C ALA D 387 40.44 39.62 5.30
N SER D 388 39.47 40.37 5.78
CA SER D 388 39.42 41.81 5.56
C SER D 388 40.16 42.52 6.68
N TYR D 389 40.92 43.55 6.31
CA TYR D 389 41.55 44.45 7.27
C TYR D 389 40.82 45.78 7.34
N ALA D 390 39.85 45.98 6.45
CA ALA D 390 38.92 47.10 6.43
C ALA D 390 37.73 46.66 5.58
N PRO D 391 36.59 47.34 5.68
CA PRO D 391 35.40 46.83 4.99
C PRO D 391 35.54 46.90 3.48
N LEU D 392 34.87 45.96 2.81
CA LEU D 392 34.75 45.98 1.35
C LEU D 392 33.27 46.10 0.99
N VAL D 393 32.99 46.79 -0.10
CA VAL D 393 31.63 46.90 -0.62
C VAL D 393 31.67 46.57 -2.10
N ALA D 394 30.50 46.16 -2.63
CA ALA D 394 30.39 45.84 -4.04
C ALA D 394 29.02 46.26 -4.55
N ILE D 395 28.98 46.60 -5.84
CA ILE D 395 27.75 46.95 -6.54
C ILE D 395 27.67 46.07 -7.78
N ARG D 396 26.53 45.43 -7.99
CA ARG D 396 26.26 44.61 -9.17
C ARG D 396 25.09 45.23 -9.88
N GLU D 397 25.31 45.68 -11.12
CA GLU D 397 24.28 46.39 -11.87
C GLU D 397 24.45 46.14 -13.35
N GLY D 398 23.36 45.81 -14.02
CA GLY D 398 23.47 45.45 -15.43
C GLY D 398 24.51 44.37 -15.63
N LYS D 399 25.45 44.61 -16.53
CA LYS D 399 26.48 43.63 -16.83
C LYS D 399 27.71 43.76 -15.95
N TRP D 400 27.71 44.67 -14.98
CA TRP D 400 28.91 45.10 -14.30
C TRP D 400 28.95 44.62 -12.85
N LYS D 401 30.17 44.40 -12.36
CA LYS D 401 30.43 44.27 -10.94
C LYS D 401 31.57 45.19 -10.53
N TYR D 402 31.38 45.93 -9.44
CA TYR D 402 32.36 46.89 -8.95
C TYR D 402 32.63 46.58 -7.48
N VAL D 403 33.90 46.62 -7.09
CA VAL D 403 34.33 46.24 -5.74
C VAL D 403 35.25 47.33 -5.23
N TYR D 404 34.98 47.80 -4.01
CA TYR D 404 35.80 48.86 -3.43
C TYR D 404 36.22 48.46 -2.03
N CYS D 405 37.50 48.75 -1.72
CA CYS D 405 38.08 48.67 -0.39
C CYS D 405 39.13 49.77 -0.28
N ALA D 406 39.07 50.56 0.81
CA ALA D 406 39.98 51.69 0.93
C ALA D 406 41.44 51.27 0.92
N LEU D 407 41.72 49.99 1.17
CA LEU D 407 43.09 49.50 1.22
C LEU D 407 43.56 48.91 -0.10
N ASP D 408 42.66 48.67 -1.04
CA ASP D 408 42.95 47.90 -2.24
C ASP D 408 42.67 48.71 -3.50
N PRO D 409 43.32 48.37 -4.61
CA PRO D 409 42.85 48.90 -5.89
C PRO D 409 41.41 48.45 -6.14
N GLU D 410 40.66 49.29 -6.84
CA GLU D 410 39.31 48.91 -7.21
C GLU D 410 39.32 47.74 -8.18
N GLN D 411 38.18 47.04 -8.25
CA GLN D 411 37.94 46.05 -9.30
C GLN D 411 36.66 46.40 -10.03
N LEU D 412 36.65 46.19 -11.35
CA LEU D 412 35.49 46.40 -12.18
C LEU D 412 35.49 45.28 -13.21
N PHE D 413 34.39 44.54 -13.29
CA PHE D 413 34.29 43.41 -14.21
C PHE D 413 33.05 43.56 -15.09
N ASP D 414 33.23 43.33 -16.39
CA ASP D 414 32.14 43.18 -17.36
C ASP D 414 31.80 41.70 -17.44
N LEU D 415 30.74 41.29 -16.73
CA LEU D 415 30.40 39.87 -16.64
C LEU D 415 29.79 39.34 -17.92
N GLU D 416 29.28 40.22 -18.79
CA GLU D 416 28.78 39.75 -20.09
C GLU D 416 29.94 39.24 -20.94
N ALA D 417 30.98 40.06 -21.07
CA ALA D 417 32.14 39.68 -21.88
C ALA D 417 33.10 38.80 -21.11
N ASP D 418 33.17 38.92 -19.79
CA ASP D 418 34.23 38.32 -18.98
C ASP D 418 33.59 37.66 -17.77
N PRO D 419 32.82 36.59 -17.99
CA PRO D 419 32.02 36.02 -16.88
C PRO D 419 32.86 35.37 -15.80
N LEU D 420 34.12 35.05 -16.09
CA LEU D 420 35.06 34.48 -15.13
C LEU D 420 35.89 35.56 -14.43
N GLU D 421 35.62 36.84 -14.70
CA GLU D 421 36.24 37.95 -13.97
C GLU D 421 37.77 37.84 -14.03
N LEU D 422 38.29 37.71 -15.26
CA LEU D 422 39.73 37.55 -15.45
C LEU D 422 40.45 38.85 -15.77
N THR D 423 39.71 39.91 -16.10
CA THR D 423 40.29 41.19 -16.49
C THR D 423 39.68 42.29 -15.63
N ASN D 424 40.51 42.91 -14.81
CA ASN D 424 40.08 44.00 -13.93
C ASN D 424 40.14 45.29 -14.73
N LEU D 425 38.97 45.76 -15.16
CA LEU D 425 38.87 46.94 -16.00
C LEU D 425 39.18 48.24 -15.25
N ALA D 426 39.23 48.23 -13.92
CA ALA D 426 39.66 49.41 -13.21
C ALA D 426 41.17 49.61 -13.30
N GLU D 427 41.92 48.52 -13.42
CA GLU D 427 43.37 48.61 -13.51
C GLU D 427 43.80 49.06 -14.90
N ASN D 428 43.20 48.49 -15.94
CA ASN D 428 43.53 48.80 -17.34
C ASN D 428 42.22 49.11 -18.07
N PRO D 429 41.77 50.36 -18.03
CA PRO D 429 40.50 50.73 -18.68
C PRO D 429 40.62 50.62 -20.20
N ARG D 430 39.79 49.76 -20.79
CA ARG D 430 39.81 49.55 -22.24
C ARG D 430 39.71 50.86 -23.01
N GLY D 431 38.94 51.83 -22.50
CA GLY D 431 38.77 53.10 -23.15
C GLY D 431 37.88 54.07 -22.37
N PRO D 432 37.37 55.09 -23.06
CA PRO D 432 36.54 56.10 -22.35
C PRO D 432 35.30 55.54 -21.69
N VAL D 433 34.58 54.63 -22.33
CA VAL D 433 33.38 54.06 -21.72
C VAL D 433 33.73 53.40 -20.38
N ASP D 434 34.84 52.64 -20.34
CA ASP D 434 35.24 52.02 -19.08
C ASP D 434 35.53 53.09 -18.04
N GLN D 435 36.06 54.23 -18.46
CA GLN D 435 36.34 55.30 -17.52
C GLN D 435 35.03 55.91 -17.00
N ALA D 436 34.06 56.15 -17.88
CA ALA D 436 32.79 56.69 -17.42
C ALA D 436 32.08 55.72 -16.48
N THR D 437 32.15 54.43 -16.77
CA THR D 437 31.52 53.44 -15.90
C THR D 437 32.14 53.47 -14.51
N LEU D 438 33.47 53.50 -14.45
CA LEU D 438 34.14 53.53 -13.16
C LEU D 438 33.76 54.77 -12.37
N THR D 439 33.62 55.91 -13.05
CA THR D 439 33.14 57.12 -12.37
C THR D 439 31.71 56.94 -11.88
N ALA D 440 30.85 56.38 -12.72
CA ALA D 440 29.47 56.12 -12.32
C ALA D 440 29.40 55.27 -11.07
N PHE D 441 30.22 54.22 -10.98
CA PHE D 441 30.14 53.34 -9.82
C PHE D 441 30.75 53.98 -8.58
N ARG D 442 31.87 54.70 -8.74
CA ARG D 442 32.42 55.48 -7.63
C ARG D 442 31.36 56.41 -7.03
N ASP D 443 30.62 57.10 -7.89
CA ASP D 443 29.59 58.02 -7.40
C ASP D 443 28.50 57.27 -6.65
N MET D 444 28.06 56.12 -7.17
CA MET D 444 27.08 55.31 -6.47
C MET D 444 27.64 54.79 -5.15
N ARG D 445 28.89 54.34 -5.16
CA ARG D 445 29.52 53.83 -3.95
C ARG D 445 29.55 54.92 -2.86
N ALA D 446 29.91 56.15 -3.23
CA ALA D 446 29.92 57.24 -2.26
C ALA D 446 28.51 57.63 -1.85
N ALA D 447 27.52 57.43 -2.73
CA ALA D 447 26.14 57.73 -2.37
C ALA D 447 25.63 56.79 -1.29
N HIS D 448 26.04 55.53 -1.30
CA HIS D 448 25.48 54.51 -0.44
C HIS D 448 26.29 54.26 0.82
N TRP D 449 27.61 54.42 0.78
CA TRP D 449 28.47 54.06 1.90
C TRP D 449 29.41 55.20 2.26
N ASP D 450 29.48 55.52 3.54
CA ASP D 450 30.61 56.24 4.12
C ASP D 450 31.60 55.17 4.61
N MET D 451 32.67 54.95 3.84
CA MET D 451 33.58 53.86 4.16
C MET D 451 34.41 54.16 5.42
N GLU D 452 34.60 55.43 5.78
CA GLU D 452 35.32 55.75 7.00
CA GLU D 452 35.32 55.76 7.01
C GLU D 452 34.46 55.44 8.23
N ALA D 453 33.18 55.84 8.19
CA ALA D 453 32.27 55.50 9.28
C ALA D 453 32.06 53.99 9.38
N PHE D 454 32.03 53.30 8.24
CA PHE D 454 31.90 51.84 8.24
C PHE D 454 33.04 51.20 9.01
N ASP D 455 34.28 51.57 8.67
CA ASP D 455 35.44 51.03 9.35
C ASP D 455 35.41 51.31 10.85
N ALA D 456 34.98 52.52 11.24
CA ALA D 456 34.95 52.90 12.65
C ALA D 456 33.87 52.13 13.40
N ALA D 457 32.71 51.92 12.78
CA ALA D 457 31.68 51.11 13.41
C ALA D 457 32.15 49.68 13.60
N VAL D 458 32.80 49.11 12.59
CA VAL D 458 33.27 47.73 12.68
C VAL D 458 34.33 47.63 13.76
N ARG D 459 35.26 48.59 13.80
CA ARG D 459 36.30 48.56 14.83
C ARG D 459 35.70 48.67 16.23
N GLU D 460 34.68 49.52 16.40
CA GLU D 460 34.09 49.66 17.71
C GLU D 460 33.34 48.40 18.11
N SER D 461 32.65 47.77 17.17
CA SER D 461 31.93 46.55 17.48
C SER D 461 32.88 45.44 17.90
N GLN D 462 34.03 45.34 17.22
CA GLN D 462 35.04 44.35 17.59
C GLN D 462 35.61 44.63 18.98
N ALA D 463 36.02 45.89 19.21
CA ALA D 463 36.68 46.21 20.46
C ALA D 463 35.75 45.96 21.62
N ARG D 464 34.50 46.43 21.50
N ARG D 464 34.50 46.43 21.49
CA ARG D 464 33.50 46.23 22.53
CA ARG D 464 33.50 46.23 22.53
C ARG D 464 33.30 44.75 22.84
C ARG D 464 33.31 44.75 22.84
N ARG D 465 33.21 43.92 21.81
CA ARG D 465 32.95 42.50 22.01
C ARG D 465 34.13 41.80 22.68
N TRP D 466 35.36 42.21 22.36
CA TRP D 466 36.50 41.54 22.96
C TRP D 466 36.60 41.84 24.45
N VAL D 467 36.26 43.06 24.87
CA VAL D 467 36.22 43.32 26.32
C VAL D 467 35.20 42.41 26.99
N VAL D 468 33.99 42.33 26.42
CA VAL D 468 32.91 41.55 27.02
C VAL D 468 33.23 40.07 26.98
N TYR D 469 33.76 39.57 25.86
CA TYR D 469 33.97 38.12 25.73
C TYR D 469 35.09 37.64 26.65
N GLU D 470 36.15 38.43 26.81
CA GLU D 470 37.17 38.08 27.78
C GLU D 470 36.54 37.93 29.17
N ALA D 471 35.56 38.77 29.50
CA ALA D 471 34.90 38.64 30.80
C ALA D 471 34.03 37.39 30.85
N LEU D 472 33.20 37.17 29.83
CA LEU D 472 32.26 36.07 29.83
C LEU D 472 32.95 34.71 29.85
N ARG D 473 34.22 34.64 29.45
CA ARG D 473 34.99 33.40 29.48
C ARG D 473 35.83 33.27 30.76
N ASN D 474 35.58 34.11 31.74
CA ASN D 474 36.07 33.92 33.11
C ASN D 474 34.93 33.42 33.99
N GLY D 475 35.28 32.57 34.95
CA GLY D 475 34.26 32.00 35.80
C GLY D 475 33.41 30.96 35.07
N ALA D 476 32.25 30.68 35.66
CA ALA D 476 31.28 29.77 35.06
C ALA D 476 30.70 30.38 33.78
N TYR D 477 30.71 29.61 32.70
CA TYR D 477 30.19 30.10 31.43
C TYR D 477 28.68 29.94 31.36
N TYR D 478 27.99 31.01 30.91
CA TYR D 478 26.55 30.94 30.68
C TYR D 478 26.32 30.76 29.18
N PRO D 479 25.96 29.57 28.70
CA PRO D 479 25.78 29.38 27.26
C PRO D 479 24.49 30.02 26.75
N TRP D 480 24.53 30.42 25.47
CA TRP D 480 23.37 31.00 24.80
C TRP D 480 22.77 30.05 23.75
N ASP D 481 23.29 28.84 23.61
CA ASP D 481 22.82 27.95 22.55
C ASP D 481 21.35 27.62 22.73
N HIS D 482 20.61 27.55 21.64
CA HIS D 482 19.19 27.27 21.74
C HIS D 482 18.96 25.83 22.17
N GLN D 483 18.12 25.64 23.16
CA GLN D 483 17.74 24.30 23.62
C GLN D 483 16.30 24.04 23.22
N PRO D 484 16.04 23.17 22.25
CA PRO D 484 14.63 22.83 21.94
C PRO D 484 14.03 22.05 23.09
N LEU D 485 12.79 22.39 23.44
CA LEU D 485 12.04 21.65 24.45
C LEU D 485 10.69 21.25 23.86
N GLN D 486 10.42 19.95 23.85
CA GLN D 486 9.11 19.37 23.55
C GLN D 486 8.63 18.71 24.85
N LYS D 487 7.73 19.39 25.58
CA LYS D 487 7.30 18.92 26.88
C LYS D 487 6.71 17.50 26.81
N ALA D 488 7.44 16.53 27.36
CA ALA D 488 6.98 15.16 27.30
C ALA D 488 5.68 14.96 28.05
N SER D 489 5.42 15.77 29.09
CA SER D 489 4.21 15.59 29.88
C SER D 489 2.94 15.99 29.14
N GLU D 490 3.06 16.58 27.95
CA GLU D 490 1.91 16.93 27.13
C GLU D 490 1.86 16.15 25.81
N ARG D 491 2.82 15.26 25.56
CA ARG D 491 2.89 14.53 24.30
C ARG D 491 2.27 13.15 24.44
N TYR D 492 1.76 12.64 23.32
CA TYR D 492 1.27 11.25 23.24
C TYR D 492 0.11 11.10 24.23
N MET D 493 -0.05 9.93 24.85
CA MET D 493 -1.21 9.66 25.69
C MET D 493 -0.86 9.94 27.15
N ARG D 494 -1.62 10.84 27.77
CA ARG D 494 -1.48 11.19 29.18
C ARG D 494 -2.86 11.16 29.79
N ASN D 495 -2.94 10.94 31.10
CA ASN D 495 -4.19 10.54 31.72
C ASN D 495 -5.06 11.70 32.13
N HIS D 496 -4.85 12.88 31.57
CA HIS D 496 -5.87 13.91 31.54
C HIS D 496 -6.64 13.94 30.22
N MET D 497 -6.39 12.99 29.32
CA MET D 497 -7.02 12.98 28.01
C MET D 497 -7.90 11.74 27.85
N ASN D 498 -8.73 11.76 26.80
CA ASN D 498 -9.49 10.58 26.38
C ASN D 498 -8.74 9.95 25.21
N LEU D 499 -8.38 8.68 25.35
CA LEU D 499 -7.52 8.03 24.37
C LEU D 499 -8.10 8.10 22.98
N ASP D 500 -9.38 7.73 22.83
CA ASP D 500 -10.01 7.69 21.52
C ASP D 500 -9.99 9.06 20.86
N THR D 501 -10.32 10.09 21.62
CA THR D 501 -10.27 11.46 21.08
C THR D 501 -8.84 11.82 20.68
N LEU D 502 -7.87 11.44 21.50
CA LEU D 502 -6.47 11.66 21.14
C LEU D 502 -6.14 11.01 19.80
N GLU D 503 -6.41 9.70 19.69
CA GLU D 503 -6.05 8.98 18.47
C GLU D 503 -6.66 9.66 17.25
N GLU D 504 -7.93 10.05 17.32
CA GLU D 504 -8.57 10.71 16.19
CA GLU D 504 -8.57 10.71 16.20
C GLU D 504 -7.89 12.03 15.87
N SER D 505 -7.57 12.82 16.89
CA SER D 505 -6.98 14.14 16.63
C SER D 505 -5.59 14.03 16.04
N LYS D 506 -4.88 12.92 16.30
CA LYS D 506 -3.51 12.76 15.82
C LYS D 506 -3.43 11.99 14.50
N ARG D 507 -4.56 11.48 14.01
CA ARG D 507 -4.60 10.77 12.73
C ARG D 507 -4.93 11.74 11.61
N TYR D 508 -4.17 11.66 10.50
CA TYR D 508 -4.51 12.50 9.35
C TYR D 508 -3.94 11.88 8.09
N PRO D 509 -4.67 11.89 6.97
CA PRO D 509 -6.08 12.26 6.79
C PRO D 509 -6.99 11.39 7.65
N ARG D 510 -8.21 11.86 7.94
CA ARG D 510 -9.10 11.17 8.86
C ARG D 510 -10.21 10.44 8.12
N GLY D 511 -10.78 9.45 8.81
CA GLY D 511 -11.90 8.70 8.25
C GLY D 511 -11.66 8.13 6.87
N GLU D 512 -10.44 7.62 6.62
CA GLU D 512 -10.05 7.07 5.33
C GLU D 512 -9.63 5.61 5.47
N GLY D 513 -9.62 4.92 4.33
CA GLY D 513 -9.09 3.58 4.26
C GLY D 513 -10.13 2.50 4.23
N SER D 514 -10.29 1.86 3.07
CA SER D 514 -11.25 0.77 2.93
C SER D 514 -10.68 -0.26 1.97
N HIS D 515 -10.91 -1.54 2.28
CA HIS D 515 -10.39 -2.64 1.48
C HIS D 515 -11.28 -2.89 0.26
C4 CHT E . -49.06 20.42 -8.54
C5 CHT E . -50.10 21.14 -9.41
C6 CHT E . -50.49 22.26 -11.46
C7 CHT E . -48.36 21.35 -11.07
C8 CHT E . -49.09 23.25 -9.85
O6 CHT E . -48.38 19.39 -9.25
N1 CHT E . -49.50 21.99 -10.43
HC41 CHT E . -49.52 20.02 -7.77
HC42 CHT E . -48.41 21.06 -8.23
HC51 CHT E . -50.65 21.69 -8.83
HC52 CHT E . -50.66 20.47 -9.85
H61 CHT E . -51.34 22.48 -11.05
H62 CHT E . -50.59 21.47 -12.02
H63 CHT E . -50.20 23.01 -12.01
H71 CHT E . -47.60 21.39 -10.46
H72 CHT E . -48.57 20.43 -11.27
H73 CHT E . -48.15 21.83 -11.89
H81 CHT E . -49.87 23.74 -9.54
H82 CHT E . -48.49 23.08 -9.10
H83 CHT E . -48.62 23.78 -10.51
HO6 CHT E . -48.03 18.86 -8.70
CA CA F . -42.36 18.07 -11.73
C4 CHT G . -3.43 -1.00 26.41
C5 CHT G . -4.28 -0.38 25.30
C6 CHT G . -6.14 -0.38 26.81
C7 CHT G . -6.28 0.79 24.74
C8 CHT G . -4.90 1.63 26.44
O6 CHT G . -3.95 -2.25 26.82
N1 CHT G . -5.40 0.41 25.82
HC41 CHT G . -3.41 -0.40 27.17
HC42 CHT G . -2.53 -1.13 26.08
HC51 CHT G . -4.64 -1.08 24.74
HC52 CHT G . -3.72 0.21 24.77
H61 CHT G . -5.68 -0.37 27.66
H62 CHT G . -6.23 -1.29 26.49
H63 CHT G . -7.03 0.01 26.92
H71 CHT G . -6.61 -0.01 24.30
H72 CHT G . -7.01 1.30 25.09
H73 CHT G . -5.78 1.32 24.10
H81 CHT G . -5.62 2.26 26.55
H82 CHT G . -4.21 2.02 25.88
H83 CHT G . -4.52 1.42 27.31
HO6 CHT G . -3.53 -2.52 27.51
C ACT H . -3.52 -15.50 12.15
O ACT H . -3.71 -14.58 13.01
OXT ACT H . -4.03 -15.63 11.00
CH3 ACT H . -2.56 -16.65 12.55
H1 ACT H . -1.76 -16.60 12.01
H2 ACT H . -2.34 -16.56 13.49
H3 ACT H . -3.00 -17.50 12.40
C ACT I . 2.71 -12.75 -1.08
O ACT I . 1.45 -12.67 -1.12
OXT ACT I . 3.56 -11.80 -1.05
CH3 ACT I . 3.29 -14.18 -1.06
H1 ACT I . 3.91 -14.27 -0.32
H2 ACT I . 3.77 -14.35 -1.89
H3 ACT I . 2.57 -14.83 -0.97
CA CA J . 1.82 -3.81 24.32
C4 CHT K . 20.61 -44.63 -18.46
C5 CHT K . 22.02 -44.04 -18.35
C6 CHT K . 20.92 -41.93 -18.03
C7 CHT K . 22.03 -42.41 -20.10
C8 CHT K . 23.29 -42.03 -18.13
O6 CHT K . 19.81 -44.35 -17.31
N1 CHT K . 22.05 -42.61 -18.65
HC41 CHT K . 20.17 -44.25 -19.24
HC42 CHT K . 20.68 -45.59 -18.56
HC51 CHT K . 22.60 -44.50 -18.97
HC52 CHT K . 22.34 -44.17 -17.44
H61 CHT K . 20.81 -42.26 -17.13
H62 CHT K . 20.12 -42.12 -18.55
H63 CHT K . 21.09 -40.98 -18.02
H71 CHT K . 21.17 -42.66 -20.44
H72 CHT K . 22.72 -42.96 -20.50
H73 CHT K . 22.20 -41.47 -20.29
H81 CHT K . 24.04 -42.49 -18.52
H82 CHT K . 23.30 -42.13 -17.17
H83 CHT K . 23.32 -41.09 -18.36
HO6 CHT K . 19.17 -44.90 -17.27
C1 EDO L . 28.87 -27.67 0.26
C1 EDO L . 28.93 -28.94 -0.75
O1 EDO L . 29.48 -27.78 -1.03
O1 EDO L . 29.50 -27.81 -1.42
C2 EDO L . 29.22 -28.93 1.05
C2 EDO L . 28.92 -28.68 0.75
O2 EDO L . 30.60 -28.84 1.41
O2 EDO L . 28.22 -27.45 1.02
H11 EDO L . 27.78 -27.59 0.16
H11 EDO L . 29.51 -29.83 -0.98
H12 EDO L . 29.23 -26.79 0.78
H12 EDO L . 27.92 -29.11 -1.11
HO1 EDO L . 29.23 -27.02 -1.57
HO1 EDO L . 29.51 -27.96 -2.38
H21 EDO L . 29.05 -29.82 0.45
H21 EDO L . 29.94 -28.62 1.12
H22 EDO L . 28.60 -29.00 1.94
H22 EDO L . 28.43 -29.51 1.25
HO2 EDO L . 31.16 -29.21 0.71
HO2 EDO L . 28.22 -27.30 1.98
C1 PEG M . 29.90 -46.67 -31.42
O1 PEG M . 30.39 -47.99 -31.28
C2 PEG M . 29.22 -46.20 -30.17
O2 PEG M . 28.75 -44.86 -30.36
C3 PEG M . 29.43 -43.89 -29.56
C4 PEG M . 30.80 -43.67 -30.09
O4 PEG M . 31.50 -42.68 -29.37
H11 PEG M . 29.26 -46.64 -32.15
H12 PEG M . 30.64 -46.08 -31.62
HO1 PEG M . 30.81 -48.27 -31.96
H21 PEG M . 29.85 -46.21 -29.44
H22 PEG M . 28.47 -46.78 -29.98
H31 PEG M . 29.48 -44.21 -28.65
H32 PEG M . 28.94 -43.06 -29.59
H41 PEG M . 30.74 -43.40 -31.03
H42 PEG M . 31.30 -44.51 -30.04
HO4 PEG M . 31.45 -42.76 -28.53
CA CA N . 14.58 -40.45 -16.05
C4 CHT O . 32.79 29.84 8.78
C5 CHT O . 33.55 28.50 8.70
C6 CHT O . 34.13 28.29 11.01
C7 CHT O . 35.45 29.65 9.57
C8 CHT O . 35.48 27.30 9.31
O6 CHT O . 33.43 30.84 8.03
N1 CHT O . 34.64 28.44 9.65
HC41 CHT O . 32.75 30.12 9.72
HC42 CHT O . 31.89 29.71 8.44
HC51 CHT O . 33.90 28.41 7.81
HC52 CHT O . 32.93 27.78 8.89
H61 CHT O . 33.42 27.63 11.01
H62 CHT O . 33.79 29.14 11.33
H63 CHT O . 34.85 27.99 11.60
H71 CHT O . 35.55 29.91 8.64
H72 CHT O . 35.01 30.37 10.05
H73 CHT O . 36.33 29.49 9.96
H81 CHT O . 34.94 26.50 9.30
H82 CHT O . 36.19 27.20 9.97
H83 CHT O . 35.87 27.44 8.43
HO6 CHT O . 32.89 31.48 7.91
C1 EDO P . 28.45 49.84 16.21
O1 EDO P . 29.89 49.95 16.20
C2 EDO P . 27.99 48.40 15.95
O2 EDO P . 26.75 48.15 16.64
H11 EDO P . 28.07 50.17 17.19
H12 EDO P . 28.02 50.50 15.45
HO1 EDO P . 30.14 50.88 16.27
H21 EDO P . 28.75 47.70 16.31
H22 EDO P . 27.86 48.24 14.88
HO2 EDO P . 26.02 48.11 15.99
CA CA Q . 27.44 29.59 5.61
#